data_2CNW
#
_entry.id   2CNW
#
_cell.length_a   188.686
_cell.length_b   188.686
_cell.length_c   44.588
_cell.angle_alpha   90.00
_cell.angle_beta   90.00
_cell.angle_gamma   120.00
#
_symmetry.space_group_name_H-M   'P 32'
#
loop_
_entity.id
_entity.type
_entity.pdbx_description
1 polymer 'SIGNAL RECOGNITION PARTICLE PROTEIN'
2 polymer 'CELL DIVISION PROTEIN FTSY'
3 non-polymer "GUANOSINE-5'-DIPHOSPHATE"
4 non-polymer 'MAGNESIUM ION'
5 non-polymer 'TETRAFLUOROALUMINATE ION'
6 non-polymer "GUANOSINE-5'-MONOPHOSPHATE"
7 water water
#
loop_
_entity_poly.entity_id
_entity_poly.type
_entity_poly.pdbx_seq_one_letter_code
_entity_poly.pdbx_strand_id
1 'polypeptide(L)'
;MFQQLSARLQEAIGRLRGRGRITEEDLKATLREIRRALMDADVNLEVARDFVERVREEALGKQVLESLTPAEVILATVYE
ALKEALGGEARLPVLKDRNLWFLVGLQGSGKTTTAAKLALYYKGKGRRPLLVAADTQRPAAREQLRLLGEKVGVPVLEVM
DGESPESIRRRVEEKARLEARDLILVDTAGRLQIDEPLMGELARLKEVLGPDEVLLVLDAMTGQEALSVARAFDEKVGVT
GLVLTKLDGDARGGAALSARHVTGKPIYFAGVSEKPEGLEPFYPERLAGRILGM
;
A,B,C
2 'polypeptide(L)'
;AIPWGGNLEEVLEELEMALLAADVGLSATEEILQEVRASGRKDLKEAVKEKLVGMLEPDERRATLRKLGFNPQKPKPVEP
KGRVVLVVGVNGVGKTTTIAKLGRYYQNLGKKVMFCAGDTFRAAGGTQLSEWGKRLSIPVIQGPEGTDPAALAYDAVQAM
KARGYDLLFVDTAGRLHTKHNLMEELKKVKRAIAKADPEEPKEVWLVLDAVTGQNGLEQAKKFHEAVGLTGVIVTKLDGT
AKGGVLIPIVRTLKVPIKFVGVGEGPDDLQPFDPEAFVEALLED
;
D,E,F
#
loop_
_chem_comp.id
_chem_comp.type
_chem_comp.name
_chem_comp.formula
5GP non-polymer GUANOSINE-5'-MONOPHOSPHATE 'C10 H14 N5 O8 P'
ALF non-polymer 'TETRAFLUOROALUMINATE ION' 'Al F4 -1'
GDP RNA linking GUANOSINE-5'-DIPHOSPHATE 'C10 H15 N5 O11 P2'
MG non-polymer 'MAGNESIUM ION' 'Mg 2'
#
# COMPACT_ATOMS: atom_id res chain seq x y z
N GLN A 4 9.75 -8.06 10.01
CA GLN A 4 8.36 -7.75 10.43
C GLN A 4 7.62 -6.89 9.41
N LEU A 5 8.37 -6.04 8.70
CA LEU A 5 7.81 -5.12 7.70
C LEU A 5 6.99 -5.80 6.60
N SER A 6 6.02 -5.07 6.05
CA SER A 6 5.15 -5.62 5.01
C SER A 6 5.90 -5.87 3.71
N ALA A 7 5.43 -6.83 2.93
CA ALA A 7 5.96 -7.14 1.60
C ALA A 7 6.25 -5.88 0.77
N ARG A 8 5.26 -5.00 0.67
CA ARG A 8 5.38 -3.74 -0.09
C ARG A 8 6.52 -2.85 0.39
N LEU A 9 6.60 -2.64 1.71
CA LEU A 9 7.59 -1.73 2.28
C LEU A 9 8.99 -2.34 2.36
N GLN A 10 9.06 -3.67 2.31
CA GLN A 10 10.34 -4.36 2.24
C GLN A 10 11.01 -4.05 0.89
N GLU A 11 10.16 -3.91 -0.14
N GLU A 11 10.17 -3.92 -0.15
CA GLU A 11 10.60 -3.57 -1.49
CA GLU A 11 10.61 -3.56 -1.50
C GLU A 11 10.97 -2.08 -1.62
C GLU A 11 10.99 -2.08 -1.58
N ALA A 12 10.08 -1.21 -1.15
CA ALA A 12 10.24 0.25 -1.26
C ALA A 12 11.53 0.77 -0.65
N ILE A 13 11.86 0.27 0.55
CA ILE A 13 13.06 0.71 1.26
C ILE A 13 14.28 -0.09 0.81
N GLY A 14 14.06 -1.36 0.46
CA GLY A 14 15.15 -2.24 0.01
C GLY A 14 15.82 -1.71 -1.25
N ARG A 15 14.98 -1.30 -2.20
CA ARG A 15 15.41 -0.60 -3.43
C ARG A 15 16.56 0.38 -3.24
N LEU A 16 16.49 1.15 -2.16
CA LEU A 16 17.29 2.35 -2.00
C LEU A 16 18.56 2.18 -1.16
N ARG A 17 18.70 1.02 -0.50
CA ARG A 17 19.90 0.73 0.30
C ARG A 17 21.17 0.63 -0.54
N GLY A 18 22.27 1.18 -0.01
CA GLY A 18 23.60 1.06 -0.62
C GLY A 18 23.86 1.97 -1.81
N ARG A 19 22.85 2.75 -2.21
CA ARG A 19 22.91 3.61 -3.40
C ARG A 19 23.62 4.95 -3.16
N GLY A 20 24.04 5.19 -1.91
CA GLY A 20 24.47 6.52 -1.48
C GLY A 20 23.29 7.49 -1.42
N ARG A 21 23.51 8.73 -1.87
CA ARG A 21 22.49 9.78 -1.86
C ARG A 21 21.38 9.46 -2.85
N ILE A 22 20.16 9.92 -2.52
CA ILE A 22 18.97 9.73 -3.37
C ILE A 22 18.37 11.06 -3.82
N THR A 23 17.52 11.00 -4.84
CA THR A 23 16.89 12.20 -5.39
C THR A 23 15.58 12.51 -4.67
N GLU A 24 15.07 13.72 -4.90
CA GLU A 24 13.75 14.10 -4.42
C GLU A 24 12.67 13.22 -5.05
N GLU A 25 12.89 12.82 -6.31
CA GLU A 25 11.97 11.91 -7.00
C GLU A 25 11.89 10.57 -6.28
N ASP A 26 13.04 10.05 -5.85
CA ASP A 26 13.12 8.82 -5.04
C ASP A 26 12.32 8.94 -3.73
N LEU A 27 12.38 10.11 -3.10
CA LEU A 27 11.64 10.38 -1.87
C LEU A 27 10.14 10.31 -2.12
N LYS A 28 9.65 11.10 -3.07
CA LYS A 28 8.23 11.12 -3.41
C LYS A 28 7.71 9.73 -3.82
N ALA A 29 8.51 9.01 -4.61
CA ALA A 29 8.19 7.63 -4.98
C ALA A 29 8.02 6.72 -3.76
N THR A 30 8.92 6.88 -2.79
CA THR A 30 8.89 6.15 -1.54
C THR A 30 7.66 6.53 -0.70
N LEU A 31 7.45 7.83 -0.53
CA LEU A 31 6.32 8.33 0.25
C LEU A 31 4.98 7.94 -0.34
N ARG A 32 4.97 7.70 -1.64
CA ARG A 32 3.78 7.25 -2.34
C ARG A 32 3.47 5.81 -1.97
N GLU A 33 4.52 5.00 -1.82
CA GLU A 33 4.38 3.60 -1.42
C GLU A 33 3.99 3.44 0.05
N ILE A 34 4.50 4.33 0.90
CA ILE A 34 4.11 4.36 2.32
C ILE A 34 2.62 4.71 2.45
N ARG A 35 2.19 5.73 1.70
CA ARG A 35 0.78 6.13 1.62
C ARG A 35 -0.12 4.94 1.29
N ARG A 36 0.23 4.23 0.20
CA ARG A 36 -0.54 3.10 -0.29
C ARG A 36 -0.59 1.98 0.77
N ALA A 37 0.56 1.72 1.39
CA ALA A 37 0.69 0.78 2.48
C ALA A 37 -0.21 1.08 3.68
N LEU A 38 -0.38 2.36 4.00
CA LEU A 38 -1.24 2.80 5.11
C LEU A 38 -2.73 2.67 4.79
N MET A 39 -3.07 2.89 3.53
CA MET A 39 -4.42 2.70 3.03
C MET A 39 -4.80 1.20 3.05
N ASP A 40 -3.82 0.36 2.71
CA ASP A 40 -3.94 -1.10 2.84
C ASP A 40 -4.07 -1.55 4.29
N ALA A 41 -3.55 -0.74 5.20
CA ALA A 41 -3.61 -1.06 6.62
C ALA A 41 -4.84 -0.39 7.23
N ASP A 42 -5.77 0.04 6.37
CA ASP A 42 -7.06 0.67 6.73
C ASP A 42 -6.96 2.06 7.34
N VAL A 43 -5.84 2.74 7.15
CA VAL A 43 -5.79 4.15 7.51
C VAL A 43 -6.66 4.93 6.53
N ASN A 44 -7.54 5.77 7.05
CA ASN A 44 -8.38 6.61 6.20
C ASN A 44 -7.53 7.40 5.21
N LEU A 45 -8.06 7.65 4.00
CA LEU A 45 -7.25 8.16 2.88
C LEU A 45 -6.78 9.61 3.03
N GLU A 46 -7.57 10.45 3.69
CA GLU A 46 -7.14 11.81 4.02
C GLU A 46 -6.02 11.79 5.09
N VAL A 47 -6.19 10.94 6.10
CA VAL A 47 -5.23 10.79 7.19
C VAL A 47 -3.91 10.26 6.68
N ALA A 48 -3.97 9.30 5.76
CA ALA A 48 -2.78 8.71 5.16
C ALA A 48 -2.02 9.74 4.32
N ARG A 49 -2.77 10.57 3.59
CA ARG A 49 -2.23 11.71 2.86
C ARG A 49 -1.48 12.67 3.80
N ASP A 50 -2.13 13.10 4.88
CA ASP A 50 -1.52 13.99 5.88
C ASP A 50 -0.32 13.34 6.55
N PHE A 51 -0.41 12.04 6.85
CA PHE A 51 0.69 11.38 7.52
C PHE A 51 2.00 11.39 6.73
N VAL A 52 1.95 11.17 5.41
CA VAL A 52 3.17 11.16 4.59
C VAL A 52 3.69 12.57 4.34
N GLU A 53 2.81 13.56 4.43
CA GLU A 53 3.21 14.95 4.35
C GLU A 53 3.94 15.37 5.63
N ARG A 54 3.56 14.79 6.76
CA ARG A 54 4.27 14.99 8.01
C ARG A 54 5.65 14.36 7.91
N VAL A 55 5.71 13.15 7.37
CA VAL A 55 6.96 12.42 7.18
C VAL A 55 7.92 13.21 6.28
N ARG A 56 7.37 13.79 5.21
CA ARG A 56 8.12 14.59 4.24
C ARG A 56 8.89 15.72 4.92
N GLU A 57 8.19 16.53 5.71
CA GLU A 57 8.79 17.64 6.47
C GLU A 57 9.92 17.19 7.38
N GLU A 58 9.64 16.15 8.19
CA GLU A 58 10.62 15.61 9.13
C GLU A 58 11.87 15.07 8.43
N ALA A 59 11.68 14.30 7.36
CA ALA A 59 12.79 13.74 6.57
C ALA A 59 13.68 14.83 5.99
N LEU A 60 13.06 15.85 5.40
CA LEU A 60 13.79 17.02 4.92
C LEU A 60 14.44 17.80 6.07
N GLY A 61 13.76 17.84 7.21
CA GLY A 61 14.32 18.47 8.42
C GLY A 61 15.43 17.63 9.05
N LYS A 62 15.62 16.42 8.53
CA LYS A 62 16.77 15.59 8.87
C LYS A 62 17.77 15.60 7.70
N GLN A 63 17.57 16.54 6.77
CA GLN A 63 18.33 16.65 5.51
C GLN A 63 18.56 15.29 4.81
N VAL A 64 17.45 14.67 4.44
CA VAL A 64 17.45 13.35 3.81
C VAL A 64 18.10 13.40 2.42
N LEU A 65 18.02 14.56 1.77
CA LEU A 65 18.61 14.76 0.44
C LEU A 65 20.14 14.64 0.45
N GLU A 66 20.75 15.07 1.56
CA GLU A 66 22.20 15.02 1.74
C GLU A 66 22.73 13.77 2.43
N SER A 67 21.82 12.92 2.94
CA SER A 67 22.21 11.71 3.67
C SER A 67 22.82 10.62 2.78
N LEU A 68 23.82 9.93 3.31
CA LEU A 68 24.41 8.77 2.65
C LEU A 68 23.65 7.47 2.95
N THR A 69 22.76 7.51 3.94
CA THR A 69 21.86 6.38 4.22
C THR A 69 20.40 6.86 4.33
N PRO A 70 19.86 7.37 3.21
CA PRO A 70 18.54 8.02 3.23
C PRO A 70 17.36 7.05 3.38
N ALA A 71 17.51 5.80 2.95
CA ALA A 71 16.46 4.80 3.09
C ALA A 71 16.28 4.41 4.57
N GLU A 72 17.40 4.31 5.27
CA GLU A 72 17.42 4.14 6.72
C GLU A 72 16.79 5.34 7.43
N VAL A 73 17.09 6.55 6.94
CA VAL A 73 16.52 7.79 7.49
C VAL A 73 15.00 7.80 7.33
N ILE A 74 14.53 7.52 6.10
CA ILE A 74 13.11 7.53 5.76
C ILE A 74 12.34 6.54 6.63
N LEU A 75 12.86 5.31 6.71
CA LEU A 75 12.19 4.22 7.42
C LEU A 75 12.12 4.49 8.91
N ALA A 76 13.21 5.01 9.47
CA ALA A 76 13.24 5.42 10.87
C ALA A 76 12.19 6.49 11.15
N THR A 77 12.07 7.47 10.24
CA THR A 77 11.12 8.59 10.38
C THR A 77 9.66 8.15 10.25
N VAL A 78 9.40 7.10 9.48
CA VAL A 78 8.06 6.51 9.44
C VAL A 78 7.78 5.86 10.78
N TYR A 79 8.67 4.97 11.22
CA TYR A 79 8.51 4.31 12.51
C TYR A 79 8.29 5.31 13.65
N GLU A 80 9.04 6.41 13.60
CA GLU A 80 8.99 7.43 14.62
C GLU A 80 7.73 8.28 14.56
N ALA A 81 7.35 8.74 13.36
CA ALA A 81 6.13 9.55 13.20
C ALA A 81 4.83 8.79 13.51
N LEU A 82 4.77 7.51 13.15
CA LEU A 82 3.59 6.71 13.41
C LEU A 82 3.42 6.41 14.90
N LYS A 83 4.51 6.05 15.57
CA LYS A 83 4.53 5.90 17.04
C LYS A 83 3.98 7.14 17.74
N GLU A 84 4.54 8.31 17.42
CA GLU A 84 4.08 9.59 17.95
C GLU A 84 2.60 9.85 17.69
N ALA A 85 2.16 9.55 16.47
CA ALA A 85 0.81 9.85 16.03
C ALA A 85 -0.18 8.89 16.67
N LEU A 86 0.34 7.80 17.23
CA LEU A 86 -0.49 6.89 17.97
C LEU A 86 -0.48 7.15 19.49
N GLY A 87 0.16 8.26 19.88
CA GLY A 87 0.26 8.65 21.28
C GLY A 87 1.64 8.73 21.90
N GLY A 88 2.67 8.30 21.16
CA GLY A 88 4.05 8.30 21.67
C GLY A 88 4.37 7.17 22.64
N GLU A 89 3.95 7.32 23.90
CA GLU A 89 4.21 6.29 24.91
C GLU A 89 2.89 5.75 25.46
N ALA A 90 2.93 4.57 26.08
CA ALA A 90 1.78 4.02 26.80
C ALA A 90 1.25 4.99 27.86
N ARG A 91 -0.08 5.20 27.84
CA ARG A 91 -0.75 6.16 28.70
C ARG A 91 -2.06 5.55 29.21
N LEU A 92 -2.15 5.36 30.53
CA LEU A 92 -3.38 4.87 31.18
C LEU A 92 -4.18 6.02 31.85
N PRO A 93 -5.51 5.86 32.02
CA PRO A 93 -6.30 6.99 32.58
C PRO A 93 -5.89 7.36 34.01
N VAL A 94 -6.03 8.64 34.35
CA VAL A 94 -5.72 9.15 35.69
C VAL A 94 -7.02 9.14 36.51
N LEU A 95 -7.06 8.29 37.52
CA LEU A 95 -8.27 8.15 38.35
C LEU A 95 -8.22 9.06 39.57
N LYS A 96 -9.42 9.47 40.00
CA LYS A 96 -9.57 10.29 41.19
C LYS A 96 -10.50 9.61 42.22
N ASP A 97 -11.05 10.37 43.17
CA ASP A 97 -11.85 9.75 44.25
C ASP A 97 -13.22 9.23 43.76
N ARG A 98 -13.89 10.02 42.92
CA ARG A 98 -15.12 9.61 42.24
C ARG A 98 -14.87 9.46 40.74
N ASN A 99 -15.26 8.32 40.18
CA ASN A 99 -14.98 8.00 38.76
C ASN A 99 -16.19 7.39 38.05
N LEU A 100 -16.69 8.07 37.04
CA LEU A 100 -17.79 7.57 36.22
C LEU A 100 -17.38 7.65 34.75
N TRP A 101 -17.44 6.53 34.04
CA TRP A 101 -17.03 6.46 32.63
C TRP A 101 -18.16 5.89 31.77
N PHE A 102 -18.32 6.42 30.56
CA PHE A 102 -19.17 5.80 29.53
C PHE A 102 -18.30 4.91 28.63
N LEU A 103 -18.92 3.85 28.08
CA LEU A 103 -18.35 3.15 26.92
C LEU A 103 -19.32 3.37 25.78
N VAL A 104 -18.80 3.96 24.70
CA VAL A 104 -19.60 4.38 23.56
C VAL A 104 -19.04 3.83 22.26
N GLY A 105 -19.85 3.84 21.22
CA GLY A 105 -19.41 3.46 19.89
C GLY A 105 -20.41 2.76 18.99
N LEU A 106 -19.87 2.14 17.93
CA LEU A 106 -20.66 1.44 16.92
C LEU A 106 -21.15 0.11 17.42
N GLN A 107 -22.08 -0.50 16.68
CA GLN A 107 -22.73 -1.73 17.08
C GLN A 107 -21.75 -2.88 17.12
N GLY A 108 -21.72 -3.59 18.24
CA GLY A 108 -20.92 -4.79 18.35
C GLY A 108 -19.42 -4.58 18.38
N SER A 109 -18.96 -3.37 18.72
CA SER A 109 -17.52 -3.12 18.76
C SER A 109 -16.80 -3.69 19.98
N GLY A 110 -17.55 -4.03 21.02
CA GLY A 110 -16.99 -4.73 22.19
C GLY A 110 -17.16 -4.01 23.52
N LYS A 111 -18.11 -3.08 23.59
CA LYS A 111 -18.35 -2.25 24.78
C LYS A 111 -18.76 -3.03 26.03
N THR A 112 -19.73 -3.94 25.92
CA THR A 112 -20.16 -4.72 27.07
C THR A 112 -19.01 -5.57 27.62
N THR A 113 -18.33 -6.28 26.73
CA THR A 113 -17.21 -7.12 27.06
C THR A 113 -16.10 -6.31 27.68
N THR A 114 -15.77 -5.18 27.07
CA THR A 114 -14.73 -4.27 27.59
C THR A 114 -15.03 -3.71 29.00
N ALA A 115 -16.31 -3.44 29.27
CA ALA A 115 -16.73 -2.95 30.59
C ALA A 115 -16.34 -3.92 31.71
N ALA A 116 -16.64 -5.20 31.50
CA ALA A 116 -16.24 -6.25 32.43
C ALA A 116 -14.71 -6.37 32.54
N LYS A 117 -13.99 -6.24 31.42
CA LYS A 117 -12.53 -6.27 31.44
C LYS A 117 -11.93 -5.16 32.31
N LEU A 118 -12.46 -3.95 32.16
CA LEU A 118 -12.07 -2.80 32.97
C LEU A 118 -12.43 -2.98 34.43
N ALA A 119 -13.64 -3.49 34.67
CA ALA A 119 -14.09 -3.77 36.04
C ALA A 119 -13.08 -4.69 36.72
N LEU A 120 -12.75 -5.81 36.09
CA LEU A 120 -11.75 -6.75 36.62
C LEU A 120 -10.37 -6.13 36.79
N TYR A 121 -9.94 -5.35 35.79
CA TYR A 121 -8.64 -4.69 35.85
C TYR A 121 -8.50 -3.74 37.05
N TYR A 122 -9.53 -2.93 37.27
CA TYR A 122 -9.49 -1.95 38.32
C TYR A 122 -9.83 -2.52 39.71
N LYS A 123 -10.63 -3.58 39.75
CA LYS A 123 -10.81 -4.35 40.96
C LYS A 123 -9.45 -4.77 41.51
N GLY A 124 -8.61 -5.31 40.62
CA GLY A 124 -7.28 -5.80 40.99
C GLY A 124 -6.38 -4.69 41.51
N LYS A 125 -6.78 -3.44 41.29
CA LYS A 125 -6.01 -2.30 41.74
C LYS A 125 -6.66 -1.55 42.91
N GLY A 126 -7.61 -2.19 43.58
CA GLY A 126 -8.21 -1.63 44.80
C GLY A 126 -9.44 -0.79 44.53
N ARG A 127 -9.75 -0.59 43.26
CA ARG A 127 -10.96 0.09 42.89
C ARG A 127 -12.16 -0.79 43.24
N ARG A 128 -13.33 -0.17 43.42
CA ARG A 128 -14.53 -0.95 43.68
C ARG A 128 -15.53 -0.64 42.59
N PRO A 129 -15.42 -1.31 41.45
CA PRO A 129 -16.26 -0.92 40.30
C PRO A 129 -17.76 -1.21 40.45
N LEU A 130 -18.55 -0.42 39.76
CA LEU A 130 -19.94 -0.74 39.57
C LEU A 130 -20.19 -0.77 38.07
N LEU A 131 -20.76 -1.86 37.60
CA LEU A 131 -21.17 -1.97 36.20
C LEU A 131 -22.61 -1.48 36.02
N VAL A 132 -22.83 -0.76 34.94
CA VAL A 132 -24.16 -0.25 34.62
C VAL A 132 -24.58 -0.72 33.23
N ALA A 133 -25.58 -1.59 33.21
CA ALA A 133 -26.17 -2.12 32.00
C ALA A 133 -27.17 -1.12 31.49
N ALA A 134 -26.75 -0.23 30.59
CA ALA A 134 -27.64 0.81 30.09
C ALA A 134 -28.22 0.52 28.71
N ASP A 135 -28.07 -0.71 28.22
CA ASP A 135 -28.60 -1.08 26.90
C ASP A 135 -29.91 -1.87 27.08
N THR A 136 -31.03 -1.22 26.79
CA THR A 136 -32.34 -1.85 27.01
C THR A 136 -32.91 -2.47 25.73
N GLN A 137 -32.29 -2.19 24.60
CA GLN A 137 -32.79 -2.66 23.31
C GLN A 137 -32.25 -4.04 22.89
N ARG A 138 -30.92 -4.19 22.81
CA ARG A 138 -30.31 -5.48 22.49
C ARG A 138 -30.85 -6.61 23.40
N PRO A 139 -31.47 -7.65 22.82
CA PRO A 139 -31.96 -8.77 23.62
C PRO A 139 -30.90 -9.40 24.52
N ALA A 140 -31.27 -9.67 25.77
CA ALA A 140 -30.40 -10.28 26.77
C ALA A 140 -29.15 -9.46 27.15
N ALA A 141 -29.08 -8.21 26.71
CA ALA A 141 -27.91 -7.36 26.98
C ALA A 141 -27.63 -7.15 28.48
N ARG A 142 -28.71 -6.99 29.26
CA ARG A 142 -28.61 -6.87 30.73
C ARG A 142 -28.23 -8.19 31.42
N GLU A 143 -28.76 -9.32 30.95
CA GLU A 143 -28.28 -10.61 31.43
C GLU A 143 -26.81 -10.84 31.07
N GLN A 144 -26.41 -10.39 29.87
CA GLN A 144 -25.02 -10.48 29.42
C GLN A 144 -24.04 -9.83 30.40
N LEU A 145 -24.28 -8.57 30.75
CA LEU A 145 -23.40 -7.85 31.67
C LEU A 145 -23.49 -8.38 33.09
N ARG A 146 -24.68 -8.80 33.53
CA ARG A 146 -24.87 -9.49 34.82
C ARG A 146 -24.00 -10.76 34.95
N LEU A 147 -24.06 -11.64 33.94
CA LEU A 147 -23.21 -12.83 33.90
C LEU A 147 -21.73 -12.46 33.95
N LEU A 148 -21.33 -11.45 33.18
CA LEU A 148 -19.93 -11.00 33.21
C LEU A 148 -19.52 -10.41 34.55
N GLY A 149 -20.41 -9.57 35.14
CA GLY A 149 -20.23 -9.03 36.49
C GLY A 149 -20.02 -10.12 37.53
N GLU A 150 -20.82 -11.18 37.44
CA GLU A 150 -20.74 -12.31 38.37
C GLU A 150 -19.39 -13.03 38.25
N LYS A 151 -18.92 -13.21 37.03
CA LYS A 151 -17.61 -13.83 36.74
C LYS A 151 -16.43 -13.04 37.32
N VAL A 152 -16.47 -11.71 37.21
CA VAL A 152 -15.36 -10.86 37.71
C VAL A 152 -15.58 -10.36 39.15
N GLY A 153 -16.69 -10.75 39.78
CA GLY A 153 -16.95 -10.41 41.18
C GLY A 153 -17.22 -8.96 41.37
N VAL A 154 -18.06 -8.38 40.51
CA VAL A 154 -18.37 -6.96 40.53
C VAL A 154 -19.87 -6.78 40.32
N PRO A 155 -20.53 -5.93 41.15
CA PRO A 155 -21.99 -5.74 41.01
C PRO A 155 -22.41 -5.06 39.73
N VAL A 156 -23.63 -5.38 39.30
CA VAL A 156 -24.22 -4.82 38.07
C VAL A 156 -25.58 -4.17 38.34
N LEU A 157 -25.70 -2.86 38.09
CA LEU A 157 -27.01 -2.22 38.09
C LEU A 157 -27.61 -2.27 36.68
N GLU A 158 -28.85 -2.74 36.60
CA GLU A 158 -29.52 -2.94 35.31
C GLU A 158 -30.63 -1.91 35.12
N VAL A 159 -30.50 -1.10 34.07
CA VAL A 159 -31.46 -0.05 33.76
C VAL A 159 -32.79 -0.68 33.39
N MET A 160 -33.88 -0.02 33.81
CA MET A 160 -35.23 -0.52 33.53
C MET A 160 -35.67 -0.04 32.17
N ASP A 161 -36.69 -0.68 31.63
CA ASP A 161 -37.25 -0.24 30.35
C ASP A 161 -37.88 1.14 30.44
N GLY A 162 -37.50 2.01 29.50
CA GLY A 162 -37.92 3.39 29.48
C GLY A 162 -37.42 4.29 30.60
N GLU A 163 -36.51 3.79 31.43
CA GLU A 163 -35.99 4.58 32.55
C GLU A 163 -35.30 5.88 32.06
N SER A 164 -35.51 6.98 32.80
CA SER A 164 -34.96 8.27 32.43
C SER A 164 -33.49 8.38 32.88
N PRO A 165 -32.68 9.21 32.19
CA PRO A 165 -31.34 9.47 32.69
C PRO A 165 -31.34 9.97 34.14
N GLU A 166 -32.34 10.76 34.51
CA GLU A 166 -32.42 11.34 35.85
C GLU A 166 -32.63 10.25 36.89
N SER A 167 -33.51 9.30 36.57
CA SER A 167 -33.72 8.12 37.41
C SER A 167 -32.50 7.18 37.46
N ILE A 168 -31.79 7.07 36.34
CA ILE A 168 -30.52 6.33 36.30
C ILE A 168 -29.51 6.98 37.22
N ARG A 169 -29.27 8.29 37.06
CA ARG A 169 -28.31 9.00 37.93
C ARG A 169 -28.60 8.73 39.39
N ARG A 170 -29.89 8.80 39.72
CA ARG A 170 -30.39 8.61 41.07
C ARG A 170 -30.05 7.23 41.67
N ARG A 171 -30.36 6.16 40.93
CA ARG A 171 -30.13 4.81 41.43
C ARG A 171 -28.66 4.44 41.49
N VAL A 172 -27.90 4.93 40.53
CA VAL A 172 -26.45 4.75 40.48
C VAL A 172 -25.76 5.51 41.60
N GLU A 173 -26.10 6.79 41.79
CA GLU A 173 -25.61 7.57 42.93
C GLU A 173 -25.92 6.87 44.23
N GLU A 174 -27.15 6.38 44.35
CA GLU A 174 -27.59 5.60 45.52
C GLU A 174 -26.74 4.34 45.76
N LYS A 175 -26.65 3.45 44.76
CA LYS A 175 -25.89 2.22 44.94
C LYS A 175 -24.38 2.42 45.17
N ALA A 176 -23.78 3.31 44.39
CA ALA A 176 -22.35 3.64 44.55
C ALA A 176 -22.05 4.12 45.98
N ARG A 177 -22.93 4.99 46.51
CA ARG A 177 -22.75 5.50 47.86
C ARG A 177 -22.94 4.41 48.93
N LEU A 178 -24.09 3.72 48.89
CA LEU A 178 -24.39 2.66 49.85
C LEU A 178 -23.38 1.50 49.81
N GLU A 179 -22.63 1.37 48.71
CA GLU A 179 -21.67 0.25 48.56
C GLU A 179 -20.22 0.71 48.50
N ALA A 180 -20.05 2.03 48.54
CA ALA A 180 -18.73 2.66 48.58
C ALA A 180 -17.96 2.31 47.32
N ARG A 181 -18.55 2.66 46.19
CA ARG A 181 -18.01 2.32 44.89
C ARG A 181 -17.54 3.54 44.14
N ASP A 182 -16.28 3.47 43.69
CA ASP A 182 -15.59 4.64 43.13
C ASP A 182 -15.20 4.51 41.64
N LEU A 183 -15.65 3.44 40.99
CA LEU A 183 -15.47 3.32 39.54
C LEU A 183 -16.75 2.82 38.94
N ILE A 184 -17.46 3.73 38.29
CA ILE A 184 -18.75 3.42 37.70
C ILE A 184 -18.58 3.28 36.20
N LEU A 185 -18.90 2.09 35.70
CA LEU A 185 -18.70 1.75 34.29
C LEU A 185 -20.04 1.64 33.55
N VAL A 186 -20.33 2.67 32.76
CA VAL A 186 -21.58 2.71 32.04
C VAL A 186 -21.46 2.14 30.61
N ASP A 187 -22.05 0.95 30.44
CA ASP A 187 -22.15 0.25 29.16
C ASP A 187 -23.36 0.78 28.38
N THR A 188 -23.10 1.58 27.34
CA THR A 188 -24.19 2.10 26.50
C THR A 188 -24.31 1.31 25.21
N ALA A 189 -25.52 1.32 24.63
CA ALA A 189 -25.79 0.60 23.39
C ALA A 189 -24.96 1.17 22.23
N GLY A 190 -24.56 0.31 21.30
CA GLY A 190 -23.92 0.77 20.08
C GLY A 190 -24.95 1.54 19.25
N ARG A 191 -24.47 2.55 18.53
CA ARG A 191 -25.35 3.37 17.72
C ARG A 191 -24.60 3.91 16.52
N LEU A 192 -25.32 4.23 15.46
CA LEU A 192 -24.74 4.91 14.31
C LEU A 192 -24.41 6.36 14.69
N GLN A 193 -23.34 6.90 14.11
CA GLN A 193 -22.93 8.28 14.41
C GLN A 193 -23.86 9.32 13.75
N ILE A 194 -24.67 8.86 12.80
CA ILE A 194 -25.62 9.72 12.07
C ILE A 194 -27.04 9.58 12.63
N ASP A 195 -27.21 8.70 13.63
CA ASP A 195 -28.54 8.47 14.19
C ASP A 195 -28.84 9.50 15.25
N GLU A 196 -29.38 10.63 14.79
CA GLU A 196 -29.49 11.83 15.61
C GLU A 196 -30.25 11.71 16.94
N PRO A 197 -31.44 11.10 16.94
CA PRO A 197 -32.10 10.85 18.24
C PRO A 197 -31.22 10.05 19.21
N LEU A 198 -30.55 9.00 18.73
CA LEU A 198 -29.72 8.18 19.63
C LEU A 198 -28.41 8.86 20.01
N MET A 199 -27.85 9.65 19.10
CA MET A 199 -26.67 10.47 19.44
C MET A 199 -27.05 11.57 20.43
N GLY A 200 -28.27 12.10 20.28
CA GLY A 200 -28.89 13.00 21.25
C GLY A 200 -29.12 12.35 22.61
N GLU A 201 -29.69 11.15 22.61
CA GLU A 201 -29.83 10.36 23.86
C GLU A 201 -28.50 10.22 24.60
N LEU A 202 -27.44 9.92 23.86
CA LEU A 202 -26.14 9.72 24.47
C LEU A 202 -25.58 11.03 25.05
N ALA A 203 -25.75 12.13 24.32
CA ALA A 203 -25.35 13.47 24.79
C ALA A 203 -26.13 13.88 26.05
N ARG A 204 -27.43 13.57 26.07
CA ARG A 204 -28.22 13.89 27.24
C ARG A 204 -27.81 13.03 28.43
N LEU A 205 -27.53 11.75 28.20
CA LEU A 205 -27.04 10.89 29.26
C LEU A 205 -25.71 11.41 29.81
N LYS A 206 -24.83 11.86 28.93
CA LYS A 206 -23.59 12.51 29.35
C LYS A 206 -23.87 13.75 30.19
N GLU A 207 -24.81 14.56 29.72
CA GLU A 207 -25.19 15.82 30.37
C GLU A 207 -25.63 15.59 31.81
N VAL A 208 -26.53 14.61 32.00
CA VAL A 208 -27.08 14.25 33.33
C VAL A 208 -26.09 13.49 34.23
N LEU A 209 -25.40 12.48 33.71
CA LEU A 209 -24.51 11.65 34.52
C LEU A 209 -23.11 12.25 34.77
N GLY A 210 -22.68 13.17 33.91
CA GLY A 210 -21.37 13.81 34.07
C GLY A 210 -20.18 12.86 34.15
N PRO A 211 -19.99 11.97 33.15
CA PRO A 211 -18.85 11.05 33.25
C PRO A 211 -17.52 11.81 33.19
N ASP A 212 -16.52 11.27 33.87
CA ASP A 212 -15.15 11.78 33.81
C ASP A 212 -14.36 11.31 32.59
N GLU A 213 -14.69 10.12 32.10
CA GLU A 213 -14.14 9.57 30.85
C GLU A 213 -15.29 9.08 29.99
N VAL A 214 -15.13 9.23 28.68
CA VAL A 214 -16.06 8.72 27.68
C VAL A 214 -15.20 7.93 26.68
N LEU A 215 -15.21 6.61 26.83
CA LEU A 215 -14.32 5.77 26.03
C LEU A 215 -14.98 5.27 24.76
N LEU A 216 -14.39 5.66 23.63
CA LEU A 216 -14.83 5.20 22.31
C LEU A 216 -14.19 3.83 22.09
N VAL A 217 -15.04 2.80 22.06
CA VAL A 217 -14.62 1.45 21.83
C VAL A 217 -14.66 1.21 20.32
N LEU A 218 -13.48 0.96 19.79
CA LEU A 218 -13.29 0.85 18.37
C LEU A 218 -12.73 -0.53 18.04
N ASP A 219 -13.39 -1.21 17.11
CA ASP A 219 -12.99 -2.51 16.60
C ASP A 219 -11.77 -2.29 15.69
N ALA A 220 -10.72 -3.10 15.86
CA ALA A 220 -9.48 -2.97 15.06
C ALA A 220 -9.67 -3.18 13.56
N MET A 221 -10.75 -3.85 13.17
CA MET A 221 -11.00 -4.17 11.76
C MET A 221 -11.81 -3.09 11.03
N THR A 222 -12.24 -2.07 11.77
CA THR A 222 -12.97 -0.93 11.18
C THR A 222 -12.16 -0.33 10.05
N GLY A 223 -12.83 -0.04 8.95
CA GLY A 223 -12.18 0.51 7.76
C GLY A 223 -12.21 2.02 7.71
N GLN A 224 -12.57 2.55 6.55
CA GLN A 224 -12.39 3.96 6.20
C GLN A 224 -13.29 4.94 6.97
N GLU A 225 -14.46 4.48 7.38
CA GLU A 225 -15.41 5.29 8.17
C GLU A 225 -14.93 5.66 9.58
N ALA A 226 -13.81 5.07 10.03
CA ALA A 226 -13.26 5.35 11.37
C ALA A 226 -13.10 6.84 11.66
N LEU A 227 -12.48 7.56 10.73
CA LEU A 227 -12.39 9.02 10.81
C LEU A 227 -13.76 9.65 11.02
N SER A 228 -14.70 9.36 10.13
CA SER A 228 -16.05 9.93 10.19
C SER A 228 -16.79 9.56 11.47
N VAL A 229 -16.53 8.35 11.98
CA VAL A 229 -17.17 7.86 13.19
C VAL A 229 -16.57 8.50 14.44
N ALA A 230 -15.24 8.50 14.54
CA ALA A 230 -14.57 9.17 15.65
C ALA A 230 -14.93 10.66 15.75
N ARG A 231 -14.94 11.35 14.60
CA ARG A 231 -15.26 12.78 14.59
C ARG A 231 -16.67 13.07 15.13
N ALA A 232 -17.66 12.30 14.67
CA ALA A 232 -19.06 12.51 15.06
C ALA A 232 -19.30 12.25 16.55
N PHE A 233 -18.77 11.15 17.07
CA PHE A 233 -18.88 10.87 18.51
C PHE A 233 -18.26 11.97 19.37
N ASP A 234 -17.14 12.53 18.91
CA ASP A 234 -16.41 13.54 19.65
C ASP A 234 -17.06 14.92 19.52
N GLU A 235 -17.62 15.23 18.35
CA GLU A 235 -18.34 16.50 18.18
C GLU A 235 -19.72 16.48 18.84
N LYS A 236 -20.44 15.36 18.68
CA LYS A 236 -21.83 15.25 19.16
C LYS A 236 -21.92 14.88 20.61
N VAL A 237 -20.90 14.20 21.14
CA VAL A 237 -20.95 13.77 22.53
C VAL A 237 -19.75 14.24 23.32
N GLY A 238 -18.57 14.17 22.72
CA GLY A 238 -17.34 14.52 23.43
C GLY A 238 -16.68 13.28 23.98
N VAL A 239 -15.61 12.83 23.32
CA VAL A 239 -14.88 11.62 23.69
C VAL A 239 -13.64 12.07 24.48
N THR A 240 -13.09 11.22 25.34
CA THR A 240 -11.90 11.55 26.12
C THR A 240 -10.76 10.55 25.94
N GLY A 241 -11.05 9.40 25.32
CA GLY A 241 -10.11 8.29 25.27
C GLY A 241 -10.59 7.17 24.37
N LEU A 242 -9.72 6.22 24.11
CA LEU A 242 -10.05 5.15 23.17
C LEU A 242 -9.66 3.79 23.70
N VAL A 243 -10.47 2.79 23.35
CA VAL A 243 -10.14 1.39 23.54
C VAL A 243 -10.24 0.71 22.19
N LEU A 244 -9.16 0.01 21.82
CA LEU A 244 -9.09 -0.71 20.55
C LEU A 244 -9.28 -2.21 20.75
N THR A 245 -10.35 -2.77 20.19
CA THR A 245 -10.70 -4.18 20.48
C THR A 245 -10.29 -5.15 19.36
N LYS A 246 -10.32 -6.45 19.66
CA LYS A 246 -10.11 -7.50 18.65
C LYS A 246 -8.71 -7.46 18.00
N LEU A 247 -7.72 -7.05 18.77
CA LEU A 247 -6.36 -6.97 18.27
C LEU A 247 -5.74 -8.37 18.21
N ASP A 248 -6.48 -9.36 18.74
CA ASP A 248 -6.14 -10.77 18.60
C ASP A 248 -6.50 -11.32 17.22
N GLY A 249 -7.08 -10.48 16.37
CA GLY A 249 -7.26 -10.78 14.96
C GLY A 249 -6.01 -10.38 14.18
N ASP A 250 -6.12 -10.34 12.85
CA ASP A 250 -4.97 -9.91 12.03
C ASP A 250 -5.24 -8.64 11.22
N ALA A 251 -6.37 -7.98 11.47
CA ALA A 251 -6.55 -6.63 10.94
C ALA A 251 -5.35 -5.80 11.38
N ARG A 252 -4.94 -4.86 10.54
CA ARG A 252 -3.75 -4.08 10.79
C ARG A 252 -3.96 -3.02 11.87
N GLY A 253 -5.17 -2.47 11.94
CA GLY A 253 -5.56 -1.53 13.00
C GLY A 253 -5.33 -0.07 12.67
N GLY A 254 -5.29 0.24 11.37
CA GLY A 254 -5.09 1.63 10.89
C GLY A 254 -6.16 2.62 11.29
N ALA A 255 -7.34 2.10 11.67
CA ALA A 255 -8.46 2.92 12.17
C ALA A 255 -8.10 3.66 13.45
N ALA A 256 -7.12 3.14 14.17
CA ALA A 256 -6.65 3.77 15.39
C ALA A 256 -5.93 5.10 15.08
N LEU A 257 -5.21 5.14 13.96
CA LEU A 257 -4.56 6.37 13.54
C LEU A 257 -5.61 7.39 13.05
N SER A 258 -6.57 6.96 12.25
CA SER A 258 -7.68 7.82 11.82
C SER A 258 -8.40 8.47 13.03
N ALA A 259 -8.74 7.65 14.03
CA ALA A 259 -9.42 8.13 15.21
C ALA A 259 -8.57 9.14 15.99
N ARG A 260 -7.30 8.82 16.23
CA ARG A 260 -6.38 9.76 16.85
C ARG A 260 -6.13 11.03 16.05
N HIS A 261 -5.98 10.89 14.73
CA HIS A 261 -5.73 12.05 13.88
C HIS A 261 -6.79 13.14 14.00
N VAL A 262 -8.05 12.75 13.97
CA VAL A 262 -9.17 13.68 14.00
C VAL A 262 -9.58 14.07 15.43
N THR A 263 -9.24 13.24 16.43
CA THR A 263 -9.67 13.55 17.79
C THR A 263 -8.54 14.01 18.71
N GLY A 264 -7.33 13.51 18.48
CA GLY A 264 -6.19 13.74 19.37
C GLY A 264 -6.23 13.03 20.72
N LYS A 265 -7.23 12.16 20.92
CA LYS A 265 -7.43 11.48 22.22
C LYS A 265 -6.51 10.28 22.42
N PRO A 266 -6.17 9.98 23.69
CA PRO A 266 -5.32 8.81 23.94
C PRO A 266 -6.05 7.49 23.70
N ILE A 267 -5.27 6.48 23.30
CA ILE A 267 -5.75 5.13 23.21
C ILE A 267 -5.19 4.49 24.45
N TYR A 268 -6.09 4.23 25.40
CA TYR A 268 -5.71 3.74 26.70
C TYR A 268 -5.46 2.24 26.71
N PHE A 269 -6.35 1.49 26.08
CA PHE A 269 -6.32 0.02 26.22
C PHE A 269 -6.43 -0.73 24.89
N ALA A 270 -5.94 -1.96 24.90
CA ALA A 270 -6.15 -2.91 23.83
C ALA A 270 -6.95 -4.11 24.35
N GLY A 271 -7.91 -4.56 23.56
CA GLY A 271 -8.63 -5.79 23.82
C GLY A 271 -8.03 -6.90 22.98
N VAL A 272 -7.71 -8.01 23.64
CA VAL A 272 -6.91 -9.06 23.02
C VAL A 272 -7.49 -10.44 23.19
N SER A 273 -8.76 -10.53 23.61
CA SER A 273 -9.49 -11.79 23.69
C SER A 273 -10.94 -11.54 24.04
N GLU A 274 -11.74 -12.61 24.07
CA GLU A 274 -13.15 -12.52 24.44
C GLU A 274 -13.35 -12.60 25.94
N LYS A 275 -12.28 -12.91 26.66
CA LYS A 275 -12.38 -13.19 28.09
C LYS A 275 -12.02 -11.95 28.90
N PRO A 276 -12.53 -11.84 30.15
CA PRO A 276 -12.27 -10.70 31.01
C PRO A 276 -10.79 -10.40 31.29
N GLU A 277 -9.91 -11.39 31.14
CA GLU A 277 -8.47 -11.15 31.25
C GLU A 277 -7.86 -10.47 30.02
N GLY A 278 -8.57 -10.50 28.89
CA GLY A 278 -8.04 -10.03 27.60
C GLY A 278 -7.92 -8.52 27.40
N LEU A 279 -7.22 -7.86 28.32
CA LEU A 279 -7.04 -6.40 28.31
C LEU A 279 -5.60 -6.06 28.56
N GLU A 280 -5.10 -5.09 27.81
CA GLU A 280 -3.72 -4.67 27.92
C GLU A 280 -3.64 -3.16 27.79
N PRO A 281 -2.67 -2.53 28.47
CA PRO A 281 -2.38 -1.16 28.07
C PRO A 281 -2.04 -1.11 26.58
N PHE A 282 -2.40 -0.01 25.96
CA PHE A 282 -2.09 0.19 24.58
C PHE A 282 -0.64 0.71 24.43
N TYR A 283 0.11 0.11 23.52
CA TYR A 283 1.47 0.60 23.24
C TYR A 283 1.55 1.14 21.81
N PRO A 284 1.61 2.47 21.64
CA PRO A 284 1.73 3.07 20.31
C PRO A 284 2.78 2.40 19.42
N GLU A 285 4.00 2.26 19.91
CA GLU A 285 5.10 1.57 19.17
C GLU A 285 4.68 0.19 18.65
N ARG A 286 3.96 -0.57 19.48
CA ARG A 286 3.53 -1.93 19.11
C ARG A 286 2.56 -1.96 17.93
N LEU A 287 1.69 -0.95 17.85
CA LEU A 287 0.68 -0.84 16.79
C LEU A 287 1.28 -0.19 15.54
N ALA A 288 2.26 0.69 15.75
CA ALA A 288 3.03 1.29 14.67
C ALA A 288 3.66 0.19 13.85
N GLY A 289 4.27 -0.77 14.54
CA GLY A 289 4.89 -1.92 13.92
C GLY A 289 3.88 -2.80 13.21
N ARG A 290 2.72 -2.95 13.85
CA ARG A 290 1.64 -3.77 13.30
C ARG A 290 1.13 -3.19 11.98
N ILE A 291 0.87 -1.89 11.98
CA ILE A 291 0.38 -1.19 10.81
C ILE A 291 1.37 -1.30 9.63
N LEU A 292 2.66 -1.20 9.94
CA LEU A 292 3.70 -1.23 8.92
C LEU A 292 4.12 -2.63 8.49
N GLY A 293 3.75 -3.64 9.27
CA GLY A 293 4.07 -5.03 8.95
C GLY A 293 2.98 -5.78 8.18
N GLN B 4 -33.32 -1.28 -31.13
CA GLN B 4 -32.16 -1.55 -32.02
C GLN B 4 -32.40 -2.74 -32.95
N LEU B 5 -33.43 -3.54 -32.63
CA LEU B 5 -33.73 -4.77 -33.38
C LEU B 5 -34.18 -4.52 -34.81
N SER B 6 -33.77 -5.42 -35.70
CA SER B 6 -34.18 -5.39 -37.10
C SER B 6 -35.68 -5.44 -37.19
N ALA B 7 -36.23 -4.79 -38.22
CA ALA B 7 -37.68 -4.77 -38.48
C ALA B 7 -38.33 -6.13 -38.26
N ARG B 8 -37.72 -7.16 -38.86
CA ARG B 8 -38.17 -8.55 -38.76
C ARG B 8 -38.31 -9.05 -37.32
N LEU B 9 -37.27 -8.84 -36.51
CA LEU B 9 -37.25 -9.29 -35.12
C LEU B 9 -38.08 -8.42 -34.19
N GLN B 10 -38.27 -7.16 -34.58
CA GLN B 10 -39.11 -6.24 -33.81
C GLN B 10 -40.57 -6.68 -33.84
N GLU B 11 -40.92 -7.43 -34.88
CA GLU B 11 -42.27 -7.96 -35.08
C GLU B 11 -42.35 -9.47 -34.87
N ALA B 12 -41.20 -10.10 -34.61
CA ALA B 12 -41.16 -11.50 -34.21
C ALA B 12 -41.21 -11.64 -32.69
N ILE B 13 -40.80 -10.58 -31.99
CA ILE B 13 -40.78 -10.54 -30.53
C ILE B 13 -41.95 -9.71 -30.00
N GLY B 14 -42.34 -8.70 -30.77
CA GLY B 14 -43.48 -7.84 -30.43
C GLY B 14 -44.79 -8.59 -30.31
N ARG B 15 -45.01 -9.55 -31.21
CA ARG B 15 -46.19 -10.43 -31.17
C ARG B 15 -46.16 -11.38 -29.95
N LEU B 16 -45.24 -11.13 -29.03
CA LEU B 16 -45.11 -11.89 -27.80
C LEU B 16 -44.93 -10.97 -26.59
N ARG B 17 -44.94 -9.66 -26.86
CA ARG B 17 -44.74 -8.64 -25.81
C ARG B 17 -45.85 -8.56 -24.76
N GLY B 18 -45.54 -8.95 -23.54
CA GLY B 18 -46.47 -8.86 -22.41
C GLY B 18 -47.63 -9.84 -22.40
N ARG B 19 -47.49 -10.95 -23.11
CA ARG B 19 -48.52 -11.99 -23.17
C ARG B 19 -48.23 -13.08 -22.12
N GLY B 20 -48.96 -14.20 -22.20
CA GLY B 20 -48.79 -15.31 -21.27
C GLY B 20 -47.84 -16.36 -21.81
N ARG B 21 -48.02 -17.61 -21.40
CA ARG B 21 -47.22 -18.74 -21.86
C ARG B 21 -47.39 -18.99 -23.36
N ILE B 22 -46.49 -19.77 -23.95
CA ILE B 22 -46.57 -20.13 -25.38
C ILE B 22 -46.38 -21.64 -25.60
N THR B 23 -46.50 -22.07 -26.86
CA THR B 23 -46.44 -23.50 -27.21
C THR B 23 -45.37 -23.84 -28.25
N GLU B 24 -45.40 -25.08 -28.73
CA GLU B 24 -44.45 -25.57 -29.72
C GLU B 24 -44.73 -25.04 -31.13
N GLU B 25 -45.66 -24.08 -31.23
CA GLU B 25 -46.02 -23.46 -32.50
C GLU B 25 -45.73 -21.96 -32.48
N ASP B 26 -45.96 -21.32 -31.34
CA ASP B 26 -45.57 -19.93 -31.14
C ASP B 26 -44.04 -19.81 -31.23
N LEU B 27 -43.35 -20.78 -30.65
CA LEU B 27 -41.89 -20.83 -30.64
C LEU B 27 -41.36 -21.29 -32.00
N LYS B 28 -42.07 -22.25 -32.59
CA LYS B 28 -41.71 -22.81 -33.90
C LYS B 28 -41.60 -21.67 -34.91
N ALA B 29 -42.62 -20.82 -34.94
CA ALA B 29 -42.71 -19.68 -35.84
C ALA B 29 -41.63 -18.63 -35.58
N THR B 30 -41.29 -18.42 -34.30
CA THR B 30 -40.34 -17.37 -33.91
C THR B 30 -38.89 -17.73 -34.27
N LEU B 31 -38.48 -18.96 -33.95
CA LEU B 31 -37.15 -19.45 -34.30
C LEU B 31 -36.95 -19.46 -35.80
N ARG B 32 -38.03 -19.72 -36.53
CA ARG B 32 -38.05 -19.66 -37.98
C ARG B 32 -37.75 -18.23 -38.47
N GLU B 33 -38.34 -17.23 -37.82
CA GLU B 33 -38.07 -15.83 -38.14
C GLU B 33 -36.65 -15.42 -37.76
N ILE B 34 -36.19 -15.91 -36.61
CA ILE B 34 -34.80 -15.69 -36.18
C ILE B 34 -33.79 -16.33 -37.13
N ARG B 35 -34.15 -17.51 -37.65
CA ARG B 35 -33.34 -18.20 -38.65
C ARG B 35 -33.27 -17.40 -39.96
N ARG B 36 -34.42 -16.84 -40.36
CA ARG B 36 -34.51 -15.95 -41.52
C ARG B 36 -33.72 -14.67 -41.28
N ALA B 37 -33.68 -14.21 -40.03
CA ALA B 37 -32.96 -12.99 -39.67
C ALA B 37 -31.46 -13.15 -39.85
N LEU B 38 -30.94 -14.29 -39.36
CA LEU B 38 -29.53 -14.64 -39.48
C LEU B 38 -29.14 -14.79 -40.95
N MET B 39 -30.02 -15.41 -41.73
CA MET B 39 -29.81 -15.55 -43.17
C MET B 39 -29.74 -14.20 -43.90
N ASP B 40 -30.52 -13.21 -43.45
CA ASP B 40 -30.38 -11.85 -44.00
C ASP B 40 -29.11 -11.11 -43.56
N ALA B 41 -28.57 -11.46 -42.40
CA ALA B 41 -27.33 -10.88 -41.90
C ALA B 41 -26.13 -11.59 -42.50
N ASP B 42 -26.40 -12.48 -43.45
CA ASP B 42 -25.40 -13.27 -44.17
C ASP B 42 -24.70 -14.33 -43.33
N VAL B 43 -25.35 -14.81 -42.28
CA VAL B 43 -24.90 -16.06 -41.65
C VAL B 43 -25.10 -17.20 -42.66
N ASN B 44 -24.09 -18.03 -42.83
CA ASN B 44 -24.22 -19.25 -43.62
C ASN B 44 -25.49 -20.02 -43.18
N LEU B 45 -26.26 -20.45 -44.18
CA LEU B 45 -27.60 -20.97 -43.93
C LEU B 45 -27.56 -22.25 -43.11
N GLU B 46 -26.50 -23.03 -43.30
CA GLU B 46 -26.26 -24.24 -42.53
C GLU B 46 -25.98 -23.90 -41.07
N VAL B 47 -25.08 -22.93 -40.85
CA VAL B 47 -24.72 -22.44 -39.51
C VAL B 47 -25.91 -21.81 -38.83
N ALA B 48 -26.77 -21.15 -39.60
CA ALA B 48 -27.98 -20.50 -39.08
C ALA B 48 -29.00 -21.53 -38.60
N ARG B 49 -29.21 -22.56 -39.40
CA ARG B 49 -30.05 -23.70 -39.02
C ARG B 49 -29.60 -24.20 -37.67
N ASP B 50 -28.33 -24.59 -37.61
CA ASP B 50 -27.67 -25.09 -36.42
C ASP B 50 -27.92 -24.17 -35.23
N PHE B 51 -27.63 -22.88 -35.37
CA PHE B 51 -27.76 -21.92 -34.29
C PHE B 51 -29.13 -21.99 -33.61
N VAL B 52 -30.21 -21.78 -34.37
CA VAL B 52 -31.56 -21.70 -33.78
C VAL B 52 -32.03 -23.04 -33.23
N GLU B 53 -31.62 -24.12 -33.89
CA GLU B 53 -31.88 -25.48 -33.42
C GLU B 53 -31.23 -25.69 -32.04
N ARG B 54 -30.01 -25.19 -31.87
CA ARG B 54 -29.31 -25.24 -30.58
C ARG B 54 -29.93 -24.29 -29.55
N VAL B 55 -30.44 -23.14 -30.02
CA VAL B 55 -31.18 -22.21 -29.17
C VAL B 55 -32.51 -22.85 -28.76
N ARG B 56 -33.05 -23.70 -29.63
CA ARG B 56 -34.28 -24.44 -29.34
C ARG B 56 -34.07 -25.41 -28.19
N GLU B 57 -33.08 -26.30 -28.35
CA GLU B 57 -32.74 -27.30 -27.33
C GLU B 57 -32.50 -26.65 -25.95
N GLU B 58 -31.65 -25.63 -25.92
CA GLU B 58 -31.31 -24.91 -24.70
C GLU B 58 -32.53 -24.32 -23.99
N ALA B 59 -33.32 -23.54 -24.72
CA ALA B 59 -34.50 -22.88 -24.17
C ALA B 59 -35.47 -23.85 -23.50
N LEU B 60 -35.84 -24.92 -24.22
CA LEU B 60 -36.76 -25.94 -23.70
C LEU B 60 -36.25 -26.55 -22.41
N GLY B 61 -34.95 -26.84 -22.36
CA GLY B 61 -34.28 -27.33 -21.16
C GLY B 61 -34.35 -26.35 -20.00
N LYS B 62 -34.37 -25.06 -20.33
CA LYS B 62 -34.50 -24.00 -19.32
C LYS B 62 -35.95 -23.54 -19.19
N GLN B 63 -36.87 -24.46 -19.43
CA GLN B 63 -38.29 -24.31 -19.11
C GLN B 63 -38.94 -23.08 -19.75
N VAL B 64 -38.65 -22.85 -21.04
CA VAL B 64 -39.26 -21.74 -21.79
C VAL B 64 -40.77 -21.98 -21.96
N LEU B 65 -41.14 -23.25 -21.99
CA LEU B 65 -42.53 -23.68 -22.16
C LEU B 65 -43.40 -23.25 -20.99
N GLU B 66 -42.79 -23.21 -19.80
CA GLU B 66 -43.47 -22.82 -18.57
C GLU B 66 -43.07 -21.40 -18.13
N SER B 67 -43.10 -20.45 -19.06
CA SER B 67 -42.69 -19.07 -18.79
C SER B 67 -43.78 -18.07 -19.12
N LEU B 68 -43.92 -17.05 -18.27
CA LEU B 68 -44.89 -15.98 -18.50
C LEU B 68 -44.30 -14.83 -19.31
N THR B 69 -42.99 -14.84 -19.51
CA THR B 69 -42.34 -13.85 -20.34
C THR B 69 -41.40 -14.56 -21.33
N PRO B 70 -41.97 -15.20 -22.36
CA PRO B 70 -41.15 -16.04 -23.24
C PRO B 70 -40.43 -15.23 -24.32
N ALA B 71 -41.00 -14.07 -24.68
CA ALA B 71 -40.38 -13.08 -25.55
C ALA B 71 -39.04 -12.61 -24.99
N GLU B 72 -39.00 -12.36 -23.68
CA GLU B 72 -37.75 -12.08 -22.98
C GLU B 72 -36.78 -13.25 -23.14
N VAL B 73 -37.23 -14.46 -22.82
CA VAL B 73 -36.39 -15.65 -22.78
C VAL B 73 -35.74 -15.99 -24.12
N ILE B 74 -36.55 -16.04 -25.18
CA ILE B 74 -36.07 -16.40 -26.52
C ILE B 74 -34.96 -15.45 -26.98
N LEU B 75 -35.21 -14.14 -26.84
CA LEU B 75 -34.30 -13.11 -27.30
C LEU B 75 -32.98 -13.12 -26.54
N ALA B 76 -33.06 -13.36 -25.23
CA ALA B 76 -31.88 -13.39 -24.37
C ALA B 76 -31.02 -14.58 -24.72
N THR B 77 -31.66 -15.73 -24.85
CA THR B 77 -31.00 -16.95 -25.28
C THR B 77 -30.33 -16.77 -26.66
N VAL B 78 -31.05 -16.13 -27.59
CA VAL B 78 -30.49 -15.82 -28.91
C VAL B 78 -29.23 -14.95 -28.78
N TYR B 79 -29.33 -13.85 -28.04
CA TYR B 79 -28.24 -12.90 -27.81
C TYR B 79 -27.05 -13.53 -27.10
N GLU B 80 -27.33 -14.36 -26.10
CA GLU B 80 -26.29 -14.99 -25.31
C GLU B 80 -25.56 -16.05 -26.13
N ALA B 81 -26.31 -16.73 -27.00
CA ALA B 81 -25.73 -17.78 -27.85
C ALA B 81 -24.86 -17.16 -28.95
N LEU B 82 -25.30 -16.01 -29.46
CA LEU B 82 -24.63 -15.33 -30.54
C LEU B 82 -23.29 -14.77 -30.07
N LYS B 83 -23.32 -14.05 -28.97
CA LYS B 83 -22.12 -13.52 -28.33
C LYS B 83 -21.12 -14.63 -28.06
N GLU B 84 -21.57 -15.75 -27.51
CA GLU B 84 -20.68 -16.85 -27.21
C GLU B 84 -20.08 -17.45 -28.48
N ALA B 85 -20.92 -17.63 -29.49
CA ALA B 85 -20.51 -18.15 -30.79
C ALA B 85 -19.48 -17.26 -31.51
N LEU B 86 -19.55 -15.95 -31.23
CA LEU B 86 -18.63 -14.97 -31.76
C LEU B 86 -17.37 -14.83 -30.91
N GLY B 87 -17.31 -15.57 -29.80
CA GLY B 87 -16.11 -15.60 -28.97
C GLY B 87 -16.24 -15.18 -27.52
N GLY B 88 -17.43 -14.75 -27.13
CA GLY B 88 -17.68 -14.35 -25.74
C GLY B 88 -17.14 -12.99 -25.36
N GLU B 89 -15.85 -12.91 -25.07
CA GLU B 89 -15.24 -11.64 -24.70
C GLU B 89 -14.19 -11.24 -25.74
N ALA B 90 -13.83 -9.96 -25.76
CA ALA B 90 -12.70 -9.51 -26.59
C ALA B 90 -11.41 -10.26 -26.24
N ARG B 91 -10.62 -10.55 -27.27
CA ARG B 91 -9.40 -11.31 -27.14
C ARG B 91 -8.38 -10.88 -28.20
N LEU B 92 -7.24 -10.38 -27.76
CA LEU B 92 -6.19 -9.92 -28.66
C LEU B 92 -5.08 -10.97 -28.74
N PRO B 93 -4.25 -10.97 -29.81
CA PRO B 93 -3.20 -11.98 -29.89
C PRO B 93 -2.21 -11.87 -28.74
N VAL B 94 -1.63 -13.00 -28.35
CA VAL B 94 -0.61 -13.02 -27.31
C VAL B 94 0.75 -13.01 -28.00
N LEU B 95 1.50 -11.94 -27.81
CA LEU B 95 2.80 -11.80 -28.48
C LEU B 95 3.99 -12.32 -27.68
N LYS B 96 4.99 -12.78 -28.41
CA LYS B 96 6.24 -13.23 -27.82
C LYS B 96 7.44 -12.47 -28.41
N ASP B 97 8.65 -12.95 -28.12
CA ASP B 97 9.87 -12.26 -28.52
C ASP B 97 10.06 -12.13 -30.04
N ARG B 98 9.76 -13.20 -30.76
CA ARG B 98 9.76 -13.16 -32.21
C ARG B 98 8.36 -13.50 -32.71
N ASN B 99 7.87 -12.67 -33.62
CA ASN B 99 6.52 -12.81 -34.16
C ASN B 99 6.54 -12.67 -35.66
N LEU B 100 6.04 -13.67 -36.36
CA LEU B 100 5.86 -13.53 -37.79
C LEU B 100 4.43 -13.93 -38.13
N TRP B 101 3.73 -13.06 -38.85
CA TRP B 101 2.31 -13.21 -39.11
C TRP B 101 2.05 -13.15 -40.59
N PHE B 102 1.17 -14.03 -41.06
CA PHE B 102 0.59 -13.91 -42.37
C PHE B 102 -0.77 -13.20 -42.27
N LEU B 103 -1.03 -12.32 -43.24
CA LEU B 103 -2.37 -11.85 -43.51
C LEU B 103 -2.80 -12.54 -44.78
N VAL B 104 -3.90 -13.29 -44.71
CA VAL B 104 -4.33 -14.13 -45.86
C VAL B 104 -5.82 -13.93 -46.16
N GLY B 105 -6.25 -14.30 -47.37
CA GLY B 105 -7.66 -14.29 -47.72
C GLY B 105 -7.96 -13.98 -49.17
N LEU B 106 -9.20 -13.57 -49.43
CA LEU B 106 -9.70 -13.23 -50.76
C LEU B 106 -9.22 -11.88 -51.33
N GLN B 107 -9.38 -11.75 -52.64
CA GLN B 107 -9.08 -10.53 -53.37
C GLN B 107 -9.85 -9.33 -52.85
N GLY B 108 -9.11 -8.28 -52.52
CA GLY B 108 -9.70 -7.01 -52.14
C GLY B 108 -10.23 -6.94 -50.72
N SER B 109 -9.99 -7.96 -49.90
CA SER B 109 -10.60 -8.00 -48.56
C SER B 109 -10.09 -6.97 -47.54
N GLY B 110 -8.88 -6.43 -47.76
CA GLY B 110 -8.31 -5.45 -46.84
C GLY B 110 -6.96 -5.78 -46.22
N LYS B 111 -6.21 -6.71 -46.84
CA LYS B 111 -4.94 -7.25 -46.28
C LYS B 111 -3.78 -6.27 -46.22
N THR B 112 -3.44 -5.65 -47.36
CA THR B 112 -2.36 -4.63 -47.40
C THR B 112 -2.66 -3.50 -46.43
N THR B 113 -3.90 -3.02 -46.47
CA THR B 113 -4.37 -1.97 -45.56
C THR B 113 -4.27 -2.39 -44.10
N THR B 114 -4.73 -3.59 -43.77
CA THR B 114 -4.75 -4.08 -42.37
C THR B 114 -3.33 -4.26 -41.79
N ALA B 115 -2.38 -4.61 -42.66
CA ALA B 115 -1.00 -4.85 -42.26
C ALA B 115 -0.37 -3.58 -41.74
N ALA B 116 -0.63 -2.47 -42.42
CA ALA B 116 -0.23 -1.14 -41.95
C ALA B 116 -0.93 -0.70 -40.66
N LYS B 117 -2.18 -1.13 -40.49
CA LYS B 117 -2.94 -0.84 -39.26
C LYS B 117 -2.34 -1.62 -38.09
N LEU B 118 -2.05 -2.89 -38.32
CA LEU B 118 -1.37 -3.71 -37.31
C LEU B 118 0.01 -3.18 -36.99
N ALA B 119 0.69 -2.65 -37.99
CA ALA B 119 2.02 -2.13 -37.83
C ALA B 119 2.00 -0.89 -36.94
N LEU B 120 1.07 0.05 -37.23
CA LEU B 120 0.91 1.28 -36.42
C LEU B 120 0.44 1.01 -34.98
N TYR B 121 -0.55 0.12 -34.85
CA TYR B 121 -1.08 -0.32 -33.55
C TYR B 121 0.02 -0.89 -32.65
N TYR B 122 0.79 -1.85 -33.17
CA TYR B 122 1.81 -2.52 -32.38
C TYR B 122 3.10 -1.70 -32.19
N LYS B 123 3.36 -0.78 -33.11
CA LYS B 123 4.43 0.18 -32.94
C LYS B 123 4.11 1.07 -31.73
N GLY B 124 2.86 1.51 -31.64
CA GLY B 124 2.42 2.30 -30.50
C GLY B 124 2.59 1.56 -29.17
N LYS B 125 2.67 0.24 -29.25
CA LYS B 125 2.88 -0.61 -28.06
C LYS B 125 4.36 -0.97 -27.84
N GLY B 126 5.25 -0.45 -28.69
CA GLY B 126 6.69 -0.60 -28.49
C GLY B 126 7.32 -1.77 -29.25
N ARG B 127 6.49 -2.54 -29.95
CA ARG B 127 7.01 -3.56 -30.83
C ARG B 127 7.68 -2.81 -31.98
N ARG B 128 8.59 -3.47 -32.69
CA ARG B 128 9.31 -2.85 -33.79
C ARG B 128 8.94 -3.59 -35.06
N PRO B 129 7.83 -3.19 -35.68
CA PRO B 129 7.39 -3.99 -36.82
C PRO B 129 8.24 -3.91 -38.08
N LEU B 130 8.06 -4.89 -38.94
CA LEU B 130 8.58 -4.86 -40.30
C LEU B 130 7.47 -5.37 -41.21
N LEU B 131 7.15 -4.58 -42.22
CA LEU B 131 6.16 -4.95 -43.22
C LEU B 131 6.85 -5.69 -44.35
N VAL B 132 6.15 -6.67 -44.93
CA VAL B 132 6.72 -7.45 -45.99
C VAL B 132 5.69 -7.49 -47.10
N ALA B 133 6.07 -6.91 -48.24
CA ALA B 133 5.21 -6.82 -49.41
C ALA B 133 5.44 -8.03 -50.31
N ALA B 134 4.67 -9.09 -50.06
CA ALA B 134 4.81 -10.38 -50.74
C ALA B 134 3.92 -10.53 -51.99
N ASP B 135 3.13 -9.51 -52.31
CA ASP B 135 2.26 -9.50 -53.48
C ASP B 135 3.00 -8.87 -54.67
N THR B 136 3.52 -9.72 -55.57
CA THR B 136 4.24 -9.25 -56.77
C THR B 136 3.39 -9.27 -58.04
N GLN B 137 2.11 -9.62 -57.94
CA GLN B 137 1.22 -9.71 -59.11
C GLN B 137 0.27 -8.52 -59.29
N ARG B 138 -0.27 -7.97 -58.20
CA ARG B 138 -1.18 -6.82 -58.30
C ARG B 138 -0.37 -5.56 -58.63
N PRO B 139 -0.72 -4.85 -59.73
CA PRO B 139 0.03 -3.62 -60.06
C PRO B 139 0.15 -2.63 -58.89
N ALA B 140 1.36 -2.11 -58.72
CA ALA B 140 1.70 -1.16 -57.66
C ALA B 140 1.46 -1.65 -56.22
N ALA B 141 1.42 -2.96 -56.01
CA ALA B 141 1.13 -3.48 -54.67
C ALA B 141 2.27 -3.24 -53.68
N ARG B 142 3.50 -3.28 -54.19
CA ARG B 142 4.67 -3.07 -53.33
C ARG B 142 4.80 -1.62 -52.96
N GLU B 143 4.65 -0.73 -53.95
CA GLU B 143 4.56 0.70 -53.70
C GLU B 143 3.42 1.06 -52.73
N GLN B 144 2.27 0.41 -52.88
CA GLN B 144 1.14 0.64 -51.96
C GLN B 144 1.55 0.47 -50.50
N LEU B 145 2.04 -0.73 -50.14
CA LEU B 145 2.54 -1.00 -48.78
C LEU B 145 3.71 -0.10 -48.33
N ARG B 146 4.63 0.18 -49.23
CA ARG B 146 5.71 1.15 -48.97
C ARG B 146 5.16 2.54 -48.60
N LEU B 147 4.19 3.04 -49.35
CA LEU B 147 3.60 4.34 -49.03
C LEU B 147 2.98 4.30 -47.63
N LEU B 148 2.33 3.18 -47.31
CA LEU B 148 1.69 2.98 -46.00
C LEU B 148 2.71 2.88 -44.84
N GLY B 149 3.80 2.14 -45.09
CA GLY B 149 4.91 2.07 -44.16
C GLY B 149 5.55 3.40 -43.79
N GLU B 150 5.79 4.23 -44.79
CA GLU B 150 6.32 5.60 -44.59
C GLU B 150 5.38 6.43 -43.71
N LYS B 151 4.09 6.38 -44.02
CA LYS B 151 3.07 7.07 -43.25
C LYS B 151 3.04 6.68 -41.76
N VAL B 152 3.26 5.40 -41.46
CA VAL B 152 3.24 4.95 -40.06
C VAL B 152 4.63 4.84 -39.41
N GLY B 153 5.68 5.20 -40.14
CA GLY B 153 7.05 5.14 -39.65
C GLY B 153 7.55 3.73 -39.38
N VAL B 154 7.30 2.81 -40.34
CA VAL B 154 7.65 1.38 -40.23
C VAL B 154 8.23 0.92 -41.56
N PRO B 155 9.39 0.23 -41.55
CA PRO B 155 10.06 -0.19 -42.78
C PRO B 155 9.40 -1.34 -43.55
N VAL B 156 9.58 -1.35 -44.87
CA VAL B 156 8.92 -2.34 -45.72
C VAL B 156 9.95 -3.10 -46.56
N LEU B 157 9.97 -4.43 -46.43
CA LEU B 157 10.78 -5.28 -47.30
C LEU B 157 9.93 -5.67 -48.51
N GLU B 158 10.43 -5.37 -49.71
CA GLU B 158 9.67 -5.66 -50.93
C GLU B 158 10.20 -6.91 -51.66
N VAL B 159 9.33 -7.92 -51.75
CA VAL B 159 9.67 -9.15 -52.44
C VAL B 159 9.95 -8.87 -53.92
N MET B 160 11.01 -9.50 -54.44
CA MET B 160 11.37 -9.28 -55.83
C MET B 160 10.55 -10.22 -56.71
N ASP B 161 10.37 -9.81 -57.96
CA ASP B 161 9.71 -10.65 -58.96
C ASP B 161 10.36 -12.03 -58.99
N GLY B 162 9.56 -13.07 -58.84
CA GLY B 162 10.02 -14.45 -58.89
C GLY B 162 10.82 -15.00 -57.71
N GLU B 163 11.02 -14.17 -56.69
CA GLU B 163 11.81 -14.55 -55.52
C GLU B 163 11.23 -15.78 -54.80
N SER B 164 12.12 -16.68 -54.41
CA SER B 164 11.72 -17.91 -53.74
C SER B 164 11.45 -17.65 -52.26
N PRO B 165 10.60 -18.48 -51.63
CA PRO B 165 10.37 -18.33 -50.18
C PRO B 165 11.62 -18.49 -49.30
N GLU B 166 12.61 -19.26 -49.76
CA GLU B 166 13.88 -19.43 -49.05
C GLU B 166 14.63 -18.11 -49.04
N SER B 167 14.64 -17.42 -50.18
CA SER B 167 15.30 -16.11 -50.31
C SER B 167 14.52 -15.03 -49.54
N ILE B 168 13.18 -15.05 -49.63
CA ILE B 168 12.36 -14.15 -48.81
C ILE B 168 12.77 -14.31 -47.36
N ARG B 169 12.85 -15.56 -46.89
CA ARG B 169 13.24 -15.87 -45.51
C ARG B 169 14.63 -15.32 -45.15
N ARG B 170 15.59 -15.51 -46.05
N ARG B 170 15.60 -15.50 -46.05
CA ARG B 170 16.96 -15.01 -45.82
CA ARG B 170 16.96 -15.02 -45.80
C ARG B 170 16.91 -13.52 -45.49
C ARG B 170 16.99 -13.51 -45.53
N ARG B 171 16.39 -12.73 -46.43
CA ARG B 171 16.38 -11.26 -46.33
C ARG B 171 15.58 -10.74 -45.14
N VAL B 172 14.46 -11.39 -44.85
CA VAL B 172 13.59 -11.01 -43.74
C VAL B 172 14.29 -11.28 -42.42
N GLU B 173 14.88 -12.48 -42.30
CA GLU B 173 15.71 -12.83 -41.15
C GLU B 173 16.83 -11.82 -40.93
N GLU B 174 17.59 -11.51 -41.98
CA GLU B 174 18.63 -10.45 -41.91
C GLU B 174 18.11 -9.07 -41.46
N LYS B 175 17.18 -8.50 -42.22
CA LYS B 175 16.65 -7.18 -41.88
C LYS B 175 16.13 -7.11 -40.46
N ALA B 176 15.35 -8.13 -40.07
CA ALA B 176 14.76 -8.21 -38.74
C ALA B 176 15.86 -8.31 -37.68
N ARG B 177 16.89 -9.09 -37.98
CA ARG B 177 18.03 -9.29 -37.10
C ARG B 177 18.85 -8.02 -37.01
N LEU B 178 19.27 -7.50 -38.16
CA LEU B 178 20.08 -6.29 -38.19
C LEU B 178 19.36 -5.04 -37.68
N GLU B 179 18.02 -5.03 -37.69
CA GLU B 179 17.27 -3.84 -37.24
C GLU B 179 16.49 -3.98 -35.92
N ALA B 180 16.71 -5.10 -35.23
CA ALA B 180 15.99 -5.45 -34.01
C ALA B 180 14.44 -5.39 -34.17
N ARG B 181 13.94 -5.99 -35.26
CA ARG B 181 12.49 -6.00 -35.52
C ARG B 181 11.86 -7.29 -35.01
N ASP B 182 10.88 -7.16 -34.14
CA ASP B 182 10.25 -8.32 -33.47
C ASP B 182 8.82 -8.66 -33.95
N LEU B 183 8.28 -7.87 -34.87
CA LEU B 183 6.95 -8.15 -35.42
C LEU B 183 6.96 -8.03 -36.94
N ILE B 184 6.83 -9.18 -37.59
CA ILE B 184 6.97 -9.28 -39.03
C ILE B 184 5.61 -9.58 -39.60
N LEU B 185 5.14 -8.67 -40.44
CA LEU B 185 3.77 -8.71 -40.95
C LEU B 185 3.86 -8.97 -42.42
N VAL B 186 3.50 -10.18 -42.82
CA VAL B 186 3.63 -10.57 -44.20
C VAL B 186 2.29 -10.42 -44.90
N ASP B 187 2.25 -9.47 -45.80
CA ASP B 187 1.08 -9.21 -46.61
C ASP B 187 1.17 -10.11 -47.83
N THR B 188 0.23 -11.05 -47.95
CA THR B 188 0.22 -12.02 -49.06
C THR B 188 -0.90 -11.65 -50.03
N ALA B 189 -0.76 -12.04 -51.29
CA ALA B 189 -1.80 -11.73 -52.28
C ALA B 189 -3.12 -12.43 -51.96
N GLY B 190 -4.23 -11.79 -52.27
CA GLY B 190 -5.53 -12.41 -52.19
C GLY B 190 -5.64 -13.46 -53.28
N ARG B 191 -6.24 -14.59 -52.94
CA ARG B 191 -6.38 -15.70 -53.87
C ARG B 191 -7.74 -16.40 -53.68
N LEU B 192 -8.22 -17.08 -54.71
CA LEU B 192 -9.39 -17.92 -54.57
C LEU B 192 -8.99 -19.14 -53.76
N GLN B 193 -9.90 -19.63 -52.92
CA GLN B 193 -9.61 -20.80 -52.07
C GLN B 193 -9.55 -22.10 -52.91
N ILE B 194 -9.97 -22.01 -54.17
CA ILE B 194 -9.97 -23.12 -55.12
C ILE B 194 -8.79 -23.07 -56.13
N ASP B 195 -8.01 -22.00 -56.14
CA ASP B 195 -6.81 -21.98 -56.99
C ASP B 195 -5.70 -22.77 -56.32
N GLU B 196 -5.57 -24.04 -56.72
CA GLU B 196 -4.67 -25.00 -56.06
C GLU B 196 -3.17 -24.63 -56.10
N PRO B 197 -2.64 -24.21 -57.27
CA PRO B 197 -1.26 -23.67 -57.30
C PRO B 197 -1.02 -22.52 -56.31
N LEU B 198 -1.95 -21.57 -56.24
CA LEU B 198 -1.82 -20.43 -55.32
C LEU B 198 -2.04 -20.78 -53.83
N MET B 199 -2.98 -21.68 -53.56
CA MET B 199 -3.16 -22.17 -52.18
C MET B 199 -1.94 -23.01 -51.80
N GLY B 200 -1.43 -23.74 -52.81
CA GLY B 200 -0.14 -24.42 -52.72
C GLY B 200 0.93 -23.44 -52.32
N GLU B 201 1.05 -22.34 -53.06
CA GLU B 201 2.07 -21.33 -52.79
C GLU B 201 2.04 -20.80 -51.36
N LEU B 202 0.84 -20.53 -50.85
CA LEU B 202 0.71 -20.01 -49.50
C LEU B 202 1.12 -21.06 -48.47
N ALA B 203 0.76 -22.32 -48.74
CA ALA B 203 1.15 -23.44 -47.88
C ALA B 203 2.67 -23.58 -47.75
N ARG B 204 3.39 -23.49 -48.87
CA ARG B 204 4.86 -23.58 -48.85
C ARG B 204 5.46 -22.37 -48.19
N LEU B 205 4.91 -21.19 -48.46
CA LEU B 205 5.35 -19.98 -47.78
C LEU B 205 5.24 -20.12 -46.27
N LYS B 206 4.16 -20.71 -45.81
CA LYS B 206 3.99 -20.96 -44.39
C LYS B 206 5.06 -21.94 -43.92
N GLU B 207 5.24 -23.02 -44.68
CA GLU B 207 6.22 -24.07 -44.37
C GLU B 207 7.62 -23.48 -44.19
N VAL B 208 8.00 -22.56 -45.06
CA VAL B 208 9.35 -21.97 -45.05
C VAL B 208 9.53 -20.86 -44.00
N LEU B 209 8.54 -19.99 -43.84
CA LEU B 209 8.67 -18.85 -42.93
C LEU B 209 8.22 -19.16 -41.51
N GLY B 210 7.47 -20.25 -41.35
CA GLY B 210 6.95 -20.65 -40.03
C GLY B 210 6.30 -19.53 -39.24
N PRO B 211 5.17 -18.98 -39.75
CA PRO B 211 4.47 -17.92 -39.03
C PRO B 211 3.92 -18.38 -37.69
N ASP B 212 3.88 -17.47 -36.74
CA ASP B 212 3.24 -17.71 -35.46
C ASP B 212 1.73 -17.43 -35.51
N GLU B 213 1.30 -16.52 -36.39
CA GLU B 213 -0.11 -16.22 -36.61
C GLU B 213 -0.42 -16.18 -38.10
N VAL B 214 -1.61 -16.63 -38.46
CA VAL B 214 -2.07 -16.63 -39.84
C VAL B 214 -3.50 -16.10 -39.84
N LEU B 215 -3.63 -14.82 -40.12
CA LEU B 215 -4.87 -14.12 -39.97
C LEU B 215 -5.62 -14.09 -41.26
N LEU B 216 -6.75 -14.79 -41.29
CA LEU B 216 -7.71 -14.66 -42.38
C LEU B 216 -8.39 -13.31 -42.29
N VAL B 217 -8.21 -12.49 -43.32
CA VAL B 217 -8.78 -11.16 -43.35
C VAL B 217 -10.05 -11.16 -44.19
N LEU B 218 -11.17 -10.89 -43.51
CA LEU B 218 -12.49 -11.15 -44.04
C LEU B 218 -13.30 -9.87 -44.13
N ASP B 219 -13.88 -9.66 -45.31
CA ASP B 219 -14.69 -8.50 -45.60
C ASP B 219 -16.05 -8.69 -44.90
N ALA B 220 -16.47 -7.71 -44.11
CA ALA B 220 -17.77 -7.78 -43.41
C ALA B 220 -18.98 -8.04 -44.33
N MET B 221 -18.88 -7.63 -45.60
CA MET B 221 -19.94 -7.89 -46.60
C MET B 221 -19.89 -9.28 -47.25
N THR B 222 -18.86 -10.07 -46.99
CA THR B 222 -18.78 -11.42 -47.57
C THR B 222 -20.09 -12.19 -47.33
N GLY B 223 -20.59 -12.82 -48.40
CA GLY B 223 -21.85 -13.56 -48.32
C GLY B 223 -21.74 -15.01 -47.87
N GLN B 224 -22.64 -15.83 -48.41
CA GLN B 224 -22.80 -17.24 -47.98
C GLN B 224 -21.53 -18.07 -48.16
N GLU B 225 -20.66 -17.63 -49.06
CA GLU B 225 -19.40 -18.33 -49.31
C GLU B 225 -18.38 -18.26 -48.18
N ALA B 226 -18.62 -17.41 -47.18
CA ALA B 226 -17.72 -17.26 -46.02
C ALA B 226 -17.24 -18.59 -45.40
N LEU B 227 -18.16 -19.47 -45.03
CA LEU B 227 -17.78 -20.74 -44.39
C LEU B 227 -16.81 -21.57 -45.24
N SER B 228 -17.18 -21.75 -46.51
CA SER B 228 -16.42 -22.53 -47.45
C SER B 228 -15.04 -21.93 -47.71
N VAL B 229 -14.99 -20.60 -47.78
CA VAL B 229 -13.72 -19.86 -47.86
C VAL B 229 -12.87 -20.03 -46.59
N ALA B 230 -13.50 -19.85 -45.43
CA ALA B 230 -12.79 -20.01 -44.16
C ALA B 230 -12.28 -21.42 -43.93
N ARG B 231 -13.02 -22.42 -44.42
CA ARG B 231 -12.66 -23.81 -44.23
C ARG B 231 -11.46 -24.20 -45.10
N ALA B 232 -11.47 -23.78 -46.36
CA ALA B 232 -10.38 -24.08 -47.28
C ALA B 232 -9.05 -23.44 -46.88
N PHE B 233 -9.07 -22.18 -46.48
CA PHE B 233 -7.84 -21.53 -45.99
C PHE B 233 -7.32 -22.21 -44.73
N ASP B 234 -8.24 -22.67 -43.86
CA ASP B 234 -7.86 -23.30 -42.62
C ASP B 234 -7.30 -24.72 -42.80
N GLU B 235 -7.91 -25.48 -43.70
CA GLU B 235 -7.45 -26.84 -43.98
C GLU B 235 -6.17 -26.82 -44.80
N LYS B 236 -6.13 -25.97 -45.82
CA LYS B 236 -4.95 -25.90 -46.69
C LYS B 236 -3.75 -25.20 -46.08
N VAL B 237 -4.00 -24.31 -45.12
CA VAL B 237 -2.93 -23.45 -44.61
C VAL B 237 -2.85 -23.41 -43.09
N GLY B 238 -3.99 -23.40 -42.41
CA GLY B 238 -4.01 -23.30 -40.94
C GLY B 238 -4.12 -21.88 -40.38
N VAL B 239 -5.36 -21.42 -40.24
CA VAL B 239 -5.70 -20.08 -39.73
C VAL B 239 -5.65 -20.08 -38.20
N THR B 240 -5.12 -19.02 -37.59
CA THR B 240 -5.07 -18.92 -36.13
C THR B 240 -5.96 -17.81 -35.59
N GLY B 241 -6.60 -17.08 -36.50
CA GLY B 241 -7.32 -15.86 -36.13
C GLY B 241 -7.94 -15.16 -37.31
N LEU B 242 -8.80 -14.19 -37.01
CA LEU B 242 -9.50 -13.46 -38.07
C LEU B 242 -9.50 -11.98 -37.83
N VAL B 243 -9.55 -11.25 -38.94
CA VAL B 243 -9.71 -9.80 -38.96
C VAL B 243 -10.94 -9.51 -39.83
N LEU B 244 -11.82 -8.66 -39.33
CA LEU B 244 -13.07 -8.35 -40.03
C LEU B 244 -13.04 -6.89 -40.47
N THR B 245 -12.90 -6.67 -41.77
CA THR B 245 -12.72 -5.33 -42.30
C THR B 245 -14.03 -4.69 -42.73
N LYS B 246 -14.00 -3.37 -42.89
CA LYS B 246 -15.09 -2.61 -43.51
C LYS B 246 -16.39 -2.61 -42.68
N LEU B 247 -16.22 -2.72 -41.36
CA LEU B 247 -17.32 -2.57 -40.41
C LEU B 247 -17.83 -1.13 -40.29
N ASP B 248 -17.18 -0.20 -40.98
CA ASP B 248 -17.72 1.16 -41.14
C ASP B 248 -18.84 1.22 -42.20
N GLY B 249 -19.02 0.12 -42.93
CA GLY B 249 -20.19 -0.08 -43.80
C GLY B 249 -21.43 -0.47 -42.98
N ASP B 250 -22.47 -0.93 -43.65
CA ASP B 250 -23.69 -1.30 -42.93
C ASP B 250 -24.04 -2.77 -43.04
N ALA B 251 -23.29 -3.51 -43.84
CA ALA B 251 -23.43 -4.97 -43.86
C ALA B 251 -23.42 -5.44 -42.42
N ARG B 252 -24.13 -6.52 -42.16
CA ARG B 252 -24.34 -7.01 -40.81
C ARG B 252 -23.16 -7.78 -40.20
N GLY B 253 -22.33 -8.42 -41.03
CA GLY B 253 -21.20 -9.18 -40.53
C GLY B 253 -21.48 -10.63 -40.11
N GLY B 254 -22.54 -11.23 -40.66
CA GLY B 254 -22.87 -12.62 -40.37
C GLY B 254 -21.83 -13.61 -40.86
N ALA B 255 -21.02 -13.19 -41.83
CA ALA B 255 -19.91 -14.01 -42.31
C ALA B 255 -18.89 -14.30 -41.22
N ALA B 256 -18.88 -13.47 -40.19
CA ALA B 256 -17.98 -13.65 -39.06
C ALA B 256 -18.36 -14.88 -38.24
N LEU B 257 -19.66 -15.13 -38.11
CA LEU B 257 -20.17 -16.33 -37.44
C LEU B 257 -19.82 -17.58 -38.24
N SER B 258 -20.08 -17.56 -39.56
CA SER B 258 -19.76 -18.70 -40.41
C SER B 258 -18.29 -19.05 -40.24
N ALA B 259 -17.43 -18.03 -40.35
CA ALA B 259 -16.00 -18.24 -40.35
C ALA B 259 -15.52 -18.79 -39.02
N ARG B 260 -16.10 -18.29 -37.93
CA ARG B 260 -15.68 -18.75 -36.60
C ARG B 260 -16.25 -20.11 -36.28
N HIS B 261 -17.48 -20.35 -36.72
CA HIS B 261 -18.12 -21.66 -36.54
C HIS B 261 -17.28 -22.79 -37.12
N VAL B 262 -16.69 -22.57 -38.28
CA VAL B 262 -15.99 -23.64 -39.02
C VAL B 262 -14.50 -23.77 -38.71
N THR B 263 -13.91 -22.75 -38.10
CA THR B 263 -12.49 -22.77 -37.75
C THR B 263 -12.29 -22.88 -36.25
N GLY B 264 -13.21 -22.30 -35.48
CA GLY B 264 -13.05 -22.18 -34.04
C GLY B 264 -12.03 -21.14 -33.55
N LYS B 265 -11.61 -20.22 -34.43
CA LYS B 265 -10.52 -19.27 -34.15
C LYS B 265 -11.01 -17.88 -33.73
N PRO B 266 -10.26 -17.20 -32.85
CA PRO B 266 -10.66 -15.86 -32.39
C PRO B 266 -10.71 -14.86 -33.52
N ILE B 267 -11.71 -13.98 -33.45
CA ILE B 267 -11.73 -12.79 -34.29
C ILE B 267 -11.00 -11.74 -33.48
N TYR B 268 -9.78 -11.41 -33.90
CA TYR B 268 -8.94 -10.53 -33.11
C TYR B 268 -9.29 -9.06 -33.20
N PHE B 269 -9.57 -8.61 -34.44
CA PHE B 269 -9.63 -7.18 -34.73
C PHE B 269 -10.80 -6.82 -35.62
N ALA B 270 -11.26 -5.58 -35.50
CA ALA B 270 -12.24 -5.04 -36.43
C ALA B 270 -11.53 -3.98 -37.27
N GLY B 271 -11.78 -3.97 -38.58
CA GLY B 271 -11.35 -2.86 -39.44
C GLY B 271 -12.49 -1.88 -39.60
N VAL B 272 -12.24 -0.61 -39.28
CA VAL B 272 -13.31 0.39 -39.27
C VAL B 272 -13.08 1.65 -40.09
N SER B 273 -12.08 1.66 -40.96
CA SER B 273 -11.82 2.80 -41.86
C SER B 273 -10.71 2.43 -42.83
N GLU B 274 -10.40 3.34 -43.75
CA GLU B 274 -9.39 3.11 -44.77
C GLU B 274 -8.03 3.55 -44.30
N LYS B 275 -8.00 4.23 -43.15
CA LYS B 275 -6.79 4.86 -42.64
C LYS B 275 -6.09 3.98 -41.60
N PRO B 276 -4.77 4.16 -41.41
CA PRO B 276 -3.99 3.27 -40.53
C PRO B 276 -4.51 3.24 -39.09
N GLU B 277 -5.22 4.28 -38.67
CA GLU B 277 -5.83 4.36 -37.33
C GLU B 277 -7.06 3.47 -37.17
N GLY B 278 -7.64 3.05 -38.29
CA GLY B 278 -8.97 2.39 -38.30
C GLY B 278 -9.00 0.93 -37.88
N LEU B 279 -8.40 0.66 -36.72
CA LEU B 279 -8.35 -0.67 -36.14
C LEU B 279 -8.91 -0.60 -34.72
N GLU B 280 -9.64 -1.64 -34.34
CA GLU B 280 -10.25 -1.69 -33.03
C GLU B 280 -10.20 -3.12 -32.59
N PRO B 281 -10.10 -3.37 -31.28
CA PRO B 281 -10.31 -4.76 -30.87
C PRO B 281 -11.71 -5.21 -31.30
N PHE B 282 -11.85 -6.49 -31.59
CA PHE B 282 -13.16 -7.05 -31.91
C PHE B 282 -13.93 -7.40 -30.63
N TYR B 283 -15.22 -7.01 -30.59
CA TYR B 283 -16.07 -7.20 -29.40
C TYR B 283 -17.28 -8.04 -29.75
N PRO B 284 -17.24 -9.36 -29.43
CA PRO B 284 -18.31 -10.30 -29.79
C PRO B 284 -19.72 -9.85 -29.40
N GLU B 285 -19.85 -9.15 -28.27
CA GLU B 285 -21.13 -8.54 -27.87
C GLU B 285 -21.62 -7.48 -28.90
N ARG B 286 -20.71 -6.67 -29.43
CA ARG B 286 -21.06 -5.63 -30.41
C ARG B 286 -21.57 -6.20 -31.72
N LEU B 287 -20.94 -7.28 -32.18
CA LEU B 287 -21.33 -7.88 -33.43
C LEU B 287 -22.60 -8.70 -33.27
N ALA B 288 -22.85 -9.19 -32.06
CA ALA B 288 -24.14 -9.83 -31.73
C ALA B 288 -25.30 -8.85 -31.93
N GLY B 289 -25.21 -7.68 -31.30
CA GLY B 289 -26.18 -6.60 -31.51
C GLY B 289 -26.33 -6.10 -32.94
N ARG B 290 -25.21 -5.94 -33.63
CA ARG B 290 -25.21 -5.55 -35.03
C ARG B 290 -25.87 -6.62 -35.94
N ILE B 291 -25.58 -7.88 -35.71
CA ILE B 291 -26.23 -8.96 -36.46
C ILE B 291 -27.76 -8.99 -36.21
N LEU B 292 -28.18 -8.81 -34.96
CA LEU B 292 -29.61 -8.82 -34.63
C LEU B 292 -30.29 -7.49 -34.94
N GLY B 293 -29.49 -6.49 -35.32
CA GLY B 293 -29.99 -5.21 -35.81
C GLY B 293 -30.38 -5.31 -37.28
N GLN C 4 39.18 -4.65 22.36
CA GLN C 4 38.61 -3.29 22.14
C GLN C 4 37.27 -3.11 22.87
N LEU C 5 36.29 -3.95 22.54
CA LEU C 5 34.97 -3.91 23.18
C LEU C 5 35.05 -4.46 24.61
N SER C 6 34.15 -3.99 25.47
CA SER C 6 34.11 -4.48 26.84
C SER C 6 33.72 -5.94 26.86
N ALA C 7 34.27 -6.68 27.82
CA ALA C 7 33.96 -8.09 28.02
C ALA C 7 32.47 -8.37 27.94
N ARG C 8 31.68 -7.53 28.59
CA ARG C 8 30.23 -7.64 28.61
C ARG C 8 29.58 -7.50 27.23
N LEU C 9 30.16 -6.65 26.38
CA LEU C 9 29.63 -6.46 25.01
C LEU C 9 30.08 -7.55 24.05
N GLN C 10 31.25 -8.12 24.32
CA GLN C 10 31.77 -9.22 23.51
C GLN C 10 31.04 -10.54 23.78
N GLU C 11 30.53 -10.70 25.00
CA GLU C 11 29.70 -11.84 25.35
C GLU C 11 28.30 -11.72 24.76
N ALA C 12 27.81 -10.49 24.60
CA ALA C 12 26.49 -10.25 24.01
C ALA C 12 26.50 -10.62 22.52
N ILE C 13 27.61 -10.27 21.86
CA ILE C 13 27.92 -10.70 20.49
C ILE C 13 28.10 -12.22 20.44
N GLY C 14 28.92 -12.74 21.36
CA GLY C 14 29.26 -14.17 21.43
C GLY C 14 28.09 -15.14 21.46
N ARG C 15 27.00 -14.74 22.12
CA ARG C 15 25.79 -15.55 22.19
C ARG C 15 24.86 -15.35 20.97
N LEU C 16 25.29 -14.52 20.02
CA LEU C 16 24.56 -14.33 18.77
C LEU C 16 25.29 -14.95 17.57
N ARG C 17 26.51 -15.43 17.82
CA ARG C 17 27.36 -16.06 16.80
C ARG C 17 26.80 -17.39 16.29
N GLY C 18 26.54 -17.45 14.98
CA GLY C 18 26.09 -18.66 14.30
C GLY C 18 24.62 -19.02 14.41
N ARG C 19 23.79 -18.05 14.80
CA ARG C 19 22.36 -18.29 15.05
C ARG C 19 21.42 -17.60 14.06
N GLY C 20 21.97 -17.07 12.96
CA GLY C 20 21.20 -16.44 11.90
C GLY C 20 20.32 -15.32 12.40
N ARG C 21 19.09 -15.26 11.90
CA ARG C 21 18.14 -14.21 12.28
C ARG C 21 17.76 -14.24 13.76
N ILE C 22 17.34 -13.08 14.27
CA ILE C 22 16.91 -12.98 15.65
C ILE C 22 15.45 -12.50 15.76
N THR C 23 14.79 -12.97 16.81
CA THR C 23 13.38 -12.64 17.08
C THR C 23 13.23 -11.25 17.69
N GLU C 24 12.01 -10.73 17.65
CA GLU C 24 11.70 -9.44 18.29
C GLU C 24 11.98 -9.44 19.80
N GLU C 25 11.84 -10.62 20.42
CA GLU C 25 12.14 -10.80 21.85
C GLU C 25 13.65 -10.82 22.16
N ASP C 26 14.43 -11.47 21.29
CA ASP C 26 15.89 -11.52 21.50
C ASP C 26 16.57 -10.18 21.21
N LEU C 27 16.01 -9.42 20.28
CA LEU C 27 16.35 -8.03 20.07
C LEU C 27 16.40 -7.29 21.41
N LYS C 28 15.24 -7.15 22.05
CA LYS C 28 15.12 -6.35 23.28
C LYS C 28 15.91 -6.91 24.48
N ALA C 29 16.31 -8.18 24.39
CA ALA C 29 17.12 -8.82 25.42
C ALA C 29 18.62 -8.63 25.15
N THR C 30 18.95 -8.30 23.91
CA THR C 30 20.33 -8.00 23.54
C THR C 30 20.56 -6.51 23.83
N LEU C 31 19.49 -5.73 23.67
CA LEU C 31 19.48 -4.31 23.97
C LEU C 31 19.63 -4.06 25.47
N ARG C 32 19.06 -4.96 26.27
CA ARG C 32 19.16 -4.92 27.72
C ARG C 32 20.62 -5.02 28.15
N GLU C 33 21.38 -5.87 27.46
CA GLU C 33 22.81 -6.02 27.71
C GLU C 33 23.61 -4.78 27.35
N ILE C 34 23.22 -4.11 26.26
CA ILE C 34 23.85 -2.85 25.86
C ILE C 34 23.55 -1.81 26.94
N ARG C 35 22.28 -1.74 27.33
CA ARG C 35 21.82 -0.83 28.37
C ARG C 35 22.58 -1.00 29.68
N ARG C 36 22.89 -2.25 30.04
CA ARG C 36 23.64 -2.54 31.25
C ARG C 36 25.13 -2.19 31.08
N ALA C 37 25.65 -2.40 29.89
CA ALA C 37 27.06 -2.07 29.58
C ALA C 37 27.32 -0.57 29.65
N LEU C 38 26.33 0.22 29.25
CA LEU C 38 26.38 1.67 29.31
C LEU C 38 26.30 2.16 30.76
N MET C 39 25.43 1.54 31.55
CA MET C 39 25.34 1.87 32.97
C MET C 39 26.61 1.50 33.70
N ASP C 40 27.18 0.35 33.36
CA ASP C 40 28.51 -0.06 33.84
C ASP C 40 29.59 0.98 33.46
N ALA C 41 29.31 1.78 32.42
CA ALA C 41 30.20 2.84 31.98
C ALA C 41 29.74 4.20 32.50
N ASP C 42 28.95 4.16 33.58
CA ASP C 42 28.44 5.35 34.28
C ASP C 42 27.49 6.24 33.45
N VAL C 43 26.93 5.71 32.38
CA VAL C 43 25.82 6.40 31.73
C VAL C 43 24.62 6.27 32.67
N ASN C 44 23.93 7.40 32.89
CA ASN C 44 22.72 7.47 33.69
C ASN C 44 21.68 6.47 33.19
N LEU C 45 20.95 5.87 34.13
CA LEU C 45 20.02 4.77 33.79
C LEU C 45 18.89 5.20 32.86
N GLU C 46 18.34 6.40 33.07
CA GLU C 46 17.28 6.94 32.22
C GLU C 46 17.81 7.29 30.83
N VAL C 47 18.99 7.93 30.80
CA VAL C 47 19.68 8.28 29.56
C VAL C 47 20.03 7.02 28.78
N ALA C 48 20.53 6.00 29.50
CA ALA C 48 20.84 4.69 28.92
C ALA C 48 19.61 3.99 28.36
N ARG C 49 18.46 4.21 29.00
CA ARG C 49 17.17 3.71 28.52
C ARG C 49 16.71 4.46 27.26
N ASP C 50 16.72 5.80 27.34
CA ASP C 50 16.39 6.66 26.20
C ASP C 50 17.27 6.41 24.99
N PHE C 51 18.57 6.18 25.22
CA PHE C 51 19.53 5.91 24.15
C PHE C 51 19.23 4.58 23.49
N VAL C 52 18.95 3.56 24.28
CA VAL C 52 18.70 2.23 23.75
C VAL C 52 17.33 2.14 23.01
N GLU C 53 16.39 3.02 23.36
CA GLU C 53 15.17 3.15 22.57
C GLU C 53 15.52 3.68 21.19
N ARG C 54 16.34 4.73 21.15
CA ARG C 54 16.82 5.34 19.91
C ARG C 54 17.50 4.29 19.03
N VAL C 55 18.34 3.47 19.65
CA VAL C 55 19.12 2.45 18.96
C VAL C 55 18.22 1.47 18.18
N ARG C 56 17.26 0.85 18.86
CA ARG C 56 16.39 -0.11 18.19
C ARG C 56 15.38 0.51 17.20
N GLU C 57 14.93 1.73 17.44
CA GLU C 57 14.14 2.45 16.44
C GLU C 57 14.96 2.53 15.14
N GLU C 58 16.27 2.79 15.32
CA GLU C 58 17.21 2.94 14.22
C GLU C 58 17.63 1.59 13.63
N ALA C 59 17.75 0.57 14.48
CA ALA C 59 18.13 -0.76 14.05
C ALA C 59 17.05 -1.36 13.16
N LEU C 60 15.80 -1.05 13.47
CA LEU C 60 14.66 -1.49 12.63
C LEU C 60 14.67 -0.78 11.28
N GLY C 61 15.19 0.45 11.25
CA GLY C 61 15.52 1.14 10.02
C GLY C 61 16.55 0.39 9.20
N LYS C 62 17.59 -0.13 9.86
CA LYS C 62 18.59 -0.98 9.22
C LYS C 62 17.99 -2.35 8.90
N GLN C 63 16.67 -2.46 9.03
CA GLN C 63 15.95 -3.71 8.85
C GLN C 63 16.72 -4.86 9.50
N VAL C 64 16.83 -4.78 10.83
CA VAL C 64 17.69 -5.68 11.62
C VAL C 64 17.10 -7.08 11.75
N LEU C 65 15.78 -7.17 11.64
CA LEU C 65 15.05 -8.40 11.93
C LEU C 65 15.17 -9.43 10.82
N GLU C 66 15.54 -8.97 9.62
CA GLU C 66 15.73 -9.87 8.47
C GLU C 66 17.21 -10.08 8.12
N SER C 67 18.09 -9.63 9.01
CA SER C 67 19.54 -9.73 8.81
C SER C 67 20.13 -11.03 9.34
N LEU C 68 21.07 -11.62 8.61
CA LEU C 68 21.65 -12.91 8.99
C LEU C 68 22.80 -12.78 9.99
N THR C 69 23.41 -11.60 10.05
CA THR C 69 24.45 -11.31 11.03
C THR C 69 24.04 -10.04 11.81
N PRO C 70 22.98 -10.14 12.63
CA PRO C 70 22.37 -8.98 13.29
C PRO C 70 23.27 -8.34 14.37
N ALA C 71 24.24 -9.10 14.87
CA ALA C 71 25.20 -8.59 15.83
C ALA C 71 25.90 -7.37 15.23
N GLU C 72 26.37 -7.53 14.00
CA GLU C 72 27.00 -6.44 13.25
C GLU C 72 26.08 -5.25 13.04
N VAL C 73 24.78 -5.50 12.90
CA VAL C 73 23.80 -4.43 12.67
C VAL C 73 23.53 -3.65 13.97
N ILE C 74 23.47 -4.39 15.08
CA ILE C 74 23.18 -3.81 16.38
C ILE C 74 24.43 -3.09 16.89
N LEU C 75 25.57 -3.77 16.85
CA LEU C 75 26.83 -3.15 17.24
C LEU C 75 27.07 -1.83 16.51
N ALA C 76 26.86 -1.84 15.18
CA ALA C 76 27.02 -0.67 14.33
C ALA C 76 26.03 0.46 14.64
N THR C 77 24.80 0.10 14.98
CA THR C 77 23.81 1.12 15.33
C THR C 77 24.25 1.84 16.60
N VAL C 78 24.71 1.07 17.58
CA VAL C 78 25.13 1.63 18.86
C VAL C 78 26.31 2.58 18.67
N TYR C 79 27.38 2.10 18.05
CA TYR C 79 28.56 2.91 17.75
C TYR C 79 28.21 4.25 17.10
N GLU C 80 27.41 4.21 16.05
CA GLU C 80 27.12 5.40 15.27
C GLU C 80 26.17 6.35 16.00
N ALA C 81 25.21 5.77 16.71
CA ALA C 81 24.29 6.53 17.56
C ALA C 81 25.04 7.15 18.74
N LEU C 82 25.99 6.39 19.31
CA LEU C 82 26.82 6.92 20.40
C LEU C 82 27.70 8.09 19.94
N LYS C 83 28.48 7.88 18.88
CA LYS C 83 29.30 8.93 18.26
C LYS C 83 28.46 10.17 17.98
N GLU C 84 27.29 9.98 17.39
CA GLU C 84 26.39 11.10 17.12
C GLU C 84 25.91 11.82 18.39
N ALA C 85 25.39 11.07 19.36
CA ALA C 85 24.84 11.66 20.57
C ALA C 85 25.92 12.40 21.40
N LEU C 86 27.19 12.04 21.18
CA LEU C 86 28.30 12.76 21.81
C LEU C 86 28.72 14.00 21.00
N GLY C 87 28.13 14.19 19.83
CA GLY C 87 28.39 15.38 19.01
C GLY C 87 28.82 15.10 17.58
N GLY C 88 29.11 13.83 17.27
CA GLY C 88 29.47 13.43 15.91
C GLY C 88 30.90 13.78 15.54
N GLU C 89 31.13 15.05 15.20
CA GLU C 89 32.50 15.52 14.94
C GLU C 89 32.95 16.50 16.02
N ALA C 90 34.26 16.59 16.22
CA ALA C 90 34.89 17.60 17.06
C ALA C 90 34.45 19.02 16.69
N ARG C 91 34.19 19.81 17.72
CA ARG C 91 33.72 21.17 17.54
C ARG C 91 34.31 22.04 18.64
N LEU C 92 34.95 23.13 18.22
CA LEU C 92 35.62 24.07 19.12
C LEU C 92 34.84 25.38 19.18
N PRO C 93 34.99 26.15 20.29
CA PRO C 93 34.25 27.41 20.40
C PRO C 93 34.57 28.40 19.27
N VAL C 94 33.55 29.13 18.83
CA VAL C 94 33.74 30.19 17.84
C VAL C 94 33.88 31.49 18.61
N LEU C 95 35.10 32.05 18.61
CA LEU C 95 35.39 33.23 19.42
C LEU C 95 34.96 34.52 18.73
N LYS C 96 34.76 35.55 19.56
CA LYS C 96 34.43 36.90 19.11
C LYS C 96 35.56 37.88 19.44
N ASP C 97 35.22 39.17 19.45
CA ASP C 97 36.15 40.25 19.71
C ASP C 97 36.30 40.43 21.23
N ARG C 98 35.17 40.49 21.94
CA ARG C 98 35.14 40.36 23.40
C ARG C 98 34.58 38.99 23.74
N ASN C 99 35.34 38.26 24.55
CA ASN C 99 34.89 36.97 25.04
C ASN C 99 35.00 36.92 26.56
N LEU C 100 33.93 36.50 27.20
CA LEU C 100 33.93 36.27 28.64
C LEU C 100 33.27 34.92 28.86
N TRP C 101 33.98 34.05 29.58
CA TRP C 101 33.53 32.69 29.84
C TRP C 101 33.48 32.46 31.35
N PHE C 102 32.47 31.72 31.77
CA PHE C 102 32.40 31.18 33.12
C PHE C 102 32.84 29.70 33.05
N LEU C 103 33.51 29.23 34.08
CA LEU C 103 33.69 27.81 34.28
C LEU C 103 32.93 27.43 35.54
N VAL C 104 32.00 26.50 35.37
CA VAL C 104 31.05 26.17 36.42
C VAL C 104 31.06 24.66 36.62
N GLY C 105 30.51 24.22 37.75
CA GLY C 105 30.38 22.81 38.05
C GLY C 105 30.51 22.44 39.50
N LEU C 106 30.72 21.16 39.75
CA LEU C 106 30.84 20.59 41.08
C LEU C 106 32.21 20.81 41.71
N GLN C 107 32.26 20.70 43.04
CA GLN C 107 33.51 20.76 43.80
C GLN C 107 34.62 19.84 43.29
N GLY C 108 35.77 20.43 42.99
CA GLY C 108 36.97 19.69 42.63
C GLY C 108 36.92 19.04 41.28
N SER C 109 36.05 19.51 40.38
CA SER C 109 35.93 18.88 39.07
C SER C 109 37.09 19.20 38.09
N GLY C 110 37.84 20.27 38.35
CA GLY C 110 38.94 20.71 37.47
C GLY C 110 38.88 22.11 36.88
N LYS C 111 38.04 22.99 37.47
CA LYS C 111 37.74 24.32 36.91
C LYS C 111 38.91 25.30 36.97
N THR C 112 39.60 25.38 38.11
CA THR C 112 40.77 26.25 38.21
C THR C 112 41.86 25.79 37.26
N THR C 113 42.09 24.48 37.22
CA THR C 113 43.12 23.93 36.39
C THR C 113 42.74 24.14 34.93
N THR C 114 41.49 23.87 34.58
CA THR C 114 41.04 24.07 33.20
C THR C 114 41.14 25.52 32.72
N ALA C 115 40.81 26.47 33.59
CA ALA C 115 40.94 27.90 33.28
C ALA C 115 42.36 28.22 32.79
N ALA C 116 43.37 27.75 33.52
CA ALA C 116 44.76 27.91 33.11
C ALA C 116 45.08 27.23 31.78
N LYS C 117 44.56 26.03 31.56
CA LYS C 117 44.73 25.32 30.29
C LYS C 117 44.16 26.13 29.14
N LEU C 118 42.96 26.66 29.34
CA LEU C 118 42.29 27.51 28.36
C LEU C 118 43.05 28.81 28.09
N ALA C 119 43.60 29.41 29.14
CA ALA C 119 44.41 30.60 28.97
C ALA C 119 45.67 30.26 28.12
N LEU C 120 46.41 29.20 28.51
CA LEU C 120 47.58 28.79 27.72
C LEU C 120 47.22 28.50 26.28
N TYR C 121 46.12 27.77 26.07
CA TYR C 121 45.71 27.32 24.75
C TYR C 121 45.36 28.48 23.82
N TYR C 122 44.69 29.47 24.36
CA TYR C 122 44.26 30.59 23.54
C TYR C 122 45.32 31.66 23.40
N LYS C 123 46.21 31.74 24.40
CA LYS C 123 47.40 32.55 24.29
C LYS C 123 48.16 32.19 23.03
N GLY C 124 48.46 30.91 22.85
CA GLY C 124 49.18 30.41 21.68
C GLY C 124 48.52 30.75 20.35
N LYS C 125 47.22 31.00 20.38
CA LYS C 125 46.42 31.33 19.19
C LYS C 125 46.32 32.84 19.00
N GLY C 126 47.02 33.59 19.86
CA GLY C 126 47.10 35.04 19.73
C GLY C 126 46.02 35.80 20.47
N ARG C 127 45.18 35.08 21.19
CA ARG C 127 44.26 35.72 22.09
C ARG C 127 45.06 36.26 23.28
N ARG C 128 44.47 37.22 23.98
CA ARG C 128 45.12 37.79 25.15
C ARG C 128 44.21 37.57 26.35
N PRO C 129 44.39 36.43 27.03
CA PRO C 129 43.47 36.08 28.13
C PRO C 129 43.69 36.86 29.44
N LEU C 130 42.63 36.93 30.22
CA LEU C 130 42.69 37.37 31.60
C LEU C 130 42.02 36.30 32.43
N LEU C 131 42.74 35.76 33.41
CA LEU C 131 42.16 34.85 34.39
C LEU C 131 41.53 35.63 35.54
N VAL C 132 40.35 35.21 35.96
CA VAL C 132 39.64 35.85 37.07
C VAL C 132 39.37 34.81 38.16
N ALA C 133 39.95 35.04 39.33
CA ALA C 133 39.80 34.13 40.46
C ALA C 133 38.64 34.56 41.35
N ALA C 134 37.45 34.03 41.03
CA ALA C 134 36.22 34.35 41.78
C ALA C 134 35.89 33.40 42.94
N ASP C 135 36.77 32.46 43.24
CA ASP C 135 36.55 31.56 44.40
C ASP C 135 37.23 32.17 45.62
N THR C 136 36.43 32.74 46.52
CA THR C 136 36.97 33.36 47.74
C THR C 136 36.85 32.48 48.98
N GLN C 137 36.19 31.32 48.85
CA GLN C 137 35.95 30.43 50.01
C GLN C 137 36.92 29.25 50.15
N ARG C 138 37.36 28.64 49.06
CA ARG C 138 38.37 27.56 49.16
C ARG C 138 39.74 28.17 49.49
N PRO C 139 40.37 27.70 50.59
CA PRO C 139 41.70 28.19 51.01
C PRO C 139 42.74 28.17 49.90
N ALA C 140 43.45 29.29 49.73
CA ALA C 140 44.49 29.45 48.70
C ALA C 140 44.03 29.30 47.25
N ALA C 141 42.73 29.48 47.00
CA ALA C 141 42.15 29.37 45.65
C ALA C 141 42.69 30.43 44.68
N ARG C 142 42.79 31.66 45.17
CA ARG C 142 43.25 32.77 44.34
C ARG C 142 44.74 32.67 44.05
N GLU C 143 45.53 32.31 45.06
CA GLU C 143 46.95 32.04 44.87
C GLU C 143 47.21 30.87 43.91
N GLN C 144 46.34 29.87 43.98
CA GLN C 144 46.41 28.74 43.05
C GLN C 144 46.26 29.23 41.61
N LEU C 145 45.29 30.11 41.36
CA LEU C 145 45.11 30.64 40.01
C LEU C 145 46.21 31.66 39.70
N ARG C 146 46.65 32.41 40.71
CA ARG C 146 47.81 33.29 40.58
C ARG C 146 49.09 32.56 40.15
N LEU C 147 49.41 31.47 40.83
CA LEU C 147 50.55 30.64 40.44
C LEU C 147 50.42 30.08 39.03
N LEU C 148 49.26 29.51 38.70
CA LEU C 148 49.06 28.99 37.34
C LEU C 148 49.26 30.06 36.26
N GLY C 149 48.72 31.27 36.51
CA GLY C 149 48.87 32.40 35.57
C GLY C 149 50.31 32.84 35.30
N GLU C 150 51.16 32.79 36.31
CA GLU C 150 52.58 33.18 36.16
C GLU C 150 53.25 32.16 35.27
N LYS C 151 52.96 30.89 35.55
CA LYS C 151 53.43 29.72 34.81
C LYS C 151 53.06 29.79 33.32
N VAL C 152 51.85 30.27 33.01
CA VAL C 152 51.43 30.31 31.59
C VAL C 152 51.60 31.69 30.90
N GLY C 153 51.98 32.72 31.67
CA GLY C 153 52.19 34.08 31.14
C GLY C 153 50.90 34.85 30.88
N VAL C 154 49.94 34.72 31.78
CA VAL C 154 48.64 35.34 31.65
C VAL C 154 48.29 35.99 33.00
N PRO C 155 47.92 37.28 33.00
CA PRO C 155 47.53 38.01 34.21
C PRO C 155 46.29 37.44 34.91
N VAL C 156 46.26 37.58 36.24
CA VAL C 156 45.18 37.06 37.07
C VAL C 156 44.59 38.15 37.99
N LEU C 157 43.33 38.49 37.74
CA LEU C 157 42.57 39.35 38.62
C LEU C 157 41.93 38.54 39.75
N GLU C 158 42.26 38.90 40.99
CA GLU C 158 41.81 38.20 42.17
C GLU C 158 40.66 38.95 42.85
N VAL C 159 39.50 38.28 42.95
CA VAL C 159 38.33 38.86 43.56
C VAL C 159 38.55 39.08 45.06
N MET C 160 38.23 40.27 45.54
CA MET C 160 38.35 40.58 46.96
C MET C 160 37.26 39.86 47.78
N ASP C 161 37.56 39.59 49.04
CA ASP C 161 36.56 39.05 49.95
C ASP C 161 35.35 39.98 50.05
N GLY C 162 34.17 39.38 49.90
CA GLY C 162 32.91 40.10 49.98
C GLY C 162 32.48 40.85 48.73
N GLU C 163 33.42 41.08 47.82
CA GLU C 163 33.18 41.86 46.59
C GLU C 163 31.89 41.46 45.85
N SER C 164 31.17 42.45 45.32
CA SER C 164 29.91 42.21 44.62
C SER C 164 30.15 41.97 43.13
N PRO C 165 29.16 41.37 42.43
CA PRO C 165 29.33 41.15 40.98
C PRO C 165 29.52 42.45 40.20
N GLU C 166 29.00 43.55 40.74
CA GLU C 166 29.07 44.85 40.06
C GLU C 166 30.49 45.43 40.17
N SER C 167 31.10 45.27 41.33
CA SER C 167 32.49 45.70 41.52
C SER C 167 33.46 44.75 40.81
N ILE C 168 33.06 43.48 40.69
CA ILE C 168 33.81 42.52 39.89
C ILE C 168 33.77 42.98 38.45
N ARG C 169 32.56 43.29 37.95
CA ARG C 169 32.39 43.78 36.57
C ARG C 169 33.23 45.03 36.35
N ARG C 170 33.19 45.95 37.32
N ARG C 170 33.19 45.96 37.31
CA ARG C 170 33.93 47.20 37.27
CA ARG C 170 33.95 47.21 37.21
C ARG C 170 35.41 46.95 36.97
C ARG C 170 35.42 46.90 36.92
N ARG C 171 36.05 46.16 37.84
CA ARG C 171 37.50 45.89 37.77
C ARG C 171 37.96 45.03 36.58
N VAL C 172 37.09 44.12 36.15
CA VAL C 172 37.38 43.24 35.01
C VAL C 172 37.39 44.05 33.72
N GLU C 173 36.32 44.82 33.50
CA GLU C 173 36.21 45.62 32.29
C GLU C 173 37.26 46.73 32.21
N GLU C 174 37.62 47.26 33.37
CA GLU C 174 38.75 48.20 33.52
C GLU C 174 40.08 47.54 33.07
N LYS C 175 40.52 46.50 33.78
CA LYS C 175 41.76 45.76 33.47
C LYS C 175 41.84 45.19 32.05
N ALA C 176 40.72 44.65 31.55
CA ALA C 176 40.65 44.11 30.19
C ALA C 176 40.79 45.20 29.14
N ARG C 177 40.16 46.35 29.40
CA ARG C 177 40.29 47.49 28.51
C ARG C 177 41.71 48.07 28.61
N LEU C 178 42.13 48.38 29.84
CA LEU C 178 43.48 48.93 30.05
C LEU C 178 44.62 48.06 29.47
N GLU C 179 44.38 46.77 29.24
CA GLU C 179 45.44 45.85 28.78
C GLU C 179 45.12 45.10 27.47
N ALA C 180 44.09 45.53 26.75
CA ALA C 180 43.64 44.86 25.51
C ALA C 180 43.52 43.33 25.66
N ARG C 181 42.78 42.91 26.67
CA ARG C 181 42.57 41.50 26.96
C ARG C 181 41.22 41.10 26.39
N ASP C 182 41.22 40.16 25.46
CA ASP C 182 40.00 39.75 24.72
C ASP C 182 39.41 38.38 25.12
N LEU C 183 40.02 37.70 26.09
CA LEU C 183 39.47 36.44 26.59
C LEU C 183 39.48 36.39 28.13
N ILE C 184 38.34 36.71 28.72
CA ILE C 184 38.19 36.72 30.17
C ILE C 184 37.68 35.34 30.57
N LEU C 185 38.45 34.68 31.42
CA LEU C 185 38.08 33.35 31.91
C LEU C 185 37.75 33.45 33.40
N VAL C 186 36.47 33.29 33.73
CA VAL C 186 36.05 33.39 35.12
C VAL C 186 35.95 32.02 35.80
N ASP C 187 36.83 31.81 36.75
CA ASP C 187 36.93 30.55 37.49
C ASP C 187 36.08 30.63 38.75
N THR C 188 34.92 29.97 38.73
CA THR C 188 33.94 30.08 39.83
C THR C 188 34.09 28.89 40.77
N ALA C 189 33.61 29.04 41.99
CA ALA C 189 33.72 27.96 42.97
C ALA C 189 32.78 26.82 42.63
N GLY C 190 33.26 25.59 42.82
CA GLY C 190 32.40 24.42 42.76
C GLY C 190 31.31 24.53 43.81
N ARG C 191 30.08 24.19 43.42
CA ARG C 191 28.91 24.25 44.28
C ARG C 191 27.98 23.08 43.91
N LEU C 192 27.18 22.64 44.88
CA LEU C 192 26.14 21.64 44.62
C LEU C 192 25.02 22.28 43.81
N GLN C 193 24.42 21.50 42.90
CA GLN C 193 23.33 22.00 42.05
C GLN C 193 22.03 22.25 42.84
N ILE C 194 21.96 21.72 44.05
CA ILE C 194 20.81 21.93 44.95
C ILE C 194 20.99 23.07 45.94
N ASP C 195 22.19 23.65 45.99
CA ASP C 195 22.41 24.78 46.89
C ASP C 195 21.83 26.06 46.29
N GLU C 196 20.59 26.38 46.67
CA GLU C 196 19.85 27.48 46.04
C GLU C 196 20.54 28.86 46.17
N PRO C 197 21.00 29.25 47.39
CA PRO C 197 21.71 30.53 47.48
C PRO C 197 22.92 30.62 46.56
N LEU C 198 23.75 29.56 46.54
CA LEU C 198 24.94 29.54 45.68
C LEU C 198 24.65 29.36 44.20
N MET C 199 23.60 28.61 43.87
CA MET C 199 23.16 28.55 42.47
C MET C 199 22.59 29.90 42.02
N GLY C 200 21.91 30.58 42.94
CA GLY C 200 21.49 31.97 42.72
C GLY C 200 22.66 32.92 42.51
N GLU C 201 23.66 32.84 43.40
CA GLU C 201 24.86 33.69 43.26
C GLU C 201 25.43 33.56 41.85
N LEU C 202 25.55 32.32 41.37
CA LEU C 202 26.08 32.05 40.04
C LEU C 202 25.20 32.64 38.96
N ALA C 203 23.88 32.43 39.10
CA ALA C 203 22.88 32.96 38.16
C ALA C 203 22.89 34.47 38.13
N ARG C 204 23.10 35.09 39.29
CA ARG C 204 23.19 36.55 39.37
C ARG C 204 24.48 37.04 38.72
N LEU C 205 25.60 36.37 39.01
CA LEU C 205 26.89 36.71 38.37
C LEU C 205 26.81 36.72 36.85
N LYS C 206 26.19 35.69 36.26
CA LYS C 206 25.96 35.65 34.82
C LYS C 206 25.22 36.89 34.34
N GLU C 207 24.10 37.21 35.00
CA GLU C 207 23.27 38.37 34.65
C GLU C 207 24.11 39.64 34.63
N VAL C 208 24.90 39.84 35.68
CA VAL C 208 25.76 41.03 35.84
C VAL C 208 26.95 41.08 34.87
N LEU C 209 27.56 39.93 34.57
CA LEU C 209 28.79 39.90 33.75
C LEU C 209 28.57 39.58 32.28
N GLY C 210 27.40 39.04 31.94
CA GLY C 210 27.07 38.62 30.57
C GLY C 210 28.09 37.76 29.86
N PRO C 211 28.35 36.54 30.39
CA PRO C 211 29.32 35.65 29.72
C PRO C 211 28.81 35.16 28.36
N ASP C 212 29.74 35.02 27.42
CA ASP C 212 29.44 34.50 26.08
C ASP C 212 29.42 32.98 26.08
N GLU C 213 30.13 32.36 27.02
CA GLU C 213 30.10 30.91 27.23
C GLU C 213 30.05 30.63 28.73
N VAL C 214 29.35 29.57 29.08
CA VAL C 214 29.26 29.08 30.44
C VAL C 214 29.56 27.61 30.34
N LEU C 215 30.78 27.25 30.72
CA LEU C 215 31.29 25.90 30.48
C LEU C 215 31.12 24.99 31.67
N LEU C 216 30.40 23.90 31.48
CA LEU C 216 30.20 22.94 32.57
C LEU C 216 31.37 21.96 32.62
N VAL C 217 32.19 22.13 33.65
CA VAL C 217 33.39 21.35 33.79
C VAL C 217 33.03 20.11 34.56
N LEU C 218 33.01 18.99 33.85
CA LEU C 218 32.54 17.72 34.38
C LEU C 218 33.70 16.75 34.51
N ASP C 219 33.75 16.08 35.65
CA ASP C 219 34.80 15.11 35.96
C ASP C 219 34.47 13.81 35.19
N ALA C 220 35.45 13.28 34.44
CA ALA C 220 35.23 11.99 33.73
C ALA C 220 34.68 10.85 34.60
N MET C 221 35.01 10.82 35.89
CA MET C 221 34.55 9.72 36.79
C MET C 221 33.20 9.96 37.45
N THR C 222 32.53 11.06 37.08
CA THR C 222 31.21 11.35 37.61
C THR C 222 30.24 10.22 37.24
N GLY C 223 29.38 9.86 38.19
CA GLY C 223 28.42 8.77 38.02
C GLY C 223 27.03 9.24 37.64
N GLN C 224 26.01 8.58 38.21
CA GLN C 224 24.59 8.74 37.84
C GLN C 224 24.03 10.15 37.98
N GLU C 225 24.58 10.93 38.90
CA GLU C 225 24.09 12.30 39.18
C GLU C 225 24.38 13.28 38.05
N ALA C 226 25.21 12.84 37.09
CA ALA C 226 25.58 13.66 35.94
C ALA C 226 24.37 14.25 35.25
N LEU C 227 23.36 13.41 34.98
CA LEU C 227 22.13 13.90 34.33
C LEU C 227 21.54 15.03 35.14
N SER C 228 21.28 14.77 36.41
CA SER C 228 20.67 15.74 37.32
C SER C 228 21.48 17.03 37.56
N VAL C 229 22.80 16.91 37.64
CA VAL C 229 23.70 18.07 37.79
C VAL C 229 23.70 18.96 36.54
N ALA C 230 23.87 18.35 35.38
CA ALA C 230 23.90 19.08 34.11
C ALA C 230 22.59 19.84 33.84
N ARG C 231 21.46 19.16 34.06
CA ARG C 231 20.10 19.76 33.96
C ARG C 231 19.96 21.03 34.82
N ALA C 232 20.25 20.90 36.11
CA ALA C 232 20.14 22.01 37.07
C ALA C 232 21.06 23.19 36.76
N PHE C 233 22.34 22.93 36.45
CA PHE C 233 23.24 23.98 36.00
C PHE C 233 22.74 24.69 34.75
N ASP C 234 22.09 23.91 33.87
CA ASP C 234 21.58 24.41 32.59
C ASP C 234 20.29 25.23 32.76
N GLU C 235 19.37 24.74 33.59
CA GLU C 235 18.13 25.47 33.87
C GLU C 235 18.35 26.71 34.73
N LYS C 236 19.32 26.64 35.66
CA LYS C 236 19.56 27.75 36.61
C LYS C 236 20.52 28.82 36.11
N VAL C 237 21.45 28.44 35.23
CA VAL C 237 22.47 29.37 34.74
C VAL C 237 22.46 29.44 33.22
N GLY C 238 22.41 28.27 32.57
CA GLY C 238 22.42 28.21 31.11
C GLY C 238 23.81 27.92 30.59
N VAL C 239 24.09 26.62 30.46
CA VAL C 239 25.37 26.06 30.02
C VAL C 239 25.44 26.09 28.49
N THR C 240 26.54 26.57 27.93
CA THR C 240 26.70 26.65 26.46
C THR C 240 27.68 25.61 25.92
N GLY C 241 28.37 24.93 26.83
CA GLY C 241 29.35 23.91 26.47
C GLY C 241 29.87 23.10 27.64
N LEU C 242 30.72 22.14 27.36
CA LEU C 242 31.26 21.27 28.40
C LEU C 242 32.77 21.02 28.26
N VAL C 243 33.39 20.72 29.40
CA VAL C 243 34.78 20.29 29.44
C VAL C 243 34.77 19.03 30.28
N LEU C 244 35.37 17.97 29.73
CA LEU C 244 35.47 16.67 30.38
C LEU C 244 36.90 16.44 30.86
N THR C 245 37.10 16.42 32.18
CA THR C 245 38.42 16.43 32.81
C THR C 245 38.84 15.05 33.27
N LYS C 246 40.15 14.86 33.48
CA LYS C 246 40.68 13.62 34.08
C LYS C 246 40.50 12.38 33.16
N LEU C 247 40.50 12.61 31.86
CA LEU C 247 40.38 11.56 30.87
C LEU C 247 41.67 10.73 30.71
N ASP C 248 42.75 11.21 31.30
CA ASP C 248 43.96 10.41 31.46
C ASP C 248 43.75 9.28 32.47
N GLY C 249 42.60 9.30 33.17
CA GLY C 249 42.18 8.19 34.05
C GLY C 249 41.55 7.07 33.24
N ASP C 250 41.04 6.04 33.90
CA ASP C 250 40.40 4.91 33.17
C ASP C 250 38.88 4.77 33.37
N ALA C 251 38.27 5.77 34.00
CA ALA C 251 36.83 5.91 33.98
C ALA C 251 36.35 6.03 32.54
N ARG C 252 35.24 5.35 32.27
CA ARG C 252 34.70 5.21 30.93
C ARG C 252 34.22 6.53 30.37
N GLY C 253 33.71 7.39 31.24
CA GLY C 253 33.20 8.71 30.85
C GLY C 253 31.75 8.78 30.40
N GLY C 254 30.93 7.83 30.83
CA GLY C 254 29.50 7.83 30.50
C GLY C 254 28.72 9.09 30.88
N ALA C 255 29.16 9.78 31.93
CA ALA C 255 28.53 11.02 32.39
C ALA C 255 28.46 12.08 31.28
N ALA C 256 29.34 11.96 30.29
CA ALA C 256 29.37 12.88 29.16
C ALA C 256 28.16 12.70 28.26
N LEU C 257 27.72 11.45 28.10
CA LEU C 257 26.49 11.17 27.38
C LEU C 257 25.28 11.74 28.13
N SER C 258 25.20 11.47 29.43
CA SER C 258 24.17 12.07 30.32
C SER C 258 24.08 13.59 30.20
N ALA C 259 25.21 14.26 30.41
CA ALA C 259 25.29 15.71 30.37
C ALA C 259 24.78 16.27 29.06
N ARG C 260 25.24 15.69 27.95
CA ARG C 260 24.95 16.22 26.63
C ARG C 260 23.54 15.87 26.20
N HIS C 261 23.09 14.67 26.56
CA HIS C 261 21.74 14.23 26.29
C HIS C 261 20.68 15.19 26.86
N VAL C 262 20.93 15.73 28.06
CA VAL C 262 19.95 16.62 28.71
C VAL C 262 20.13 18.10 28.34
N THR C 263 21.33 18.51 27.96
CA THR C 263 21.57 19.90 27.60
C THR C 263 21.60 20.13 26.09
N GLY C 264 22.08 19.13 25.33
CA GLY C 264 22.27 19.24 23.89
C GLY C 264 23.42 20.17 23.55
N LYS C 265 24.33 20.38 24.50
CA LYS C 265 25.47 21.28 24.30
C LYS C 265 26.75 20.57 23.88
N PRO C 266 27.59 21.26 23.09
CA PRO C 266 28.89 20.71 22.70
C PRO C 266 29.86 20.44 23.86
N ILE C 267 30.60 19.33 23.75
CA ILE C 267 31.73 19.08 24.63
C ILE C 267 32.92 19.55 23.81
N TYR C 268 33.40 20.75 24.13
CA TYR C 268 34.48 21.36 23.37
C TYR C 268 35.84 20.73 23.67
N PHE C 269 36.15 20.49 24.95
CA PHE C 269 37.50 20.09 25.33
C PHE C 269 37.62 18.86 26.22
N ALA C 270 38.73 18.15 26.08
CA ALA C 270 39.13 17.08 27.01
C ALA C 270 40.30 17.53 27.88
N GLY C 271 40.24 17.21 29.16
CA GLY C 271 41.38 17.38 30.07
C GLY C 271 42.11 16.07 30.18
N VAL C 272 43.44 16.12 29.98
CA VAL C 272 44.22 14.90 29.87
C VAL C 272 45.50 14.85 30.72
N SER C 273 45.66 15.82 31.64
CA SER C 273 46.76 15.83 32.63
C SER C 273 46.51 16.98 33.62
N GLU C 274 47.32 17.05 34.67
CA GLU C 274 47.27 18.13 35.66
C GLU C 274 47.96 19.41 35.19
N LYS C 275 48.84 19.28 34.19
CA LYS C 275 49.65 20.39 33.66
C LYS C 275 48.87 21.23 32.66
N PRO C 276 49.26 22.51 32.47
CA PRO C 276 48.51 23.41 31.59
C PRO C 276 48.48 23.00 30.12
N GLU C 277 49.48 22.24 29.68
CA GLU C 277 49.51 21.67 28.33
C GLU C 277 48.45 20.57 28.09
N GLY C 278 47.85 20.03 29.15
CA GLY C 278 47.02 18.82 29.06
C GLY C 278 45.56 19.05 28.66
N LEU C 279 45.39 19.70 27.51
CA LEU C 279 44.09 19.99 26.97
C LEU C 279 44.04 19.55 25.51
N GLU C 280 42.98 18.86 25.14
CA GLU C 280 42.80 18.43 23.77
C GLU C 280 41.42 18.81 23.33
N PRO C 281 41.20 18.95 22.01
CA PRO C 281 39.82 18.98 21.55
C PRO C 281 39.14 17.66 21.90
N PHE C 282 37.85 17.70 22.14
CA PHE C 282 37.09 16.50 22.43
C PHE C 282 36.66 15.84 21.11
N TYR C 283 36.81 14.53 21.05
CA TYR C 283 36.50 13.75 19.85
C TYR C 283 35.40 12.74 20.16
N PRO C 284 34.15 13.03 19.73
CA PRO C 284 33.02 12.15 20.02
C PRO C 284 33.30 10.67 19.66
N GLU C 285 33.92 10.43 18.50
CA GLU C 285 34.32 9.08 18.11
C GLU C 285 35.17 8.37 19.18
N ARG C 286 36.22 9.03 19.67
N ARG C 286 36.22 9.03 19.66
CA ARG C 286 37.12 8.40 20.65
CA ARG C 286 37.13 8.47 20.66
C ARG C 286 36.47 8.06 21.99
C ARG C 286 36.44 8.05 21.95
N LEU C 287 35.53 8.89 22.45
CA LEU C 287 34.80 8.61 23.69
C LEU C 287 33.76 7.50 23.49
N ALA C 288 33.18 7.44 22.29
CA ALA C 288 32.28 6.37 21.90
C ALA C 288 32.96 5.02 22.04
N GLY C 289 34.18 4.92 21.51
CA GLY C 289 34.98 3.72 21.66
C GLY C 289 35.41 3.50 23.09
N ARG C 290 35.71 4.60 23.79
CA ARG C 290 36.05 4.51 25.21
C ARG C 290 34.88 4.00 26.07
N ILE C 291 33.69 4.55 25.86
CA ILE C 291 32.50 4.11 26.57
C ILE C 291 32.19 2.61 26.33
N LEU C 292 32.30 2.18 25.07
CA LEU C 292 32.04 0.81 24.69
C LEU C 292 33.25 -0.08 24.97
N GLY C 293 34.35 0.55 25.41
CA GLY C 293 35.54 -0.18 25.83
C GLY C 293 35.35 -0.81 27.20
N ALA D 1 -20.33 14.58 -3.86
CA ALA D 1 -20.59 13.48 -4.82
C ALA D 1 -19.51 13.42 -5.90
N ILE D 2 -19.62 12.44 -6.80
CA ILE D 2 -18.76 12.36 -8.00
C ILE D 2 -19.37 13.26 -9.08
N PRO D 3 -18.62 14.28 -9.52
CA PRO D 3 -19.06 15.18 -10.59
C PRO D 3 -18.95 14.53 -11.97
N TRP D 4 -19.99 13.77 -12.34
CA TRP D 4 -20.11 13.24 -13.70
C TRP D 4 -20.34 14.42 -14.63
N GLY D 5 -19.88 14.30 -15.87
CA GLY D 5 -20.01 15.40 -16.80
C GLY D 5 -18.87 16.40 -16.70
N GLY D 6 -18.05 16.26 -15.67
CA GLY D 6 -16.75 16.94 -15.61
C GLY D 6 -15.82 16.33 -16.64
N ASN D 7 -14.64 16.93 -16.81
CA ASN D 7 -13.60 16.40 -17.68
C ASN D 7 -13.15 14.99 -17.26
N LEU D 8 -12.80 14.14 -18.22
CA LEU D 8 -12.40 12.75 -17.94
C LEU D 8 -11.55 12.60 -16.66
N GLU D 9 -10.42 13.31 -16.62
CA GLU D 9 -9.45 13.21 -15.52
C GLU D 9 -10.03 13.49 -14.13
N GLU D 10 -10.94 14.44 -14.05
CA GLU D 10 -11.56 14.78 -12.78
C GLU D 10 -12.57 13.69 -12.36
N VAL D 11 -13.26 13.12 -13.34
CA VAL D 11 -14.23 12.04 -13.12
C VAL D 11 -13.54 10.79 -12.58
N LEU D 12 -12.47 10.35 -13.24
CA LEU D 12 -11.71 9.18 -12.81
C LEU D 12 -11.00 9.40 -11.49
N GLU D 13 -10.58 10.64 -11.24
CA GLU D 13 -9.90 10.97 -10.01
C GLU D 13 -10.89 10.86 -8.85
N GLU D 14 -12.11 11.34 -9.07
CA GLU D 14 -13.15 11.28 -8.05
C GLU D 14 -13.68 9.88 -7.84
N LEU D 15 -13.74 9.08 -8.91
CA LEU D 15 -14.19 7.70 -8.84
C LEU D 15 -13.22 6.85 -8.03
N GLU D 16 -11.92 7.05 -8.27
CA GLU D 16 -10.86 6.41 -7.47
C GLU D 16 -11.02 6.68 -5.99
N MET D 17 -11.20 7.96 -5.64
CA MET D 17 -11.31 8.35 -4.24
C MET D 17 -12.63 7.90 -3.62
N ALA D 18 -13.65 7.71 -4.47
CA ALA D 18 -14.95 7.17 -4.05
C ALA D 18 -14.87 5.69 -3.68
N LEU D 19 -14.29 4.89 -4.58
CA LEU D 19 -14.14 3.47 -4.32
C LEU D 19 -13.23 3.21 -3.12
N LEU D 20 -12.16 4.00 -3.00
CA LEU D 20 -11.25 3.88 -1.87
C LEU D 20 -11.92 4.29 -0.55
N ALA D 21 -12.74 5.34 -0.58
CA ALA D 21 -13.47 5.76 0.59
C ALA D 21 -14.57 4.74 0.90
N ALA D 22 -15.09 4.08 -0.13
CA ALA D 22 -16.05 3.01 0.07
C ALA D 22 -15.42 1.70 0.57
N ASP D 23 -14.09 1.69 0.77
CA ASP D 23 -13.36 0.51 1.27
C ASP D 23 -13.18 -0.60 0.22
N VAL D 24 -13.42 -0.28 -1.06
CA VAL D 24 -13.22 -1.24 -2.16
C VAL D 24 -11.79 -1.78 -2.27
N GLY D 25 -10.82 -1.05 -1.76
CA GLY D 25 -9.42 -1.52 -1.73
C GLY D 25 -8.59 -1.06 -2.91
N LEU D 26 -7.27 -1.07 -2.74
CA LEU D 26 -6.32 -0.58 -3.75
C LEU D 26 -6.29 -1.45 -5.00
N SER D 27 -6.08 -2.74 -4.79
CA SER D 27 -6.09 -3.72 -5.87
C SER D 27 -7.34 -3.62 -6.77
N ALA D 28 -8.53 -3.80 -6.19
CA ALA D 28 -9.77 -3.79 -6.98
C ALA D 28 -10.05 -2.44 -7.62
N THR D 29 -9.70 -1.36 -6.90
CA THR D 29 -9.88 -0.01 -7.43
C THR D 29 -9.01 0.17 -8.68
N GLU D 30 -7.79 -0.36 -8.63
CA GLU D 30 -6.88 -0.35 -9.77
C GLU D 30 -7.44 -1.16 -10.95
N GLU D 31 -7.90 -2.37 -10.67
CA GLU D 31 -8.63 -3.20 -11.64
C GLU D 31 -9.73 -2.39 -12.36
N ILE D 32 -10.65 -1.83 -11.58
CA ILE D 32 -11.80 -1.10 -12.16
C ILE D 32 -11.38 0.12 -13.00
N LEU D 33 -10.49 0.94 -12.46
CA LEU D 33 -10.05 2.16 -13.14
C LEU D 33 -9.28 1.95 -14.45
N GLN D 34 -8.48 0.89 -14.52
N GLN D 34 -8.48 0.89 -14.51
CA GLN D 34 -7.79 0.55 -15.77
CA GLN D 34 -7.79 0.51 -15.74
C GLN D 34 -8.75 0.27 -16.91
C GLN D 34 -8.78 0.30 -16.88
N GLU D 35 -9.77 -0.55 -16.62
CA GLU D 35 -10.72 -0.97 -17.62
C GLU D 35 -11.71 0.12 -18.00
N VAL D 36 -12.09 0.96 -17.05
CA VAL D 36 -12.90 2.15 -17.36
C VAL D 36 -12.10 3.13 -18.23
N ARG D 37 -10.81 3.29 -17.92
CA ARG D 37 -9.87 4.07 -18.72
C ARG D 37 -9.66 3.46 -20.12
N ALA D 38 -9.58 2.12 -20.19
CA ALA D 38 -9.33 1.42 -21.45
C ALA D 38 -10.54 1.41 -22.37
N SER D 39 -11.68 0.95 -21.85
CA SER D 39 -12.91 0.81 -22.65
C SER D 39 -13.44 2.12 -23.24
N GLY D 40 -12.83 3.24 -22.83
CA GLY D 40 -13.07 4.57 -23.39
C GLY D 40 -14.50 4.89 -23.76
N ARG D 41 -15.31 5.21 -22.76
CA ARG D 41 -16.71 5.54 -23.00
C ARG D 41 -17.07 6.92 -22.45
N LYS D 42 -17.84 7.69 -23.22
CA LYS D 42 -18.26 9.03 -22.80
C LYS D 42 -19.21 8.95 -21.61
N ASP D 43 -20.11 7.97 -21.67
CA ASP D 43 -21.05 7.67 -20.59
C ASP D 43 -20.34 6.94 -19.45
N LEU D 44 -19.42 7.63 -18.81
CA LEU D 44 -18.65 7.11 -17.68
C LEU D 44 -19.57 6.58 -16.59
N LYS D 45 -20.65 7.33 -16.33
CA LYS D 45 -21.64 6.94 -15.31
C LYS D 45 -22.22 5.55 -15.62
N GLU D 46 -22.79 5.39 -16.82
CA GLU D 46 -23.36 4.11 -17.23
C GLU D 46 -22.35 2.98 -17.40
N ALA D 47 -21.11 3.32 -17.77
CA ALA D 47 -20.06 2.33 -18.02
C ALA D 47 -19.54 1.70 -16.74
N VAL D 48 -19.33 2.54 -15.73
CA VAL D 48 -18.85 2.12 -14.40
C VAL D 48 -19.92 1.28 -13.68
N LYS D 49 -21.14 1.82 -13.66
CA LYS D 49 -22.28 1.17 -13.03
C LYS D 49 -22.48 -0.26 -13.59
N GLU D 50 -22.42 -0.39 -14.92
CA GLU D 50 -22.48 -1.69 -15.60
C GLU D 50 -21.43 -2.68 -15.14
N LYS D 51 -20.20 -2.21 -14.92
CA LYS D 51 -19.09 -3.07 -14.55
C LYS D 51 -19.16 -3.48 -13.09
N LEU D 52 -19.43 -2.52 -12.21
CA LEU D 52 -19.63 -2.76 -10.79
C LEU D 52 -20.79 -3.72 -10.54
N VAL D 53 -21.96 -3.40 -11.11
CA VAL D 53 -23.10 -4.32 -11.05
C VAL D 53 -22.70 -5.69 -11.54
N GLY D 54 -21.80 -5.72 -12.54
CA GLY D 54 -21.30 -6.95 -13.15
C GLY D 54 -20.47 -7.87 -12.27
N MET D 55 -19.60 -7.31 -11.43
CA MET D 55 -18.85 -8.12 -10.46
C MET D 55 -19.82 -8.76 -9.47
N LEU D 56 -20.79 -7.95 -9.02
CA LEU D 56 -21.74 -8.31 -7.99
C LEU D 56 -22.94 -9.08 -8.54
N GLU D 57 -22.73 -9.78 -9.65
CA GLU D 57 -23.77 -10.56 -10.30
C GLU D 57 -23.25 -11.91 -10.77
N PRO D 58 -23.86 -13.01 -10.29
CA PRO D 58 -23.47 -14.37 -10.69
C PRO D 58 -24.34 -14.86 -11.85
N ASP D 59 -24.71 -13.93 -12.73
CA ASP D 59 -25.86 -14.11 -13.61
C ASP D 59 -25.80 -13.11 -14.74
N GLU D 60 -25.55 -13.57 -15.96
CA GLU D 60 -25.52 -12.65 -17.11
C GLU D 60 -26.93 -12.36 -17.64
N ARG D 61 -27.88 -13.26 -17.38
CA ARG D 61 -29.25 -13.14 -17.90
C ARG D 61 -29.91 -11.82 -17.54
N ARG D 62 -29.76 -11.39 -16.29
CA ARG D 62 -30.29 -10.12 -15.85
C ARG D 62 -29.61 -8.96 -16.60
N ALA D 63 -28.30 -9.06 -16.78
CA ALA D 63 -27.55 -8.07 -17.58
C ALA D 63 -28.00 -8.04 -19.04
N THR D 64 -28.21 -9.23 -19.61
CA THR D 64 -28.72 -9.39 -20.97
C THR D 64 -30.06 -8.68 -21.17
N LEU D 65 -30.98 -8.89 -20.22
CA LEU D 65 -32.30 -8.28 -20.29
C LEU D 65 -32.22 -6.78 -20.05
N ARG D 66 -31.33 -6.38 -19.14
CA ARG D 66 -31.03 -4.98 -18.89
C ARG D 66 -30.60 -4.28 -20.18
N LYS D 67 -29.53 -4.79 -20.80
CA LYS D 67 -28.97 -4.17 -22.01
C LYS D 67 -29.84 -4.36 -23.27
N LEU D 68 -30.77 -5.32 -23.21
CA LEU D 68 -31.79 -5.43 -24.25
C LEU D 68 -32.96 -4.45 -24.03
N GLY D 69 -32.91 -3.72 -22.92
CA GLY D 69 -33.87 -2.66 -22.63
C GLY D 69 -35.21 -3.14 -22.08
N PHE D 70 -35.20 -4.33 -21.46
CA PHE D 70 -36.39 -4.90 -20.85
C PHE D 70 -36.58 -4.39 -19.41
N GLN D 73 -37.14 -6.87 -16.07
CA GLN D 73 -36.98 -6.43 -14.68
C GLN D 73 -37.92 -7.21 -13.75
N LYS D 74 -37.34 -8.05 -12.88
CA LYS D 74 -38.11 -8.91 -11.95
C LYS D 74 -37.29 -9.21 -10.69
N PRO D 75 -37.96 -9.45 -9.54
CA PRO D 75 -37.32 -9.66 -8.23
C PRO D 75 -37.11 -11.14 -7.77
N LYS D 76 -38.16 -11.76 -7.23
CA LYS D 76 -38.20 -13.20 -6.85
C LYS D 76 -37.45 -13.53 -5.54
N PRO D 77 -38.17 -14.09 -4.54
CA PRO D 77 -37.63 -14.33 -3.19
C PRO D 77 -36.44 -15.29 -3.16
N VAL D 78 -35.51 -15.07 -2.23
CA VAL D 78 -34.32 -15.92 -2.07
C VAL D 78 -34.71 -17.25 -1.44
N GLU D 79 -34.47 -18.34 -2.16
CA GLU D 79 -34.71 -19.67 -1.65
C GLU D 79 -33.37 -20.28 -1.25
N PRO D 80 -33.24 -20.72 0.02
CA PRO D 80 -32.05 -21.53 0.31
C PRO D 80 -32.17 -22.87 -0.41
N LYS D 81 -31.02 -23.43 -0.81
CA LYS D 81 -31.00 -24.68 -1.59
C LYS D 81 -31.44 -25.95 -0.83
N GLY D 82 -31.35 -25.93 0.49
CA GLY D 82 -31.68 -27.08 1.34
C GLY D 82 -32.41 -26.61 2.58
N ARG D 83 -32.41 -27.44 3.62
CA ARG D 83 -33.14 -27.12 4.86
C ARG D 83 -32.29 -26.50 5.99
N VAL D 84 -30.97 -26.70 5.95
CA VAL D 84 -30.08 -26.19 6.97
C VAL D 84 -29.21 -25.04 6.41
N VAL D 85 -29.33 -23.86 7.01
CA VAL D 85 -28.44 -22.74 6.73
C VAL D 85 -27.54 -22.52 7.93
N LEU D 86 -26.22 -22.67 7.73
CA LEU D 86 -25.24 -22.50 8.78
C LEU D 86 -24.65 -21.11 8.67
N VAL D 87 -24.73 -20.34 9.76
CA VAL D 87 -24.38 -18.93 9.74
C VAL D 87 -23.03 -18.72 10.45
N VAL D 88 -22.06 -18.16 9.72
CA VAL D 88 -20.68 -18.02 10.21
C VAL D 88 -20.11 -16.61 10.03
N GLY D 89 -19.02 -16.32 10.74
CA GLY D 89 -18.37 -15.02 10.75
C GLY D 89 -17.71 -14.70 12.09
N VAL D 90 -16.99 -13.58 12.13
CA VAL D 90 -16.28 -13.08 13.30
C VAL D 90 -17.21 -12.39 14.37
N ASN D 91 -16.59 -11.74 15.35
CA ASN D 91 -17.32 -11.27 16.52
C ASN D 91 -18.07 -9.94 16.35
N GLY D 92 -19.34 -9.97 16.77
CA GLY D 92 -20.22 -8.79 16.80
C GLY D 92 -20.71 -8.34 15.43
N VAL D 93 -20.54 -9.17 14.40
CA VAL D 93 -20.92 -8.78 13.02
C VAL D 93 -22.44 -8.77 12.77
N GLY D 94 -23.20 -9.46 13.58
CA GLY D 94 -24.65 -9.50 13.38
C GLY D 94 -25.28 -10.85 13.06
N LYS D 95 -24.57 -11.96 13.35
CA LYS D 95 -25.05 -13.30 12.98
C LYS D 95 -26.37 -13.67 13.65
N THR D 96 -26.48 -13.41 14.96
CA THR D 96 -27.68 -13.70 15.74
C THR D 96 -28.85 -12.81 15.34
N THR D 97 -28.57 -11.52 15.19
CA THR D 97 -29.59 -10.55 14.80
C THR D 97 -30.10 -10.90 13.39
N THR D 98 -29.18 -11.33 12.53
CA THR D 98 -29.47 -11.66 11.14
C THR D 98 -30.32 -12.93 11.04
N ILE D 99 -30.01 -13.94 11.84
CA ILE D 99 -30.83 -15.16 11.90
C ILE D 99 -32.28 -14.82 12.28
N ALA D 100 -32.45 -13.91 13.23
CA ALA D 100 -33.79 -13.49 13.59
C ALA D 100 -34.51 -12.83 12.41
N LYS D 101 -33.78 -12.04 11.63
CA LYS D 101 -34.36 -11.39 10.45
C LYS D 101 -34.71 -12.41 9.37
N LEU D 102 -33.89 -13.44 9.23
CA LEU D 102 -34.16 -14.49 8.27
C LEU D 102 -35.42 -15.22 8.67
N GLY D 103 -35.54 -15.55 9.96
CA GLY D 103 -36.75 -16.14 10.50
C GLY D 103 -38.00 -15.33 10.23
N ARG D 104 -37.94 -14.01 10.43
CA ARG D 104 -39.05 -13.13 10.09
C ARG D 104 -39.33 -13.14 8.57
N TYR D 105 -38.26 -13.17 7.79
CA TYR D 105 -38.36 -13.11 6.33
C TYR D 105 -39.05 -14.37 5.80
N TYR D 106 -38.62 -15.54 6.28
CA TYR D 106 -39.19 -16.84 5.86
C TYR D 106 -40.54 -17.22 6.48
N GLN D 107 -40.78 -16.86 7.74
CA GLN D 107 -42.14 -16.99 8.31
C GLN D 107 -43.17 -16.13 7.54
N ASN D 108 -42.75 -14.95 7.04
CA ASN D 108 -43.59 -14.14 6.15
C ASN D 108 -43.86 -14.82 4.79
N LEU D 109 -42.98 -15.73 4.38
CA LEU D 109 -43.23 -16.52 3.17
C LEU D 109 -43.89 -17.87 3.49
N GLY D 110 -44.25 -18.07 4.76
CA GLY D 110 -45.02 -19.23 5.16
C GLY D 110 -44.23 -20.48 5.51
N LYS D 111 -42.89 -20.37 5.61
CA LYS D 111 -42.05 -21.52 5.98
C LYS D 111 -42.08 -21.80 7.48
N LYS D 112 -41.85 -23.05 7.85
CA LYS D 112 -41.67 -23.48 9.24
C LYS D 112 -40.18 -23.39 9.52
N VAL D 113 -39.83 -22.48 10.42
CA VAL D 113 -38.47 -22.11 10.69
C VAL D 113 -38.05 -22.48 12.12
N MET D 114 -36.85 -23.01 12.26
CA MET D 114 -36.32 -23.34 13.56
C MET D 114 -34.98 -22.66 13.66
N PHE D 115 -34.61 -22.25 14.87
CA PHE D 115 -33.27 -21.73 15.17
C PHE D 115 -32.51 -22.71 16.05
N CYS D 116 -31.22 -22.85 15.76
CA CYS D 116 -30.28 -23.48 16.64
C CYS D 116 -29.42 -22.38 17.23
N ALA D 117 -29.46 -22.26 18.55
CA ALA D 117 -28.72 -21.24 19.29
C ALA D 117 -27.31 -21.72 19.55
N GLY D 118 -26.51 -21.82 18.49
CA GLY D 118 -25.20 -22.46 18.56
C GLY D 118 -24.05 -21.67 19.15
N ASP D 119 -24.28 -20.42 19.55
CA ASP D 119 -23.27 -19.68 20.35
C ASP D 119 -23.37 -20.10 21.83
N THR D 120 -22.62 -21.14 22.17
CA THR D 120 -22.59 -21.66 23.53
C THR D 120 -21.35 -21.14 24.26
N PHE D 121 -20.66 -20.19 23.66
CA PHE D 121 -19.49 -19.59 24.32
C PHE D 121 -19.75 -18.28 25.04
N ARG D 122 -20.32 -17.31 24.33
CA ARG D 122 -20.39 -15.95 24.84
C ARG D 122 -21.51 -15.82 25.86
N ALA D 123 -21.28 -15.06 26.93
CA ALA D 123 -22.32 -14.79 27.94
C ALA D 123 -23.61 -14.37 27.27
N ALA D 124 -24.72 -15.00 27.66
CA ALA D 124 -26.04 -14.79 27.03
C ALA D 124 -26.07 -15.03 25.51
N GLY D 125 -25.02 -15.66 24.99
CA GLY D 125 -24.90 -15.94 23.55
C GLY D 125 -26.08 -16.71 22.98
N GLY D 126 -26.60 -17.63 23.79
CA GLY D 126 -27.75 -18.45 23.40
C GLY D 126 -29.07 -17.82 23.79
N THR D 127 -29.11 -17.27 24.99
CA THR D 127 -30.28 -16.54 25.48
C THR D 127 -30.72 -15.45 24.50
N GLN D 128 -29.77 -14.75 23.90
CA GLN D 128 -30.06 -13.69 22.96
C GLN D 128 -30.95 -14.18 21.82
N LEU D 129 -30.60 -15.31 21.21
CA LEU D 129 -31.39 -15.91 20.12
C LEU D 129 -32.73 -16.46 20.63
N SER D 130 -32.68 -16.99 21.85
CA SER D 130 -33.88 -17.39 22.58
C SER D 130 -34.90 -16.26 22.69
N GLU D 131 -34.43 -15.06 23.03
CA GLU D 131 -35.32 -13.92 23.12
C GLU D 131 -36.00 -13.60 21.77
N TRP D 132 -35.24 -13.69 20.70
CA TRP D 132 -35.78 -13.50 19.36
C TRP D 132 -36.77 -14.59 18.97
N GLY D 133 -36.47 -15.84 19.32
CA GLY D 133 -37.38 -16.95 19.05
C GLY D 133 -38.74 -16.70 19.68
N LYS D 134 -38.73 -16.26 20.95
CA LYS D 134 -39.95 -15.87 21.67
C LYS D 134 -40.75 -14.77 20.98
N ARG D 135 -40.05 -13.75 20.51
N ARG D 135 -40.06 -13.73 20.52
CA ARG D 135 -40.67 -12.60 19.85
CA ARG D 135 -40.71 -12.62 19.85
C ARG D 135 -41.31 -12.97 18.52
C ARG D 135 -41.39 -13.08 18.58
N LEU D 136 -40.66 -13.88 17.79
CA LEU D 136 -41.11 -14.28 16.47
C LEU D 136 -41.93 -15.59 16.49
N SER D 137 -42.09 -16.20 17.67
CA SER D 137 -42.77 -17.50 17.85
C SER D 137 -42.09 -18.59 17.02
N ILE D 138 -40.76 -18.57 17.07
CA ILE D 138 -39.95 -19.56 16.40
C ILE D 138 -39.29 -20.43 17.47
N PRO D 139 -39.45 -21.77 17.35
CA PRO D 139 -38.79 -22.67 18.31
C PRO D 139 -37.26 -22.54 18.20
N VAL D 140 -36.61 -22.54 19.36
CA VAL D 140 -35.15 -22.37 19.45
C VAL D 140 -34.52 -23.54 20.17
N ILE D 141 -33.55 -24.19 19.53
CA ILE D 141 -32.78 -25.25 20.16
C ILE D 141 -31.53 -24.65 20.80
N GLN D 142 -31.41 -24.77 22.11
CA GLN D 142 -30.34 -24.16 22.86
C GLN D 142 -29.90 -25.07 24.03
N GLY D 143 -28.71 -24.83 24.57
CA GLY D 143 -28.19 -25.52 25.74
C GLY D 143 -27.47 -24.55 26.68
N PRO D 144 -26.95 -25.06 27.83
CA PRO D 144 -26.23 -24.20 28.78
C PRO D 144 -24.93 -23.71 28.16
N GLU D 145 -24.38 -22.61 28.66
N GLU D 145 -24.38 -22.61 28.67
CA GLU D 145 -23.10 -22.11 28.18
CA GLU D 145 -23.09 -22.13 28.19
C GLU D 145 -22.00 -23.16 28.44
C GLU D 145 -22.05 -23.22 28.42
N GLY D 146 -21.21 -23.44 27.41
CA GLY D 146 -20.14 -24.42 27.52
C GLY D 146 -20.47 -25.72 26.79
N THR D 147 -21.74 -25.95 26.48
CA THR D 147 -22.10 -27.16 25.72
C THR D 147 -21.48 -27.18 24.33
N ASP D 148 -21.17 -28.39 23.84
CA ASP D 148 -20.61 -28.59 22.51
C ASP D 148 -21.64 -28.14 21.47
N PRO D 149 -21.31 -27.10 20.68
CA PRO D 149 -22.22 -26.59 19.65
C PRO D 149 -22.48 -27.60 18.52
N ALA D 150 -21.49 -28.47 18.24
CA ALA D 150 -21.67 -29.58 17.28
C ALA D 150 -22.78 -30.54 17.74
N ALA D 151 -22.71 -30.98 19.00
CA ALA D 151 -23.75 -31.81 19.62
C ALA D 151 -25.13 -31.15 19.57
N LEU D 152 -25.16 -29.84 19.84
CA LEU D 152 -26.38 -29.02 19.77
C LEU D 152 -26.90 -28.89 18.34
N ALA D 153 -26.00 -28.60 17.40
CA ALA D 153 -26.35 -28.50 15.98
C ALA D 153 -27.01 -29.80 15.51
N TYR D 154 -26.38 -30.92 15.87
CA TYR D 154 -26.89 -32.28 15.63
C TYR D 154 -28.32 -32.45 16.14
N ASP D 155 -28.52 -32.17 17.42
CA ASP D 155 -29.86 -32.28 18.03
C ASP D 155 -30.88 -31.40 17.32
N ALA D 156 -30.44 -30.24 16.84
CA ALA D 156 -31.31 -29.28 16.16
C ALA D 156 -31.76 -29.79 14.79
N VAL D 157 -30.86 -30.37 14.02
CA VAL D 157 -31.26 -30.96 12.72
C VAL D 157 -32.26 -32.11 12.92
N GLN D 158 -31.95 -32.97 13.89
CA GLN D 158 -32.81 -34.08 14.26
C GLN D 158 -34.19 -33.61 14.67
N ALA D 159 -34.26 -32.55 15.49
CA ALA D 159 -35.56 -31.99 15.87
C ALA D 159 -36.28 -31.38 14.66
N MET D 160 -35.54 -30.71 13.78
CA MET D 160 -36.13 -30.10 12.58
C MET D 160 -36.80 -31.16 11.68
N LYS D 161 -36.06 -32.24 11.44
CA LYS D 161 -36.50 -33.40 10.68
C LYS D 161 -37.72 -34.05 11.32
N ALA D 162 -37.60 -34.38 12.61
CA ALA D 162 -38.73 -34.98 13.32
C ALA D 162 -40.04 -34.18 13.17
N ARG D 163 -39.95 -32.84 13.14
CA ARG D 163 -41.15 -31.99 13.14
C ARG D 163 -41.67 -31.56 11.77
N GLY D 164 -40.95 -31.94 10.71
CA GLY D 164 -41.33 -31.56 9.35
C GLY D 164 -41.12 -30.09 9.00
N TYR D 165 -40.22 -29.43 9.72
CA TYR D 165 -39.86 -28.04 9.47
C TYR D 165 -39.11 -27.81 8.15
N ASP D 166 -39.30 -26.65 7.55
CA ASP D 166 -38.68 -26.31 6.26
C ASP D 166 -37.26 -25.81 6.38
N LEU D 167 -36.98 -25.01 7.42
CA LEU D 167 -35.71 -24.32 7.52
C LEU D 167 -35.14 -24.34 8.94
N LEU D 168 -33.83 -24.59 9.04
CA LEU D 168 -33.12 -24.48 10.29
C LEU D 168 -31.90 -23.58 10.12
N PHE D 169 -31.88 -22.49 10.90
CA PHE D 169 -30.74 -21.58 10.90
C PHE D 169 -29.87 -21.89 12.10
N VAL D 170 -28.62 -22.26 11.84
CA VAL D 170 -27.70 -22.60 12.91
C VAL D 170 -26.80 -21.40 13.20
N ASP D 171 -27.01 -20.77 14.35
CA ASP D 171 -26.14 -19.71 14.84
C ASP D 171 -24.82 -20.33 15.28
N THR D 172 -23.73 -19.58 15.19
CA THR D 172 -22.45 -20.02 15.70
C THR D 172 -21.83 -18.85 16.45
N ALA D 173 -21.05 -19.14 17.48
CA ALA D 173 -20.30 -18.13 18.20
C ALA D 173 -19.41 -17.41 17.25
N GLY D 174 -19.29 -16.11 17.45
CA GLY D 174 -18.29 -15.33 16.74
C GLY D 174 -16.92 -15.87 17.09
N ARG D 175 -16.05 -15.95 16.09
CA ARG D 175 -14.68 -16.40 16.29
C ARG D 175 -13.75 -15.63 15.32
N LEU D 176 -12.54 -15.33 15.76
CA LEU D 176 -11.57 -14.81 14.82
C LEU D 176 -10.96 -15.92 13.94
N HIS D 177 -10.78 -15.59 12.67
CA HIS D 177 -10.22 -16.53 11.66
C HIS D 177 -8.76 -16.89 11.86
N THR D 178 -8.08 -16.16 12.74
CA THR D 178 -6.69 -16.42 13.12
C THR D 178 -6.56 -17.54 14.15
N LYS D 179 -7.67 -17.91 14.79
CA LYS D 179 -7.74 -18.98 15.79
C LYS D 179 -8.09 -20.35 15.14
N HIS D 180 -7.07 -21.14 14.81
CA HIS D 180 -7.25 -22.42 14.10
C HIS D 180 -8.17 -23.45 14.79
N ASN D 181 -7.99 -23.61 16.10
CA ASN D 181 -8.88 -24.44 16.92
C ASN D 181 -10.38 -24.08 16.86
N LEU D 182 -10.70 -22.79 16.75
CA LEU D 182 -12.10 -22.34 16.62
C LEU D 182 -12.61 -22.57 15.21
N MET D 183 -11.71 -22.48 14.24
CA MET D 183 -12.08 -22.80 12.86
C MET D 183 -12.35 -24.31 12.68
N GLU D 184 -11.54 -25.14 13.34
CA GLU D 184 -11.73 -26.59 13.36
C GLU D 184 -13.05 -26.98 14.02
N GLU D 185 -13.36 -26.32 15.14
CA GLU D 185 -14.66 -26.49 15.82
C GLU D 185 -15.82 -26.19 14.89
N LEU D 186 -15.65 -25.13 14.10
CA LEU D 186 -16.64 -24.73 13.10
C LEU D 186 -16.85 -25.84 12.10
N LYS D 187 -15.75 -26.35 11.56
CA LYS D 187 -15.72 -27.58 10.72
C LYS D 187 -16.46 -28.76 11.38
N LYS D 188 -16.17 -29.01 12.67
CA LYS D 188 -16.86 -30.07 13.43
C LYS D 188 -18.36 -29.86 13.56
N VAL D 189 -18.81 -28.60 13.61
CA VAL D 189 -20.24 -28.29 13.67
C VAL D 189 -20.88 -28.67 12.34
N LYS D 190 -20.15 -28.42 11.25
CA LYS D 190 -20.66 -28.67 9.91
C LYS D 190 -20.89 -30.16 9.69
N ARG D 191 -19.92 -30.98 10.10
CA ARG D 191 -20.01 -32.45 10.03
C ARG D 191 -21.12 -33.02 10.90
N ALA D 192 -21.29 -32.46 12.09
CA ALA D 192 -22.38 -32.86 12.96
C ALA D 192 -23.72 -32.67 12.24
N ILE D 193 -23.85 -31.58 11.48
CA ILE D 193 -25.05 -31.32 10.70
C ILE D 193 -25.22 -32.44 9.68
N ALA D 194 -24.20 -32.68 8.86
CA ALA D 194 -24.23 -33.73 7.83
C ALA D 194 -24.42 -35.12 8.43
N LYS D 195 -23.94 -35.31 9.66
CA LYS D 195 -24.16 -36.58 10.36
C LYS D 195 -25.65 -36.82 10.58
N ALA D 196 -26.41 -35.78 10.94
CA ALA D 196 -27.87 -35.88 11.11
C ALA D 196 -28.61 -35.92 9.79
N ASP D 197 -28.09 -35.21 8.78
CA ASP D 197 -28.62 -35.23 7.42
C ASP D 197 -27.51 -34.95 6.39
N PRO D 198 -27.05 -36.01 5.68
CA PRO D 198 -25.97 -36.01 4.69
C PRO D 198 -26.07 -34.92 3.62
N GLU D 199 -27.31 -34.57 3.26
CA GLU D 199 -27.53 -33.51 2.28
C GLU D 199 -27.12 -32.12 2.78
N GLU D 200 -26.98 -31.97 4.09
CA GLU D 200 -26.90 -30.65 4.73
C GLU D 200 -25.54 -30.38 5.40
N PRO D 201 -25.19 -29.09 5.61
CA PRO D 201 -25.97 -27.90 5.27
C PRO D 201 -25.82 -27.49 3.81
N LYS D 202 -26.93 -27.15 3.16
CA LYS D 202 -26.86 -26.78 1.76
C LYS D 202 -26.37 -25.34 1.60
N GLU D 203 -26.66 -24.51 2.61
CA GLU D 203 -26.22 -23.12 2.64
C GLU D 203 -25.27 -22.86 3.82
N VAL D 204 -24.12 -22.22 3.53
CA VAL D 204 -23.20 -21.72 4.52
C VAL D 204 -23.05 -20.23 4.27
N TRP D 205 -23.64 -19.43 5.16
CA TRP D 205 -23.68 -17.98 4.95
C TRP D 205 -22.75 -17.22 5.87
N LEU D 206 -21.81 -16.50 5.25
CA LEU D 206 -20.90 -15.61 5.95
C LEU D 206 -21.59 -14.31 6.31
N VAL D 207 -21.44 -13.88 7.56
CA VAL D 207 -21.88 -12.54 7.93
C VAL D 207 -20.72 -11.53 8.02
N LEU D 208 -20.92 -10.43 7.32
CA LEU D 208 -19.91 -9.42 7.14
C LEU D 208 -20.49 -8.06 7.51
N ASP D 209 -19.79 -7.36 8.39
CA ASP D 209 -20.21 -6.06 8.90
C ASP D 209 -19.72 -4.99 7.89
N ALA D 210 -20.63 -4.13 7.43
CA ALA D 210 -20.31 -3.14 6.38
C ALA D 210 -19.18 -2.13 6.70
N VAL D 211 -18.94 -1.92 7.99
N VAL D 211 -18.93 -1.91 7.99
CA VAL D 211 -17.89 -0.99 8.43
CA VAL D 211 -17.89 -0.99 8.41
C VAL D 211 -16.48 -1.60 8.32
C VAL D 211 -16.49 -1.59 8.28
N THR D 212 -16.42 -2.93 8.14
CA THR D 212 -15.14 -3.65 7.99
C THR D 212 -14.40 -3.20 6.71
N GLY D 213 -13.13 -2.85 6.89
CA GLY D 213 -12.24 -2.55 5.78
C GLY D 213 -11.64 -3.82 5.21
N GLN D 214 -10.36 -3.77 4.88
CA GLN D 214 -9.71 -4.80 4.07
C GLN D 214 -9.59 -6.19 4.72
N ASN D 215 -9.77 -6.26 6.05
CA ASN D 215 -9.79 -7.54 6.78
C ASN D 215 -10.96 -8.45 6.37
N GLY D 216 -12.01 -7.86 5.81
CA GLY D 216 -13.21 -8.58 5.41
C GLY D 216 -12.92 -9.61 4.32
N LEU D 217 -11.96 -9.28 3.45
CA LEU D 217 -11.47 -10.19 2.43
C LEU D 217 -10.74 -11.40 3.04
N GLU D 218 -9.88 -11.14 4.01
CA GLU D 218 -9.25 -12.21 4.76
C GLU D 218 -10.26 -13.08 5.53
N GLN D 219 -11.34 -12.47 6.04
CA GLN D 219 -12.42 -13.22 6.69
C GLN D 219 -13.09 -14.15 5.69
N ALA D 220 -13.37 -13.61 4.51
CA ALA D 220 -14.07 -14.38 3.49
C ALA D 220 -13.22 -15.56 2.99
N LYS D 221 -11.93 -15.33 2.75
CA LYS D 221 -11.02 -16.37 2.26
C LYS D 221 -10.89 -17.50 3.27
N LYS D 222 -10.65 -17.11 4.53
CA LYS D 222 -10.38 -18.07 5.59
C LYS D 222 -11.59 -18.89 5.99
N PHE D 223 -12.78 -18.29 5.95
CA PHE D 223 -14.01 -19.03 6.27
C PHE D 223 -14.41 -19.90 5.10
N HIS D 224 -14.13 -19.41 3.90
CA HIS D 224 -14.39 -20.19 2.69
C HIS D 224 -13.62 -21.50 2.69
N GLU D 225 -12.32 -21.41 2.97
CA GLU D 225 -11.45 -22.55 3.02
C GLU D 225 -11.92 -23.56 4.06
N ALA D 226 -12.41 -23.08 5.19
CA ALA D 226 -12.76 -23.97 6.28
C ALA D 226 -14.04 -24.75 6.00
N VAL D 227 -15.04 -24.12 5.40
CA VAL D 227 -16.41 -24.66 5.41
C VAL D 227 -17.22 -24.48 4.12
N GLY D 228 -16.61 -23.81 3.13
CA GLY D 228 -17.23 -23.57 1.84
C GLY D 228 -18.41 -22.61 1.88
N LEU D 229 -18.15 -21.32 1.61
CA LEU D 229 -19.23 -20.36 1.58
C LEU D 229 -20.15 -20.61 0.40
N THR D 230 -21.44 -20.43 0.60
CA THR D 230 -22.38 -20.40 -0.52
C THR D 230 -23.05 -19.04 -0.65
N GLY D 231 -22.79 -18.15 0.31
CA GLY D 231 -23.50 -16.88 0.37
C GLY D 231 -22.86 -15.96 1.37
N VAL D 232 -23.23 -14.68 1.27
CA VAL D 232 -22.68 -13.64 2.14
C VAL D 232 -23.79 -12.65 2.48
N ILE D 233 -23.91 -12.29 3.75
CA ILE D 233 -24.81 -11.23 4.17
C ILE D 233 -23.99 -10.06 4.73
N VAL D 234 -24.28 -8.86 4.21
CA VAL D 234 -23.61 -7.65 4.67
C VAL D 234 -24.57 -6.89 5.54
N THR D 235 -24.16 -6.69 6.79
CA THR D 235 -24.96 -6.03 7.81
C THR D 235 -24.49 -4.59 8.05
N LYS D 236 -25.31 -3.84 8.79
CA LYS D 236 -25.04 -2.45 9.21
C LYS D 236 -24.85 -1.54 8.00
N LEU D 237 -25.58 -1.83 6.94
CA LEU D 237 -25.54 -0.97 5.75
C LEU D 237 -26.42 0.27 5.92
N ASP D 238 -27.25 0.29 6.96
CA ASP D 238 -27.91 1.54 7.39
C ASP D 238 -26.92 2.62 7.88
N GLY D 239 -25.63 2.25 8.01
CA GLY D 239 -24.58 3.18 8.42
C GLY D 239 -23.98 3.94 7.24
N THR D 240 -23.02 4.80 7.53
CA THR D 240 -22.37 5.55 6.45
C THR D 240 -21.44 4.71 5.57
N ALA D 241 -20.90 3.61 6.12
CA ALA D 241 -20.06 2.70 5.33
C ALA D 241 -20.83 2.05 4.17
N LYS D 242 -20.09 1.69 3.13
CA LYS D 242 -20.68 1.25 1.87
C LYS D 242 -20.58 -0.24 1.60
N GLY D 243 -19.84 -0.97 2.45
CA GLY D 243 -19.61 -2.41 2.25
C GLY D 243 -18.78 -2.69 1.01
N GLY D 244 -17.86 -1.78 0.70
CA GLY D 244 -17.04 -1.89 -0.49
C GLY D 244 -16.13 -3.10 -0.57
N VAL D 245 -15.66 -3.60 0.58
CA VAL D 245 -14.81 -4.82 0.59
C VAL D 245 -15.51 -6.04 -0.02
N LEU D 246 -16.81 -5.90 -0.32
CA LEU D 246 -17.57 -6.95 -1.00
C LEU D 246 -17.11 -7.13 -2.42
N ILE D 247 -16.68 -6.03 -3.03
CA ILE D 247 -16.17 -6.06 -4.39
C ILE D 247 -15.01 -7.05 -4.51
N PRO D 248 -13.91 -6.84 -3.74
CA PRO D 248 -12.85 -7.88 -3.72
C PRO D 248 -13.33 -9.27 -3.30
N ILE D 249 -14.33 -9.35 -2.42
CA ILE D 249 -14.83 -10.66 -1.97
C ILE D 249 -15.45 -11.44 -3.12
N VAL D 250 -16.46 -10.84 -3.77
CA VAL D 250 -17.15 -11.46 -4.90
C VAL D 250 -16.22 -11.66 -6.11
N ARG D 251 -15.38 -10.67 -6.40
CA ARG D 251 -14.41 -10.76 -7.49
C ARG D 251 -13.49 -11.99 -7.36
N THR D 252 -13.00 -12.22 -6.15
CA THR D 252 -11.98 -13.24 -5.91
C THR D 252 -12.60 -14.59 -5.60
N LEU D 253 -13.72 -14.60 -4.89
CA LEU D 253 -14.29 -15.87 -4.40
C LEU D 253 -15.55 -16.31 -5.16
N LYS D 254 -16.25 -15.35 -5.77
CA LYS D 254 -17.45 -15.62 -6.56
C LYS D 254 -18.60 -16.11 -5.69
N VAL D 255 -18.59 -15.72 -4.42
CA VAL D 255 -19.69 -16.02 -3.51
C VAL D 255 -20.76 -14.96 -3.72
N PRO D 256 -22.00 -15.38 -4.01
CA PRO D 256 -23.09 -14.41 -4.14
C PRO D 256 -23.47 -13.71 -2.82
N ILE D 257 -23.97 -12.48 -2.95
CA ILE D 257 -24.49 -11.73 -1.82
C ILE D 257 -25.98 -11.98 -1.70
N LYS D 258 -26.40 -12.49 -0.55
CA LYS D 258 -27.76 -12.99 -0.39
C LYS D 258 -28.71 -11.89 0.06
N PHE D 259 -28.34 -11.23 1.15
CA PHE D 259 -29.19 -10.22 1.77
C PHE D 259 -28.31 -9.09 2.25
N VAL D 260 -28.96 -7.99 2.59
CA VAL D 260 -28.31 -6.89 3.27
C VAL D 260 -29.07 -6.57 4.56
N GLY D 261 -28.32 -6.29 5.62
CA GLY D 261 -28.90 -5.85 6.89
C GLY D 261 -28.84 -4.34 6.99
N VAL D 262 -29.96 -3.73 7.38
CA VAL D 262 -30.11 -2.29 7.43
C VAL D 262 -30.83 -1.85 8.72
N GLY D 263 -30.60 -2.57 9.82
CA GLY D 263 -31.20 -2.15 11.10
C GLY D 263 -31.14 -3.21 12.16
N GLU D 264 -31.63 -2.85 13.35
CA GLU D 264 -31.54 -3.73 14.52
C GLU D 264 -32.86 -4.42 14.85
N GLY D 265 -33.88 -4.16 14.01
CA GLY D 265 -35.21 -4.74 14.14
C GLY D 265 -35.38 -5.93 13.19
N PRO D 266 -36.45 -6.72 13.36
CA PRO D 266 -36.60 -7.99 12.62
C PRO D 266 -36.95 -7.83 11.12
N ASP D 267 -37.54 -6.70 10.76
CA ASP D 267 -37.89 -6.40 9.36
C ASP D 267 -36.72 -5.79 8.56
N ASP D 268 -35.67 -5.38 9.27
CA ASP D 268 -34.57 -4.62 8.67
C ASP D 268 -33.58 -5.47 7.87
N LEU D 269 -34.17 -6.28 6.97
CA LEU D 269 -33.46 -7.13 6.02
C LEU D 269 -34.05 -6.94 4.62
N GLN D 270 -33.17 -6.95 3.61
CA GLN D 270 -33.56 -6.87 2.22
C GLN D 270 -32.75 -7.86 1.42
N PRO D 271 -33.36 -8.46 0.37
CA PRO D 271 -32.54 -9.23 -0.57
C PRO D 271 -31.59 -8.29 -1.31
N PHE D 272 -30.37 -8.77 -1.57
CA PHE D 272 -29.36 -7.96 -2.26
C PHE D 272 -29.85 -7.46 -3.63
N ASP D 273 -29.62 -6.18 -3.88
CA ASP D 273 -29.95 -5.52 -5.14
C ASP D 273 -28.68 -4.86 -5.65
N PRO D 274 -28.01 -5.50 -6.63
CA PRO D 274 -26.71 -5.05 -7.12
C PRO D 274 -26.71 -3.59 -7.58
N GLU D 275 -27.83 -3.16 -8.16
CA GLU D 275 -27.96 -1.81 -8.70
C GLU D 275 -28.19 -0.75 -7.66
N ALA D 276 -29.08 -1.05 -6.72
CA ALA D 276 -29.36 -0.13 -5.62
C ALA D 276 -28.11 0.00 -4.75
N PHE D 277 -27.31 -1.08 -4.71
CA PHE D 277 -26.06 -1.11 -3.96
C PHE D 277 -24.96 -0.28 -4.60
N VAL D 278 -24.86 -0.36 -5.94
CA VAL D 278 -23.81 0.35 -6.68
C VAL D 278 -24.13 1.83 -6.69
N GLU D 279 -25.42 2.15 -6.81
CA GLU D 279 -25.95 3.50 -6.71
C GLU D 279 -25.56 4.13 -5.38
N ALA D 280 -25.86 3.45 -4.28
CA ALA D 280 -25.49 3.91 -2.93
C ALA D 280 -23.98 3.99 -2.72
N LEU D 281 -23.25 3.06 -3.33
CA LEU D 281 -21.79 3.01 -3.23
C LEU D 281 -21.15 4.29 -3.77
N LEU D 282 -21.69 4.80 -4.87
CA LEU D 282 -21.13 5.97 -5.54
C LEU D 282 -21.78 7.29 -5.11
N GLU D 283 -22.85 7.20 -4.30
CA GLU D 283 -23.53 8.35 -3.74
C GLU D 283 -22.58 9.20 -2.88
N PRO E 3 -31.12 -31.88 -57.23
CA PRO E 3 -32.07 -33.00 -57.18
C PRO E 3 -33.42 -32.70 -57.85
N TRP E 4 -33.36 -32.41 -59.15
CA TRP E 4 -34.57 -32.27 -59.97
C TRP E 4 -35.19 -33.65 -60.16
N GLY E 5 -36.51 -33.68 -60.37
CA GLY E 5 -37.21 -34.95 -60.51
C GLY E 5 -37.63 -35.65 -59.22
N GLY E 6 -37.26 -35.07 -58.08
CA GLY E 6 -37.82 -35.46 -56.78
C GLY E 6 -39.26 -34.96 -56.69
N ASN E 7 -39.93 -35.23 -55.58
CA ASN E 7 -41.30 -34.74 -55.40
C ASN E 7 -41.38 -33.21 -55.41
N LEU E 8 -42.48 -32.69 -55.94
CA LEU E 8 -42.69 -31.25 -56.11
C LEU E 8 -42.27 -30.43 -54.89
N GLU E 9 -42.35 -31.04 -53.70
CA GLU E 9 -41.89 -30.40 -52.47
C GLU E 9 -40.38 -30.46 -52.30
N GLU E 10 -39.78 -31.64 -52.47
CA GLU E 10 -38.33 -31.78 -52.33
C GLU E 10 -37.60 -30.85 -53.29
N VAL E 11 -38.05 -30.85 -54.54
CA VAL E 11 -37.51 -29.99 -55.59
C VAL E 11 -37.61 -28.51 -55.23
N LEU E 12 -38.82 -28.07 -54.89
CA LEU E 12 -39.09 -26.66 -54.62
C LEU E 12 -38.43 -26.14 -53.34
N GLU E 13 -38.11 -27.05 -52.44
CA GLU E 13 -37.40 -26.70 -51.21
C GLU E 13 -35.88 -26.74 -51.42
N GLU E 14 -35.42 -27.57 -52.35
CA GLU E 14 -33.99 -27.65 -52.66
C GLU E 14 -33.56 -26.48 -53.54
N LEU E 15 -34.47 -26.04 -54.39
CA LEU E 15 -34.32 -24.81 -55.16
C LEU E 15 -34.12 -23.65 -54.18
N GLU E 16 -34.92 -23.64 -53.11
CA GLU E 16 -34.82 -22.62 -52.09
C GLU E 16 -33.47 -22.65 -51.37
N MET E 17 -32.93 -23.84 -51.10
CA MET E 17 -31.58 -23.94 -50.52
C MET E 17 -30.49 -23.42 -51.47
N ALA E 18 -30.60 -23.78 -52.74
CA ALA E 18 -29.64 -23.37 -53.77
C ALA E 18 -29.71 -21.87 -54.06
N LEU E 19 -30.93 -21.31 -54.06
CA LEU E 19 -31.09 -19.88 -54.28
C LEU E 19 -30.54 -19.08 -53.10
N LEU E 20 -30.87 -19.50 -51.88
CA LEU E 20 -30.39 -18.83 -50.69
C LEU E 20 -28.87 -18.95 -50.53
N ALA E 21 -28.32 -20.08 -50.96
CA ALA E 21 -26.88 -20.34 -50.88
C ALA E 21 -26.15 -19.60 -51.99
N ALA E 22 -26.89 -19.27 -53.04
CA ALA E 22 -26.35 -18.51 -54.17
C ALA E 22 -26.35 -17.02 -53.90
N ASP E 23 -26.76 -16.63 -52.69
CA ASP E 23 -26.84 -15.25 -52.23
C ASP E 23 -28.03 -14.46 -52.78
N VAL E 24 -29.01 -15.18 -53.32
CA VAL E 24 -30.20 -14.57 -53.93
C VAL E 24 -31.04 -13.78 -52.91
N GLY E 25 -30.99 -14.20 -51.65
CA GLY E 25 -31.69 -13.50 -50.58
C GLY E 25 -33.09 -14.04 -50.34
N LEU E 26 -33.66 -13.69 -49.19
CA LEU E 26 -34.98 -14.18 -48.79
C LEU E 26 -36.12 -13.64 -49.64
N SER E 27 -36.09 -12.33 -49.88
N SER E 27 -36.15 -12.32 -49.86
CA SER E 27 -37.13 -11.59 -50.60
CA SER E 27 -37.23 -11.71 -50.63
C SER E 27 -37.34 -12.10 -52.04
C SER E 27 -37.33 -12.32 -52.03
N ALA E 28 -36.26 -12.18 -52.80
CA ALA E 28 -36.28 -12.64 -54.19
C ALA E 28 -36.53 -14.14 -54.32
N THR E 29 -36.13 -14.92 -53.32
CA THR E 29 -36.37 -16.37 -53.34
C THR E 29 -37.86 -16.67 -53.16
N GLU E 30 -38.45 -16.18 -52.07
CA GLU E 30 -39.90 -16.24 -51.85
C GLU E 30 -40.67 -16.05 -53.16
N GLU E 31 -40.42 -14.91 -53.79
CA GLU E 31 -41.16 -14.48 -54.97
C GLU E 31 -40.82 -15.27 -56.22
N ILE E 32 -39.68 -15.98 -56.22
CA ILE E 32 -39.37 -16.92 -57.29
C ILE E 32 -40.21 -18.18 -57.08
N LEU E 33 -40.10 -18.75 -55.88
CA LEU E 33 -40.81 -19.97 -55.52
C LEU E 33 -42.33 -19.81 -55.68
N GLN E 34 -42.86 -18.68 -55.21
CA GLN E 34 -44.30 -18.42 -55.29
C GLN E 34 -44.80 -18.33 -56.72
N GLU E 35 -44.07 -17.63 -57.58
CA GLU E 35 -44.44 -17.56 -59.00
C GLU E 35 -44.27 -18.92 -59.67
N VAL E 36 -43.39 -19.75 -59.12
CA VAL E 36 -43.20 -21.12 -59.59
C VAL E 36 -44.27 -22.08 -59.02
N ARG E 37 -44.45 -22.05 -57.69
CA ARG E 37 -45.43 -22.90 -57.01
C ARG E 37 -46.85 -22.41 -57.28
N GLY E 40 -48.83 -23.75 -61.08
CA GLY E 40 -48.30 -25.10 -61.27
C GLY E 40 -47.58 -25.29 -62.59
N ARG E 41 -46.65 -26.24 -62.61
CA ARG E 41 -45.93 -26.58 -63.84
C ARG E 41 -45.11 -27.86 -63.72
N LYS E 42 -45.12 -28.64 -64.80
CA LYS E 42 -44.27 -29.82 -64.94
C LYS E 42 -42.80 -29.45 -64.72
N ASP E 43 -42.29 -28.62 -65.63
CA ASP E 43 -40.86 -28.28 -65.73
C ASP E 43 -40.08 -28.30 -64.41
N LEU E 44 -40.36 -27.32 -63.54
CA LEU E 44 -39.54 -27.06 -62.33
C LEU E 44 -38.12 -26.64 -62.71
N LYS E 45 -37.44 -27.50 -63.45
CA LYS E 45 -36.09 -27.25 -63.94
C LYS E 45 -36.14 -26.09 -64.93
N GLU E 46 -36.81 -26.32 -66.07
CA GLU E 46 -36.86 -25.35 -67.15
C GLU E 46 -37.77 -24.13 -66.91
N ALA E 47 -38.74 -24.28 -66.01
CA ALA E 47 -39.62 -23.17 -65.64
C ALA E 47 -38.89 -22.12 -64.82
N VAL E 48 -37.97 -22.59 -63.97
CA VAL E 48 -37.16 -21.73 -63.11
C VAL E 48 -36.12 -20.96 -63.93
N LYS E 49 -35.44 -21.69 -64.82
CA LYS E 49 -34.41 -21.13 -65.70
C LYS E 49 -34.98 -20.12 -66.69
N GLU E 50 -36.13 -20.45 -67.28
CA GLU E 50 -36.85 -19.52 -68.16
C GLU E 50 -37.17 -18.23 -67.44
N LYS E 51 -37.63 -18.36 -66.20
CA LYS E 51 -38.04 -17.22 -65.40
C LYS E 51 -36.86 -16.26 -65.17
N LEU E 52 -35.76 -16.83 -64.69
CA LEU E 52 -34.54 -16.06 -64.40
C LEU E 52 -33.89 -15.44 -65.64
N VAL E 53 -33.66 -16.26 -66.67
CA VAL E 53 -32.99 -15.84 -67.90
C VAL E 53 -33.64 -14.63 -68.57
N GLY E 54 -34.96 -14.65 -68.67
CA GLY E 54 -35.73 -13.58 -69.35
C GLY E 54 -35.68 -12.27 -68.60
N MET E 55 -35.74 -12.36 -67.28
CA MET E 55 -35.65 -11.22 -66.39
C MET E 55 -34.27 -10.54 -66.48
N LEU E 56 -33.22 -11.35 -66.55
CA LEU E 56 -31.84 -10.87 -66.49
C LEU E 56 -31.39 -10.15 -67.76
N GLU E 57 -31.85 -10.60 -68.92
CA GLU E 57 -31.60 -9.90 -70.18
C GLU E 57 -32.42 -8.61 -70.24
N PRO E 58 -31.96 -7.62 -71.02
CA PRO E 58 -32.59 -6.28 -71.00
C PRO E 58 -33.96 -6.28 -71.68
N ASP E 59 -34.50 -7.48 -71.90
CA ASP E 59 -35.50 -7.71 -72.92
C ASP E 59 -36.85 -8.24 -72.47
N GLU E 60 -37.74 -8.30 -73.45
CA GLU E 60 -38.84 -9.25 -73.51
C GLU E 60 -38.56 -10.00 -74.80
N ARG E 61 -37.81 -9.35 -75.69
CA ARG E 61 -37.69 -9.74 -77.11
C ARG E 61 -37.03 -11.09 -77.36
N ARG E 62 -35.90 -11.32 -76.71
CA ARG E 62 -35.19 -12.60 -76.84
C ARG E 62 -36.06 -13.78 -76.37
N ALA E 63 -36.83 -13.57 -75.29
CA ALA E 63 -37.85 -14.53 -74.86
C ALA E 63 -38.97 -14.71 -75.89
N THR E 64 -39.44 -13.59 -76.47
CA THR E 64 -40.44 -13.62 -77.55
C THR E 64 -39.97 -14.48 -78.74
N LEU E 65 -38.71 -14.32 -79.11
CA LEU E 65 -38.14 -15.05 -80.25
C LEU E 65 -37.96 -16.55 -79.97
N ARG E 66 -37.73 -16.91 -78.70
CA ARG E 66 -37.76 -18.31 -78.29
C ARG E 66 -39.17 -18.87 -78.38
N LYS E 67 -40.13 -18.16 -77.79
CA LYS E 67 -41.54 -18.57 -77.74
C LYS E 67 -42.16 -18.71 -79.13
N LEU E 68 -41.80 -17.80 -80.05
CA LEU E 68 -42.24 -17.87 -81.46
C LEU E 68 -41.51 -18.96 -82.25
N GLY E 69 -40.32 -19.36 -81.78
CA GLY E 69 -39.63 -20.54 -82.29
C GLY E 69 -38.58 -20.28 -83.34
N PHE E 70 -37.87 -19.16 -83.24
CA PHE E 70 -36.69 -18.91 -84.06
C PHE E 70 -35.47 -19.40 -83.31
N ASN E 71 -34.40 -19.71 -84.04
CA ASN E 71 -33.12 -19.93 -83.35
C ASN E 71 -32.35 -18.61 -83.15
N PRO E 72 -31.78 -18.42 -81.92
CA PRO E 72 -31.13 -17.17 -81.51
C PRO E 72 -29.98 -16.69 -82.40
N GLN E 73 -29.56 -15.45 -82.17
CA GLN E 73 -28.45 -14.82 -82.89
C GLN E 73 -27.54 -14.13 -81.87
N LYS E 74 -26.26 -14.52 -81.87
CA LYS E 74 -25.28 -14.07 -80.87
C LYS E 74 -25.13 -12.54 -80.81
N PRO E 75 -25.62 -11.93 -79.70
CA PRO E 75 -25.82 -10.48 -79.48
C PRO E 75 -24.69 -9.54 -79.89
N LYS E 76 -25.05 -8.31 -80.22
CA LYS E 76 -24.08 -7.24 -80.53
C LYS E 76 -23.21 -6.93 -79.30
N PRO E 77 -21.87 -6.84 -79.49
CA PRO E 77 -20.97 -6.47 -78.38
C PRO E 77 -21.37 -5.14 -77.74
N VAL E 78 -21.40 -5.10 -76.40
CA VAL E 78 -21.86 -3.94 -75.63
C VAL E 78 -21.34 -2.58 -76.14
N GLU E 79 -22.27 -1.71 -76.53
CA GLU E 79 -21.95 -0.38 -77.08
C GLU E 79 -22.30 0.75 -76.10
N PRO E 80 -21.28 1.51 -75.62
CA PRO E 80 -21.51 2.61 -74.68
C PRO E 80 -22.34 3.78 -75.25
N LYS E 81 -23.35 4.21 -74.49
CA LYS E 81 -24.31 5.23 -74.91
C LYS E 81 -23.63 6.53 -75.35
N GLY E 82 -22.46 6.81 -74.77
CA GLY E 82 -21.69 8.01 -75.06
C GLY E 82 -20.21 7.75 -74.90
N ARG E 83 -19.45 8.81 -74.60
CA ARG E 83 -18.00 8.72 -74.61
C ARG E 83 -17.33 8.62 -73.24
N VAL E 84 -18.07 8.98 -72.19
CA VAL E 84 -17.56 8.92 -70.84
C VAL E 84 -18.28 7.82 -70.05
N VAL E 85 -17.51 6.84 -69.56
CA VAL E 85 -18.04 5.84 -68.63
C VAL E 85 -17.50 6.08 -67.23
N LEU E 86 -18.40 6.29 -66.27
CA LEU E 86 -18.01 6.50 -64.88
C LEU E 86 -18.17 5.22 -64.08
N VAL E 87 -17.07 4.75 -63.50
CA VAL E 87 -17.07 3.47 -62.79
C VAL E 87 -17.11 3.68 -61.28
N VAL E 88 -18.15 3.13 -60.63
CA VAL E 88 -18.39 3.33 -59.18
C VAL E 88 -18.57 2.02 -58.41
N GLY E 89 -18.37 2.10 -57.08
CA GLY E 89 -18.49 0.93 -56.22
C GLY E 89 -17.82 1.17 -54.88
N VAL E 90 -17.99 0.21 -53.97
CA VAL E 90 -17.33 0.24 -52.69
C VAL E 90 -15.87 -0.26 -52.78
N ASN E 91 -15.22 -0.43 -51.64
CA ASN E 91 -13.78 -0.68 -51.63
C ASN E 91 -13.36 -2.06 -52.09
N GLY E 92 -12.45 -2.13 -53.04
CA GLY E 92 -11.80 -3.38 -53.41
C GLY E 92 -12.59 -4.36 -54.26
N VAL E 93 -13.69 -3.90 -54.85
CA VAL E 93 -14.56 -4.79 -55.62
C VAL E 93 -13.99 -5.13 -57.01
N GLY E 94 -13.11 -4.27 -57.52
CA GLY E 94 -12.52 -4.52 -58.83
C GLY E 94 -12.61 -3.41 -59.86
N LYS E 95 -12.91 -2.17 -59.44
CA LYS E 95 -13.05 -1.05 -60.37
C LYS E 95 -11.81 -0.76 -61.22
N THR E 96 -10.65 -0.60 -60.59
CA THR E 96 -9.41 -0.35 -61.31
C THR E 96 -9.08 -1.48 -62.28
N THR E 97 -9.10 -2.72 -61.77
CA THR E 97 -8.86 -3.91 -62.60
C THR E 97 -9.87 -3.99 -63.77
N THR E 98 -11.13 -3.70 -63.45
CA THR E 98 -12.21 -3.76 -64.45
C THR E 98 -11.98 -2.75 -65.57
N ILE E 99 -11.54 -1.54 -65.21
CA ILE E 99 -11.28 -0.52 -66.20
C ILE E 99 -10.15 -0.94 -67.15
N ALA E 100 -9.14 -1.59 -66.61
CA ALA E 100 -8.10 -2.19 -67.44
C ALA E 100 -8.69 -3.18 -68.45
N LYS E 101 -9.60 -4.04 -68.00
CA LYS E 101 -10.16 -5.07 -68.87
C LYS E 101 -11.00 -4.44 -69.96
N LEU E 102 -11.77 -3.42 -69.61
CA LEU E 102 -12.58 -2.66 -70.57
C LEU E 102 -11.70 -1.94 -71.60
N GLY E 103 -10.52 -1.48 -71.17
CA GLY E 103 -9.55 -0.92 -72.10
C GLY E 103 -9.06 -1.95 -73.11
N ARG E 104 -8.77 -3.17 -72.64
CA ARG E 104 -8.37 -4.27 -73.53
C ARG E 104 -9.50 -4.59 -74.50
N TYR E 105 -10.71 -4.72 -73.94
CA TYR E 105 -11.90 -5.10 -74.70
C TYR E 105 -12.19 -4.12 -75.83
N TYR E 106 -12.23 -2.83 -75.51
CA TYR E 106 -12.51 -1.80 -76.51
C TYR E 106 -11.35 -1.47 -77.44
N GLN E 107 -10.11 -1.58 -76.99
CA GLN E 107 -8.99 -1.41 -77.94
C GLN E 107 -9.04 -2.49 -79.05
N ASN E 108 -9.41 -3.72 -78.68
CA ASN E 108 -9.62 -4.81 -79.62
C ASN E 108 -10.75 -4.54 -80.62
N LEU E 109 -11.66 -3.64 -80.25
CA LEU E 109 -12.72 -3.23 -81.18
C LEU E 109 -12.30 -2.00 -81.98
N GLY E 110 -11.01 -1.68 -81.93
CA GLY E 110 -10.46 -0.51 -82.63
C GLY E 110 -10.76 0.83 -81.98
N LYS E 111 -11.20 0.82 -80.72
CA LYS E 111 -11.56 2.06 -80.05
C LYS E 111 -10.36 2.80 -79.49
N LYS E 112 -10.43 4.13 -79.57
CA LYS E 112 -9.44 4.99 -78.93
C LYS E 112 -9.87 5.20 -77.47
N VAL E 113 -9.09 4.63 -76.56
CA VAL E 113 -9.47 4.52 -75.16
C VAL E 113 -8.52 5.27 -74.25
N MET E 114 -9.09 6.03 -73.33
CA MET E 114 -8.34 6.79 -72.35
C MET E 114 -8.90 6.45 -70.97
N PHE E 115 -8.01 6.38 -69.99
CA PHE E 115 -8.37 6.21 -68.60
C PHE E 115 -8.22 7.51 -67.79
N CYS E 116 -9.06 7.67 -66.77
CA CYS E 116 -8.86 8.67 -65.74
C CYS E 116 -8.71 7.98 -64.40
N ALA E 117 -7.50 8.11 -63.85
CA ALA E 117 -7.11 7.51 -62.58
C ALA E 117 -7.72 8.24 -61.41
N GLY E 118 -9.04 8.35 -61.37
CA GLY E 118 -9.74 9.12 -60.35
C GLY E 118 -9.69 8.64 -58.90
N ASP E 119 -9.04 7.51 -58.62
CA ASP E 119 -8.78 7.14 -57.21
C ASP E 119 -7.58 7.93 -56.70
N THR E 120 -7.83 9.15 -56.21
CA THR E 120 -6.76 10.00 -55.70
C THR E 120 -6.64 9.89 -54.20
N PHE E 121 -7.42 8.98 -53.62
CA PHE E 121 -7.41 8.83 -52.18
C PHE E 121 -6.47 7.72 -51.69
N ARG E 122 -6.64 6.51 -52.21
CA ARG E 122 -5.93 5.34 -51.67
C ARG E 122 -4.45 5.37 -52.05
N ALA E 123 -3.59 4.89 -51.14
CA ALA E 123 -2.18 4.70 -51.44
C ALA E 123 -2.03 3.95 -52.76
N ALA E 124 -1.22 4.51 -53.67
CA ALA E 124 -1.00 3.93 -55.02
C ALA E 124 -2.27 3.80 -55.85
N GLY E 125 -3.34 4.49 -55.43
CA GLY E 125 -4.65 4.38 -56.04
C GLY E 125 -4.61 4.72 -57.51
N GLY E 126 -3.78 5.70 -57.85
CA GLY E 126 -3.67 6.20 -59.20
C GLY E 126 -2.57 5.48 -59.95
N THR E 127 -1.47 5.18 -59.24
CA THR E 127 -0.33 4.45 -59.77
C THR E 127 -0.69 3.07 -60.34
N GLN E 128 -1.60 2.37 -59.68
CA GLN E 128 -2.06 1.05 -60.11
C GLN E 128 -2.68 1.06 -61.53
N LEU E 129 -3.50 2.08 -61.79
CA LEU E 129 -4.18 2.24 -63.07
C LEU E 129 -3.19 2.72 -64.14
N SER E 130 -2.28 3.58 -63.72
CA SER E 130 -1.20 4.06 -64.57
C SER E 130 -0.36 2.88 -65.10
N GLU E 131 -0.01 1.94 -64.22
CA GLU E 131 0.67 0.71 -64.61
C GLU E 131 -0.12 -0.15 -65.62
N TRP E 132 -1.45 -0.21 -65.48
CA TRP E 132 -2.27 -0.90 -66.47
C TRP E 132 -2.25 -0.14 -67.79
N GLY E 133 -2.21 1.19 -67.73
CA GLY E 133 -2.11 2.00 -68.95
C GLY E 133 -0.84 1.71 -69.74
N LYS E 134 0.28 1.57 -69.03
CA LYS E 134 1.57 1.24 -69.65
C LYS E 134 1.52 -0.09 -70.40
N ARG E 135 0.94 -1.09 -69.75
N ARG E 135 0.91 -1.09 -69.77
CA ARG E 135 0.74 -2.41 -70.35
CA ARG E 135 0.78 -2.42 -70.40
C ARG E 135 -0.13 -2.34 -71.61
C ARG E 135 -0.18 -2.42 -71.59
N LEU E 136 -1.26 -1.64 -71.50
CA LEU E 136 -2.28 -1.60 -72.54
C LEU E 136 -2.03 -0.53 -73.61
N SER E 137 -0.98 0.27 -73.40
CA SER E 137 -0.66 1.44 -74.23
C SER E 137 -1.80 2.45 -74.28
N ILE E 138 -2.51 2.55 -73.16
CA ILE E 138 -3.66 3.43 -73.02
C ILE E 138 -3.19 4.62 -72.21
N PRO E 139 -3.42 5.86 -72.71
CA PRO E 139 -2.98 7.02 -71.92
C PRO E 139 -3.85 7.19 -70.66
N VAL E 140 -3.21 7.58 -69.57
CA VAL E 140 -3.88 7.73 -68.27
C VAL E 140 -3.72 9.15 -67.72
N ILE E 141 -4.85 9.77 -67.36
CA ILE E 141 -4.85 11.06 -66.71
C ILE E 141 -4.89 10.84 -65.20
N GLN E 142 -3.80 11.21 -64.54
CA GLN E 142 -3.64 10.98 -63.09
C GLN E 142 -3.11 12.22 -62.37
N GLY E 143 -3.20 12.21 -61.05
CA GLY E 143 -2.68 13.29 -60.21
C GLY E 143 -2.05 12.72 -58.96
N PRO E 144 -1.30 13.55 -58.22
CA PRO E 144 -0.77 13.20 -56.90
C PRO E 144 -1.90 12.87 -55.91
N GLU E 145 -1.58 12.08 -54.89
CA GLU E 145 -2.54 11.71 -53.86
C GLU E 145 -3.03 12.94 -53.11
N GLY E 146 -4.35 13.08 -53.00
CA GLY E 146 -4.96 14.25 -52.37
C GLY E 146 -5.62 15.18 -53.37
N THR E 147 -5.23 15.06 -54.64
CA THR E 147 -5.88 15.77 -55.73
C THR E 147 -7.41 15.63 -55.65
N ASP E 148 -8.10 16.67 -56.08
CA ASP E 148 -9.55 16.64 -56.17
C ASP E 148 -9.96 15.81 -57.42
N PRO E 149 -10.70 14.72 -57.21
CA PRO E 149 -11.08 13.83 -58.30
C PRO E 149 -12.01 14.49 -59.30
N ALA E 150 -12.83 15.43 -58.84
CA ALA E 150 -13.71 16.19 -59.72
C ALA E 150 -12.89 16.99 -60.74
N ALA E 151 -11.95 17.79 -60.24
CA ALA E 151 -11.03 18.56 -61.09
C ALA E 151 -10.18 17.67 -62.04
N LEU E 152 -9.78 16.50 -61.57
CA LEU E 152 -9.04 15.55 -62.40
C LEU E 152 -9.93 15.02 -63.51
N ALA E 153 -11.18 14.69 -63.15
CA ALA E 153 -12.13 14.13 -64.14
C ALA E 153 -12.41 15.15 -65.22
N TYR E 154 -12.53 16.42 -64.81
CA TYR E 154 -12.73 17.54 -65.72
C TYR E 154 -11.60 17.64 -66.75
N ASP E 155 -10.36 17.66 -66.28
CA ASP E 155 -9.17 17.65 -67.15
C ASP E 155 -9.15 16.46 -68.11
N ALA E 156 -9.56 15.29 -67.62
CA ALA E 156 -9.54 14.05 -68.42
C ALA E 156 -10.60 14.08 -69.51
N VAL E 157 -11.78 14.60 -69.22
CA VAL E 157 -12.82 14.76 -70.24
C VAL E 157 -12.32 15.76 -71.31
N GLN E 158 -11.74 16.86 -70.85
CA GLN E 158 -11.19 17.87 -71.75
C GLN E 158 -10.10 17.30 -72.66
N ALA E 159 -9.23 16.46 -72.10
CA ALA E 159 -8.14 15.88 -72.86
C ALA E 159 -8.70 14.89 -73.88
N MET E 160 -9.72 14.13 -73.49
CA MET E 160 -10.37 13.17 -74.38
C MET E 160 -10.96 13.85 -75.60
N LYS E 161 -11.66 14.95 -75.34
CA LYS E 161 -12.30 15.75 -76.39
C LYS E 161 -11.28 16.36 -77.33
N ALA E 162 -10.22 16.96 -76.79
CA ALA E 162 -9.14 17.55 -77.60
C ALA E 162 -8.43 16.56 -78.52
N ARG E 163 -8.09 15.39 -77.98
CA ARG E 163 -7.37 14.35 -78.75
C ARG E 163 -8.32 13.52 -79.62
N GLY E 164 -9.63 13.79 -79.48
CA GLY E 164 -10.67 13.13 -80.26
C GLY E 164 -10.80 11.63 -80.01
N TYR E 165 -10.71 11.24 -78.74
CA TYR E 165 -10.83 9.83 -78.31
C TYR E 165 -12.29 9.37 -78.31
N ASP E 166 -12.50 8.06 -78.45
CA ASP E 166 -13.85 7.49 -78.45
C ASP E 166 -14.40 7.28 -77.06
N LEU E 167 -13.55 6.83 -76.14
CA LEU E 167 -13.98 6.40 -74.83
C LEU E 167 -13.04 6.80 -73.70
N LEU E 168 -13.63 7.35 -72.65
CA LEU E 168 -12.95 7.68 -71.41
C LEU E 168 -13.58 6.90 -70.23
N PHE E 169 -12.76 6.10 -69.57
CA PHE E 169 -13.19 5.44 -68.32
C PHE E 169 -12.65 6.21 -67.12
N VAL E 170 -13.57 6.61 -66.23
CA VAL E 170 -13.25 7.35 -65.04
C VAL E 170 -13.28 6.41 -63.83
N ASP E 171 -12.10 6.14 -63.27
CA ASP E 171 -11.98 5.35 -62.05
C ASP E 171 -12.37 6.25 -60.92
N THR E 172 -12.88 5.69 -59.84
CA THR E 172 -13.16 6.48 -58.64
C THR E 172 -12.61 5.70 -57.45
N ALA E 173 -12.30 6.40 -56.36
CA ALA E 173 -11.89 5.72 -55.15
C ALA E 173 -13.04 4.86 -54.64
N GLY E 174 -12.73 3.63 -54.22
CA GLY E 174 -13.69 2.84 -53.46
C GLY E 174 -14.28 3.72 -52.38
N ARG E 175 -15.60 3.65 -52.21
CA ARG E 175 -16.27 4.34 -51.11
C ARG E 175 -17.45 3.52 -50.57
N LEU E 176 -17.66 3.60 -49.26
CA LEU E 176 -18.81 2.98 -48.63
C LEU E 176 -20.02 3.90 -48.74
N HIS E 177 -21.15 3.32 -49.13
CA HIS E 177 -22.40 4.06 -49.36
C HIS E 177 -22.99 4.76 -48.11
N THR E 178 -22.41 4.47 -46.94
CA THR E 178 -22.85 5.00 -45.66
C THR E 178 -22.16 6.31 -45.32
N LYS E 179 -21.30 6.79 -46.22
CA LYS E 179 -20.49 7.98 -46.01
C LYS E 179 -21.04 9.08 -46.93
N HIS E 180 -22.07 9.80 -46.48
CA HIS E 180 -22.77 10.78 -47.32
C HIS E 180 -21.84 11.75 -48.02
N ASN E 181 -20.82 12.21 -47.30
CA ASN E 181 -19.83 13.13 -47.85
C ASN E 181 -19.09 12.56 -49.08
N LEU E 182 -18.80 11.26 -49.07
CA LEU E 182 -18.16 10.59 -50.21
C LEU E 182 -19.12 10.34 -51.36
N MET E 183 -20.40 10.13 -51.06
CA MET E 183 -21.42 10.02 -52.12
C MET E 183 -21.64 11.36 -52.80
N GLU E 184 -21.58 12.45 -52.03
CA GLU E 184 -21.70 13.80 -52.57
C GLU E 184 -20.48 14.14 -53.42
N GLU E 185 -19.32 13.68 -52.96
CA GLU E 185 -18.08 13.77 -53.72
C GLU E 185 -18.22 13.12 -55.10
N LEU E 186 -18.89 12.00 -55.14
CA LEU E 186 -19.08 11.27 -56.38
C LEU E 186 -20.06 12.00 -57.29
N LYS E 187 -21.08 12.62 -56.70
CA LYS E 187 -21.98 13.51 -57.45
C LYS E 187 -21.17 14.66 -58.05
N LYS E 188 -20.18 15.14 -57.30
CA LYS E 188 -19.29 16.23 -57.74
C LYS E 188 -18.49 15.88 -58.99
N VAL E 189 -17.95 14.65 -59.04
CA VAL E 189 -17.20 14.14 -60.18
C VAL E 189 -18.11 14.07 -61.40
N LYS E 190 -19.31 13.55 -61.20
CA LYS E 190 -20.30 13.49 -62.26
C LYS E 190 -20.66 14.89 -62.80
N ARG E 191 -20.73 15.88 -61.93
CA ARG E 191 -20.95 17.27 -62.38
C ARG E 191 -19.75 17.82 -63.14
N ALA E 192 -18.56 17.53 -62.63
CA ALA E 192 -17.30 17.92 -63.25
C ALA E 192 -17.26 17.41 -64.68
N ILE E 193 -17.71 16.17 -64.86
CA ILE E 193 -17.76 15.56 -66.19
C ILE E 193 -18.70 16.36 -67.12
N ALA E 194 -19.89 16.71 -66.62
CA ALA E 194 -20.90 17.44 -67.39
C ALA E 194 -20.42 18.84 -67.72
N LYS E 195 -19.80 19.50 -66.75
CA LYS E 195 -19.22 20.82 -66.99
C LYS E 195 -18.29 20.84 -68.21
N ALA E 196 -17.61 19.72 -68.44
CA ALA E 196 -16.65 19.64 -69.54
C ALA E 196 -17.30 19.17 -70.84
N ASP E 197 -18.34 18.35 -70.70
CA ASP E 197 -19.09 17.81 -71.83
C ASP E 197 -20.55 17.57 -71.41
N PRO E 198 -21.44 18.55 -71.70
CA PRO E 198 -22.81 18.66 -71.13
C PRO E 198 -23.64 17.38 -71.15
N GLU E 199 -23.41 16.54 -72.14
CA GLU E 199 -24.17 15.28 -72.27
C GLU E 199 -23.71 14.21 -71.28
N GLU E 200 -22.49 14.38 -70.77
CA GLU E 200 -21.74 13.30 -70.13
C GLU E 200 -21.84 13.28 -68.60
N PRO E 201 -21.60 12.10 -67.96
CA PRO E 201 -21.29 10.80 -68.58
C PRO E 201 -22.55 9.99 -68.93
N LYS E 202 -22.53 9.35 -70.09
CA LYS E 202 -23.69 8.58 -70.52
C LYS E 202 -23.83 7.31 -69.72
N GLU E 203 -22.69 6.67 -69.44
CA GLU E 203 -22.68 5.45 -68.65
C GLU E 203 -22.13 5.67 -67.24
N VAL E 204 -22.88 5.19 -66.26
CA VAL E 204 -22.39 5.07 -64.92
C VAL E 204 -22.53 3.60 -64.61
N TRP E 205 -21.41 2.93 -64.36
CA TRP E 205 -21.44 1.48 -64.17
C TRP E 205 -21.02 1.08 -62.77
N LEU E 206 -21.88 0.35 -62.07
CA LEU E 206 -21.56 -0.16 -60.74
C LEU E 206 -20.70 -1.41 -60.80
N VAL E 207 -19.70 -1.49 -59.92
CA VAL E 207 -18.90 -2.69 -59.81
C VAL E 207 -19.29 -3.44 -58.54
N LEU E 208 -19.68 -4.69 -58.74
CA LEU E 208 -20.18 -5.55 -57.70
C LEU E 208 -19.29 -6.78 -57.63
N ASP E 209 -18.79 -7.08 -56.43
CA ASP E 209 -17.93 -8.24 -56.20
C ASP E 209 -18.88 -9.43 -56.01
N ALA E 210 -18.70 -10.51 -56.78
CA ALA E 210 -19.58 -11.69 -56.67
C ALA E 210 -19.73 -12.27 -55.27
N VAL E 211 -18.68 -12.19 -54.45
CA VAL E 211 -18.69 -12.78 -53.10
C VAL E 211 -19.60 -12.05 -52.09
N THR E 212 -20.05 -10.84 -52.46
CA THR E 212 -20.94 -10.01 -51.65
C THR E 212 -22.28 -10.67 -51.36
N GLY E 213 -22.76 -10.51 -50.14
CA GLY E 213 -24.08 -10.98 -49.77
C GLY E 213 -25.12 -9.89 -49.96
N GLN E 214 -26.05 -9.82 -49.01
CA GLN E 214 -27.21 -8.92 -49.09
C GLN E 214 -26.88 -7.43 -49.08
N ASN E 215 -25.67 -7.09 -48.66
CA ASN E 215 -25.21 -5.69 -48.73
C ASN E 215 -25.11 -5.16 -50.18
N GLY E 216 -24.92 -6.10 -51.11
CA GLY E 216 -24.92 -5.81 -52.55
C GLY E 216 -26.12 -5.02 -53.05
N LEU E 217 -27.32 -5.39 -52.58
CA LEU E 217 -28.54 -4.64 -52.92
C LEU E 217 -28.56 -3.25 -52.28
N GLU E 218 -28.07 -3.14 -51.06
CA GLU E 218 -27.97 -1.85 -50.42
C GLU E 218 -27.00 -0.93 -51.19
N GLN E 219 -25.88 -1.50 -51.65
CA GLN E 219 -24.90 -0.78 -52.46
C GLN E 219 -25.52 -0.29 -53.76
N ALA E 220 -26.26 -1.17 -54.44
CA ALA E 220 -26.90 -0.83 -55.71
C ALA E 220 -27.92 0.29 -55.58
N LYS E 221 -28.77 0.25 -54.55
CA LYS E 221 -29.79 1.30 -54.33
C LYS E 221 -29.16 2.67 -54.14
N LYS E 222 -28.08 2.70 -53.36
CA LYS E 222 -27.45 3.94 -52.91
C LYS E 222 -26.65 4.61 -54.01
N PHE E 223 -25.88 3.83 -54.76
CA PHE E 223 -25.15 4.41 -55.88
C PHE E 223 -26.15 4.85 -56.95
N HIS E 224 -27.14 4.01 -57.23
CA HIS E 224 -28.22 4.35 -58.15
C HIS E 224 -28.88 5.68 -57.81
N GLU E 225 -29.22 5.86 -56.53
CA GLU E 225 -29.85 7.07 -56.05
C GLU E 225 -28.91 8.29 -56.10
N ALA E 226 -27.62 8.07 -55.86
CA ALA E 226 -26.68 9.17 -55.86
C ALA E 226 -26.33 9.64 -57.26
N VAL E 227 -26.22 8.73 -58.23
CA VAL E 227 -25.65 9.10 -59.55
C VAL E 227 -26.30 8.46 -60.79
N GLY E 228 -27.35 7.65 -60.58
CA GLY E 228 -28.07 7.01 -61.68
C GLY E 228 -27.27 5.96 -62.45
N LEU E 229 -27.39 4.71 -62.05
CA LEU E 229 -26.67 3.61 -62.71
C LEU E 229 -27.30 3.23 -64.04
N THR E 230 -26.46 2.89 -65.02
CA THR E 230 -26.93 2.46 -66.33
C THR E 230 -26.47 1.05 -66.64
N GLY E 231 -25.74 0.45 -65.70
CA GLY E 231 -25.23 -0.89 -65.89
C GLY E 231 -24.45 -1.34 -64.67
N VAL E 232 -24.24 -2.66 -64.58
CA VAL E 232 -23.53 -3.29 -63.49
C VAL E 232 -22.53 -4.29 -64.05
N ILE E 233 -21.35 -4.34 -63.44
CA ILE E 233 -20.36 -5.35 -63.75
C ILE E 233 -20.08 -6.16 -62.51
N VAL E 234 -20.14 -7.48 -62.63
CA VAL E 234 -19.95 -8.33 -61.48
C VAL E 234 -18.60 -8.98 -61.65
N THR E 235 -17.77 -8.82 -60.63
CA THR E 235 -16.40 -9.27 -60.67
C THR E 235 -16.24 -10.54 -59.85
N LYS E 236 -15.12 -11.23 -60.06
CA LYS E 236 -14.66 -12.30 -59.19
C LYS E 236 -15.58 -13.53 -59.32
N LEU E 237 -16.29 -13.58 -60.43
CA LEU E 237 -17.17 -14.68 -60.73
C LEU E 237 -16.41 -15.98 -61.04
N ASP E 238 -15.09 -15.92 -61.10
CA ASP E 238 -14.22 -17.09 -61.27
C ASP E 238 -14.06 -17.92 -60.00
N GLY E 239 -14.57 -17.40 -58.89
CA GLY E 239 -14.54 -18.13 -57.62
C GLY E 239 -15.82 -18.92 -57.42
N THR E 240 -15.98 -19.48 -56.23
CA THR E 240 -17.10 -20.36 -55.91
C THR E 240 -18.43 -19.61 -55.73
N ALA E 241 -18.36 -18.33 -55.38
CA ALA E 241 -19.55 -17.49 -55.27
C ALA E 241 -20.24 -17.37 -56.63
N LYS E 242 -21.56 -17.20 -56.58
CA LYS E 242 -22.40 -17.28 -57.76
C LYS E 242 -23.01 -15.94 -58.17
N GLY E 243 -22.90 -14.93 -57.31
CA GLY E 243 -23.33 -13.56 -57.63
C GLY E 243 -24.84 -13.39 -57.61
N GLY E 244 -25.51 -14.21 -56.78
CA GLY E 244 -26.96 -14.29 -56.76
C GLY E 244 -27.66 -13.03 -56.32
N VAL E 245 -26.93 -12.14 -55.64
CA VAL E 245 -27.48 -10.84 -55.27
C VAL E 245 -27.78 -9.96 -56.51
N LEU E 246 -27.25 -10.34 -57.67
CA LEU E 246 -27.62 -9.70 -58.94
C LEU E 246 -29.11 -9.80 -59.19
N ILE E 247 -29.69 -10.93 -58.78
CA ILE E 247 -31.12 -11.20 -58.98
C ILE E 247 -32.01 -10.13 -58.36
N PRO E 248 -31.98 -9.96 -57.00
CA PRO E 248 -32.81 -8.89 -56.43
C PRO E 248 -32.42 -7.47 -56.87
N ILE E 249 -31.16 -7.25 -57.22
CA ILE E 249 -30.71 -5.95 -57.74
C ILE E 249 -31.40 -5.62 -59.08
N VAL E 250 -31.31 -6.57 -60.03
CA VAL E 250 -31.96 -6.42 -61.33
C VAL E 250 -33.50 -6.42 -61.22
N ARG E 251 -34.05 -7.12 -60.22
CA ARG E 251 -35.50 -7.13 -60.02
C ARG E 251 -35.99 -5.79 -59.53
N THR E 252 -35.24 -5.19 -58.61
CA THR E 252 -35.63 -3.95 -57.95
C THR E 252 -35.38 -2.72 -58.83
N LEU E 253 -34.17 -2.59 -59.36
CA LEU E 253 -33.72 -1.34 -59.97
C LEU E 253 -33.74 -1.36 -61.48
N LYS E 254 -33.90 -2.56 -62.06
CA LYS E 254 -34.02 -2.76 -63.51
C LYS E 254 -32.80 -2.20 -64.22
N VAL E 255 -31.63 -2.55 -63.71
CA VAL E 255 -30.36 -2.09 -64.28
C VAL E 255 -29.70 -3.25 -65.00
N PRO E 256 -29.35 -3.07 -66.28
CA PRO E 256 -28.73 -4.17 -67.00
C PRO E 256 -27.31 -4.56 -66.51
N ILE E 257 -27.04 -5.86 -66.53
CA ILE E 257 -25.72 -6.39 -66.27
C ILE E 257 -24.95 -6.37 -67.59
N LYS E 258 -23.80 -5.72 -67.59
CA LYS E 258 -23.04 -5.51 -68.80
C LYS E 258 -21.93 -6.55 -68.97
N PHE E 259 -21.15 -6.78 -67.92
CA PHE E 259 -19.99 -7.68 -67.99
C PHE E 259 -19.80 -8.50 -66.74
N VAL E 260 -19.16 -9.66 -66.92
CA VAL E 260 -18.66 -10.44 -65.81
C VAL E 260 -17.12 -10.42 -65.83
N GLY E 261 -16.54 -10.30 -64.65
CA GLY E 261 -15.09 -10.46 -64.47
C GLY E 261 -14.78 -11.88 -63.98
N VAL E 262 -13.79 -12.50 -64.61
CA VAL E 262 -13.40 -13.88 -64.30
C VAL E 262 -11.88 -14.10 -64.11
N GLY E 263 -11.20 -13.08 -63.62
CA GLY E 263 -9.76 -13.18 -63.37
C GLY E 263 -9.09 -11.87 -63.07
N GLU E 264 -7.78 -11.92 -62.89
CA GLU E 264 -6.98 -10.75 -62.57
C GLU E 264 -6.08 -10.32 -63.75
N GLY E 265 -6.32 -10.93 -64.92
CA GLY E 265 -5.59 -10.61 -66.14
C GLY E 265 -6.44 -9.73 -67.05
N PRO E 266 -5.80 -9.04 -68.01
CA PRO E 266 -6.49 -8.08 -68.90
C PRO E 266 -7.49 -8.70 -69.88
N ASP E 267 -7.48 -10.02 -70.02
CA ASP E 267 -8.41 -10.69 -70.95
C ASP E 267 -9.62 -11.27 -70.23
N ASP E 268 -9.57 -11.32 -68.90
CA ASP E 268 -10.55 -12.03 -68.08
C ASP E 268 -11.89 -11.30 -67.89
N LEU E 269 -12.49 -10.91 -69.02
CA LEU E 269 -13.77 -10.17 -69.08
C LEU E 269 -14.63 -10.76 -70.19
N GLN E 270 -15.92 -10.94 -69.88
CA GLN E 270 -16.90 -11.47 -70.82
C GLN E 270 -18.18 -10.65 -70.75
N PRO E 271 -18.77 -10.35 -71.93
CA PRO E 271 -20.12 -9.80 -71.95
C PRO E 271 -21.07 -10.74 -71.21
N PHE E 272 -22.06 -10.18 -70.53
CA PHE E 272 -22.96 -10.99 -69.72
C PHE E 272 -23.69 -12.04 -70.58
N ASP E 273 -23.81 -13.26 -70.05
CA ASP E 273 -24.54 -14.36 -70.68
C ASP E 273 -25.58 -14.83 -69.68
N PRO E 274 -26.82 -14.34 -69.81
CA PRO E 274 -27.93 -14.71 -68.91
C PRO E 274 -28.12 -16.22 -68.78
N GLU E 275 -28.14 -16.92 -69.91
CA GLU E 275 -28.28 -18.39 -69.93
C GLU E 275 -27.16 -19.07 -69.14
N ALA E 276 -25.91 -18.72 -69.46
CA ALA E 276 -24.75 -19.33 -68.82
C ALA E 276 -24.67 -18.99 -67.35
N PHE E 277 -25.10 -17.78 -66.99
CA PHE E 277 -25.13 -17.34 -65.60
C PHE E 277 -26.14 -18.12 -64.78
N VAL E 278 -27.29 -18.39 -65.40
CA VAL E 278 -28.37 -19.10 -64.70
C VAL E 278 -28.05 -20.58 -64.49
N GLU E 279 -27.60 -21.27 -65.55
CA GLU E 279 -27.09 -22.62 -65.42
C GLU E 279 -26.08 -22.67 -64.28
N ALA E 280 -25.10 -21.77 -64.33
CA ALA E 280 -24.01 -21.72 -63.35
C ALA E 280 -24.53 -21.53 -61.93
N LEU E 281 -25.55 -20.70 -61.77
CA LEU E 281 -26.15 -20.46 -60.47
C LEU E 281 -26.84 -21.71 -59.90
N LEU E 282 -27.23 -22.61 -60.79
CA LEU E 282 -27.89 -23.85 -60.38
C LEU E 282 -27.02 -25.10 -60.52
N GLU E 283 -25.70 -24.91 -60.62
CA GLU E 283 -24.75 -26.02 -60.67
C GLU E 283 -24.10 -26.26 -59.33
N GLY F 6 1.74 -3.58 48.59
CA GLY F 6 2.71 -3.48 47.47
C GLY F 6 2.91 -4.79 46.73
N ASN F 7 2.99 -4.71 45.40
CA ASN F 7 3.15 -5.87 44.53
C ASN F 7 4.45 -6.65 44.76
N LEU F 8 4.41 -7.98 44.60
CA LEU F 8 5.58 -8.83 44.81
C LEU F 8 6.61 -8.78 43.67
N GLU F 9 6.41 -7.85 42.73
CA GLU F 9 7.24 -7.76 41.51
C GLU F 9 7.61 -6.34 41.10
N GLU F 10 6.61 -5.45 41.09
CA GLU F 10 6.82 -4.05 40.74
C GLU F 10 7.63 -3.32 41.82
N VAL F 11 7.70 -3.95 43.00
CA VAL F 11 8.57 -3.50 44.09
C VAL F 11 10.02 -4.01 43.92
N LEU F 12 10.21 -5.08 43.15
CA LEU F 12 11.56 -5.49 42.76
C LEU F 12 12.16 -4.53 41.71
N GLU F 13 11.43 -4.28 40.62
CA GLU F 13 11.91 -3.45 39.52
C GLU F 13 12.25 -2.03 40.00
N GLU F 14 11.43 -1.50 40.91
CA GLU F 14 11.67 -0.19 41.49
C GLU F 14 12.84 -0.17 42.49
N LEU F 15 13.20 -1.34 43.02
CA LEU F 15 14.38 -1.48 43.88
C LEU F 15 15.65 -1.56 43.03
N GLU F 16 15.58 -2.30 41.92
CA GLU F 16 16.65 -2.35 40.95
C GLU F 16 16.99 -0.95 40.42
N MET F 17 15.97 -0.15 40.12
CA MET F 17 16.15 1.22 39.68
C MET F 17 16.78 2.09 40.77
N ALA F 18 16.38 1.86 42.01
CA ALA F 18 16.85 2.68 43.13
C ALA F 18 18.36 2.53 43.32
N LEU F 19 18.82 1.28 43.29
CA LEU F 19 20.21 0.96 43.58
C LEU F 19 21.15 1.35 42.45
N LEU F 20 20.77 1.04 41.22
CA LEU F 20 21.57 1.37 40.06
C LEU F 20 21.74 2.88 39.94
N ALA F 21 20.67 3.61 40.22
CA ALA F 21 20.67 5.06 40.23
C ALA F 21 21.48 5.63 41.40
N ALA F 22 21.81 4.78 42.37
CA ALA F 22 22.60 5.17 43.51
C ALA F 22 24.07 4.89 43.31
N ASP F 23 24.42 4.37 42.13
CA ASP F 23 25.81 4.10 41.76
C ASP F 23 26.30 2.82 42.44
N VAL F 24 25.34 2.00 42.86
CA VAL F 24 25.61 0.70 43.50
C VAL F 24 26.25 -0.29 42.52
N GLY F 25 25.95 -0.15 41.24
CA GLY F 25 26.59 -0.98 40.22
C GLY F 25 25.85 -2.27 39.96
N LEU F 26 26.33 -3.04 38.99
CA LEU F 26 25.60 -4.18 38.46
C LEU F 26 25.66 -5.42 39.33
N SER F 27 26.87 -5.92 39.57
CA SER F 27 27.05 -7.17 40.31
C SER F 27 26.54 -7.14 41.73
N ALA F 28 26.64 -5.96 42.37
CA ALA F 28 26.11 -5.79 43.73
C ALA F 28 24.59 -5.80 43.67
N THR F 29 24.03 -5.19 42.63
CA THR F 29 22.58 -5.09 42.46
C THR F 29 21.96 -6.45 42.08
N GLU F 30 22.64 -7.22 41.24
CA GLU F 30 22.23 -8.58 40.92
C GLU F 30 22.19 -9.46 42.17
N GLU F 31 23.32 -9.53 42.88
CA GLU F 31 23.42 -10.31 44.11
C GLU F 31 22.28 -9.99 45.07
N ILE F 32 22.03 -8.70 45.29
CA ILE F 32 20.98 -8.30 46.22
C ILE F 32 19.60 -8.77 45.76
N LEU F 33 19.26 -8.45 44.51
CA LEU F 33 17.95 -8.81 43.93
C LEU F 33 17.74 -10.32 43.82
N GLN F 34 18.80 -11.07 43.50
CA GLN F 34 18.72 -12.53 43.43
C GLN F 34 18.44 -13.15 44.79
N GLU F 35 18.87 -12.46 45.83
CA GLU F 35 18.78 -12.98 47.17
C GLU F 35 17.43 -12.73 47.80
N VAL F 36 16.84 -11.59 47.45
CA VAL F 36 15.49 -11.25 47.90
C VAL F 36 14.43 -11.97 47.05
N ARG F 37 14.78 -12.30 45.80
CA ARG F 37 13.94 -13.14 44.92
C ARG F 37 13.83 -14.57 45.48
N ALA F 38 14.87 -14.98 46.21
CA ALA F 38 14.96 -16.30 46.82
C ALA F 38 14.44 -16.28 48.26
N SER F 39 14.49 -15.10 48.86
CA SER F 39 14.27 -14.89 50.30
C SER F 39 13.15 -15.73 50.95
N GLY F 40 11.90 -15.38 50.67
CA GLY F 40 10.80 -15.95 51.45
C GLY F 40 10.67 -15.26 52.80
N ARG F 41 11.12 -14.00 52.84
CA ARG F 41 10.81 -13.08 53.94
C ARG F 41 9.72 -12.11 53.51
N LYS F 42 8.87 -11.76 54.46
CA LYS F 42 7.67 -10.98 54.22
C LYS F 42 7.93 -9.48 54.32
N ASP F 43 9.03 -9.11 54.97
CA ASP F 43 9.40 -7.72 55.19
C ASP F 43 9.67 -6.96 53.91
N LEU F 44 10.63 -7.46 53.12
CA LEU F 44 11.24 -6.74 51.99
C LEU F 44 12.04 -5.51 52.45
N LYS F 45 11.36 -4.51 52.99
CA LYS F 45 12.04 -3.34 53.55
C LYS F 45 13.17 -3.75 54.50
N GLU F 46 12.84 -4.48 55.56
CA GLU F 46 13.83 -4.88 56.56
C GLU F 46 14.82 -5.91 56.04
N ALA F 47 14.37 -6.76 55.11
CA ALA F 47 15.21 -7.78 54.48
C ALA F 47 16.30 -7.14 53.61
N VAL F 48 15.89 -6.16 52.80
CA VAL F 48 16.79 -5.38 51.97
C VAL F 48 17.79 -4.61 52.83
N LYS F 49 17.27 -3.84 53.79
CA LYS F 49 18.08 -3.09 54.75
C LYS F 49 19.14 -3.99 55.40
N GLU F 50 18.70 -5.05 56.07
CA GLU F 50 19.60 -5.99 56.75
C GLU F 50 20.69 -6.52 55.83
N LYS F 51 20.33 -6.76 54.57
CA LYS F 51 21.26 -7.27 53.58
C LYS F 51 22.28 -6.21 53.18
N LEU F 52 21.85 -4.95 53.15
CA LEU F 52 22.73 -3.84 52.80
C LEU F 52 23.61 -3.44 53.99
N VAL F 53 23.00 -3.32 55.17
CA VAL F 53 23.73 -2.99 56.41
C VAL F 53 24.84 -4.02 56.70
N GLY F 54 24.52 -5.30 56.54
CA GLY F 54 25.49 -6.38 56.70
C GLY F 54 26.56 -6.39 55.62
N MET F 55 26.20 -5.92 54.42
CA MET F 55 27.14 -5.77 53.31
C MET F 55 28.20 -4.69 53.54
N LEU F 56 27.90 -3.77 54.45
CA LEU F 56 28.79 -2.65 54.75
C LEU F 56 29.74 -2.91 55.93
N GLU F 57 29.76 -4.15 56.41
CA GLU F 57 30.70 -4.58 57.45
C GLU F 57 31.81 -5.42 56.81
N PRO F 58 33.09 -5.14 57.15
CA PRO F 58 34.22 -5.93 56.66
C PRO F 58 34.14 -7.40 57.07
N PRO F 77 32.78 6.50 68.87
CA PRO F 77 33.99 7.32 68.75
C PRO F 77 35.04 6.64 67.88
N VAL F 78 35.50 7.31 66.83
CA VAL F 78 36.48 6.72 65.90
C VAL F 78 37.91 7.00 66.33
N GLU F 79 38.70 5.94 66.48
CA GLU F 79 40.07 6.07 66.97
C GLU F 79 41.09 5.36 66.07
N PRO F 80 42.13 6.09 65.63
CA PRO F 80 43.14 5.51 64.76
C PRO F 80 43.97 4.48 65.51
N LYS F 81 44.45 3.46 64.80
CA LYS F 81 45.22 2.36 65.39
C LYS F 81 46.62 2.77 65.87
N GLY F 82 47.14 3.85 65.33
CA GLY F 82 48.48 4.34 65.67
C GLY F 82 48.55 5.85 65.58
N ARG F 83 49.75 6.37 65.35
CA ARG F 83 49.96 7.82 65.35
C ARG F 83 49.86 8.45 63.97
N VAL F 84 50.16 7.69 62.93
CA VAL F 84 50.14 8.24 61.59
C VAL F 84 49.00 7.70 60.73
N VAL F 85 48.20 8.61 60.21
CA VAL F 85 47.16 8.32 59.24
C VAL F 85 47.65 8.89 57.89
N LEU F 86 47.83 8.00 56.90
CA LEU F 86 48.18 8.39 55.53
C LEU F 86 46.91 8.45 54.68
N VAL F 87 46.75 9.54 53.94
CA VAL F 87 45.50 9.84 53.27
C VAL F 87 45.72 9.89 51.75
N VAL F 88 44.97 9.06 51.05
CA VAL F 88 45.22 8.75 49.65
C VAL F 88 43.94 8.84 48.82
N GLY F 89 44.10 9.00 47.52
CA GLY F 89 42.95 9.12 46.64
C GLY F 89 43.30 9.88 45.39
N VAL F 90 42.32 9.96 44.49
CA VAL F 90 42.50 10.67 43.23
C VAL F 90 42.32 12.17 43.41
N ASN F 91 42.35 12.88 42.29
CA ASN F 91 42.37 14.34 42.28
C ASN F 91 41.07 14.99 42.64
N GLY F 92 41.15 15.98 43.55
CA GLY F 92 40.00 16.81 43.89
C GLY F 92 38.87 16.14 44.67
N VAL F 93 39.15 15.01 45.31
CA VAL F 93 38.11 14.27 46.07
C VAL F 93 37.82 14.79 47.49
N GLY F 94 38.70 15.62 48.03
CA GLY F 94 38.50 16.18 49.37
C GLY F 94 39.56 15.84 50.42
N LYS F 95 40.72 15.32 50.01
CA LYS F 95 41.74 14.83 50.94
C LYS F 95 42.21 15.92 51.90
N THR F 96 42.60 17.05 51.33
CA THR F 96 43.08 18.20 52.08
C THR F 96 42.00 18.74 53.00
N THR F 97 40.79 18.90 52.44
CA THR F 97 39.66 19.43 53.19
C THR F 97 39.32 18.46 54.32
N THR F 98 39.43 17.17 54.03
CA THR F 98 39.09 16.11 54.99
C THR F 98 40.06 16.05 56.17
N ILE F 99 41.35 16.23 55.91
CA ILE F 99 42.38 16.27 56.95
C ILE F 99 42.17 17.45 57.93
N ALA F 100 41.71 18.58 57.40
CA ALA F 100 41.33 19.72 58.21
C ALA F 100 40.18 19.35 59.16
N LYS F 101 39.18 18.67 58.60
CA LYS F 101 38.03 18.22 59.36
C LYS F 101 38.47 17.24 60.44
N LEU F 102 39.40 16.36 60.10
CA LEU F 102 39.90 15.35 61.03
C LEU F 102 40.72 15.99 62.15
N GLY F 103 41.47 17.03 61.82
CA GLY F 103 42.17 17.84 62.83
C GLY F 103 41.19 18.44 63.83
N ARG F 104 40.10 19.03 63.32
CA ARG F 104 39.05 19.59 64.16
C ARG F 104 38.39 18.52 65.05
N TYR F 105 38.19 17.34 64.49
CA TYR F 105 37.51 16.23 65.16
C TYR F 105 38.36 15.67 66.31
N TYR F 106 39.63 15.42 66.03
CA TYR F 106 40.53 14.92 67.05
C TYR F 106 41.01 15.99 68.04
N GLN F 107 41.15 17.24 67.62
CA GLN F 107 41.48 18.29 68.61
C GLN F 107 40.33 18.46 69.64
N ASN F 108 39.09 18.30 69.19
CA ASN F 108 37.91 18.29 70.08
C ASN F 108 37.92 17.13 71.09
N LEU F 109 38.63 16.05 70.75
CA LEU F 109 38.83 14.92 71.65
C LEU F 109 40.13 15.10 72.46
N GLY F 110 40.57 16.36 72.57
CA GLY F 110 41.76 16.72 73.35
C GLY F 110 43.08 16.17 72.83
N LYS F 111 43.05 15.58 71.62
CA LYS F 111 44.24 15.00 70.99
C LYS F 111 45.14 16.09 70.41
N LYS F 112 46.45 15.81 70.39
CA LYS F 112 47.44 16.72 69.81
C LYS F 112 47.77 16.33 68.37
N VAL F 113 47.36 17.20 67.45
CA VAL F 113 47.34 16.89 66.02
C VAL F 113 48.38 17.70 65.24
N MET F 114 49.06 17.04 64.31
CA MET F 114 49.97 17.69 63.34
C MET F 114 49.54 17.35 61.90
N PHE F 115 49.88 18.21 60.94
CA PHE F 115 49.62 17.92 59.52
C PHE F 115 50.89 17.83 58.72
N CYS F 116 50.88 16.98 57.71
CA CYS F 116 51.93 16.99 56.71
C CYS F 116 51.29 17.35 55.40
N ALA F 117 51.77 18.45 54.83
CA ALA F 117 51.26 19.02 53.60
C ALA F 117 51.91 18.34 52.42
N GLY F 118 51.62 17.04 52.28
CA GLY F 118 52.30 16.17 51.32
C GLY F 118 52.02 16.44 49.85
N ASP F 119 51.05 17.32 49.56
CA ASP F 119 50.84 17.70 48.17
C ASP F 119 51.88 18.76 47.73
N THR F 120 53.06 18.24 47.32
CA THR F 120 54.20 19.06 46.90
C THR F 120 54.22 19.27 45.39
N PHE F 121 53.16 18.81 44.71
CA PHE F 121 53.01 18.92 43.26
C PHE F 121 52.05 20.00 42.78
N ARG F 122 50.80 19.98 43.25
CA ARG F 122 49.79 20.90 42.70
C ARG F 122 50.03 22.34 43.18
N ALA F 123 49.73 23.32 42.33
CA ALA F 123 49.78 24.72 42.72
C ALA F 123 48.98 24.98 44.02
N ALA F 124 49.63 25.61 45.00
CA ALA F 124 49.04 25.95 46.32
C ALA F 124 48.58 24.74 47.12
N GLY F 125 49.00 23.55 46.68
CA GLY F 125 48.67 22.29 47.35
C GLY F 125 49.08 22.18 48.80
N GLY F 126 50.25 22.74 49.11
CA GLY F 126 50.81 22.73 50.45
C GLY F 126 50.26 23.90 51.26
N THR F 127 50.12 25.05 50.60
CA THR F 127 49.54 26.28 51.14
C THR F 127 48.07 26.12 51.59
N GLN F 128 47.28 25.35 50.86
CA GLN F 128 45.86 25.16 51.18
C GLN F 128 45.69 24.53 52.58
N LEU F 129 46.51 23.51 52.86
CA LEU F 129 46.51 22.82 54.16
C LEU F 129 47.15 23.69 55.24
N SER F 130 48.18 24.43 54.83
CA SER F 130 48.79 25.45 55.65
C SER F 130 47.75 26.43 56.22
N GLU F 131 46.86 26.93 55.35
CA GLU F 131 45.77 27.79 55.79
C GLU F 131 44.83 27.12 56.79
N TRP F 132 44.43 25.88 56.50
CA TRP F 132 43.64 25.09 57.42
C TRP F 132 44.34 24.99 58.77
N GLY F 133 45.64 24.75 58.76
CA GLY F 133 46.48 24.72 59.97
C GLY F 133 46.42 25.98 60.78
N LYS F 134 46.58 27.14 60.12
CA LYS F 134 46.43 28.44 60.77
C LYS F 134 45.11 28.52 61.56
N ARG F 135 44.00 28.39 60.83
CA ARG F 135 42.64 28.46 61.42
C ARG F 135 42.43 27.59 62.64
N LEU F 136 42.89 26.34 62.57
CA LEU F 136 42.67 25.34 63.61
C LEU F 136 43.80 25.31 64.65
N SER F 137 44.80 26.18 64.49
CA SER F 137 45.99 26.22 65.36
C SER F 137 46.74 24.87 65.42
N ILE F 138 46.85 24.24 64.26
CA ILE F 138 47.56 22.96 64.11
C ILE F 138 48.84 23.20 63.33
N PRO F 139 49.97 22.66 63.83
CA PRO F 139 51.24 22.76 63.10
C PRO F 139 51.21 21.98 61.80
N VAL F 140 51.79 22.59 60.78
CA VAL F 140 51.80 22.00 59.46
C VAL F 140 53.23 21.93 58.97
N ILE F 141 53.64 20.71 58.61
CA ILE F 141 54.95 20.47 58.04
C ILE F 141 54.82 20.57 56.51
N GLN F 142 55.37 21.63 55.93
CA GLN F 142 55.23 21.83 54.49
C GLN F 142 56.57 22.17 53.86
N GLY F 143 56.64 22.05 52.54
CA GLY F 143 57.87 22.34 51.81
C GLY F 143 57.58 23.10 50.53
N PRO F 144 58.63 23.59 49.86
CA PRO F 144 58.48 24.24 48.55
C PRO F 144 57.90 23.29 47.51
N GLU F 145 57.09 23.83 46.60
CA GLU F 145 56.51 23.07 45.51
C GLU F 145 57.65 22.38 44.76
N GLY F 146 57.53 21.07 44.58
CA GLY F 146 58.57 20.30 43.91
C GLY F 146 59.40 19.40 44.81
N THR F 147 59.30 19.59 46.13
CA THR F 147 60.07 18.75 47.04
C THR F 147 59.52 17.32 47.10
N ASP F 148 60.36 16.40 47.56
CA ASP F 148 60.00 15.00 47.63
C ASP F 148 58.99 14.78 48.76
N PRO F 149 57.77 14.33 48.40
CA PRO F 149 56.76 14.06 49.43
C PRO F 149 57.25 13.04 50.45
N ALA F 150 58.05 12.07 50.01
CA ALA F 150 58.61 11.05 50.89
C ALA F 150 59.50 11.68 51.97
N ALA F 151 60.45 12.51 51.54
CA ALA F 151 61.36 13.22 52.45
C ALA F 151 60.61 14.16 53.38
N LEU F 152 59.54 14.75 52.86
CA LEU F 152 58.72 15.63 53.67
C LEU F 152 57.95 14.85 54.73
N ALA F 153 57.34 13.74 54.32
CA ALA F 153 56.58 12.86 55.23
C ALA F 153 57.45 12.29 56.36
N TYR F 154 58.66 11.86 56.00
CA TYR F 154 59.67 11.39 56.94
C TYR F 154 60.03 12.48 57.97
N ASP F 155 60.27 13.70 57.49
CA ASP F 155 60.51 14.86 58.39
C ASP F 155 59.31 15.14 59.31
N ALA F 156 58.10 14.99 58.75
CA ALA F 156 56.86 15.15 59.53
C ALA F 156 56.72 14.15 60.71
N VAL F 157 56.95 12.86 60.44
CA VAL F 157 56.89 11.83 61.51
C VAL F 157 57.91 12.09 62.64
N GLN F 158 59.16 12.36 62.26
CA GLN F 158 60.22 12.74 63.19
C GLN F 158 59.79 13.91 64.06
N ALA F 159 59.28 14.96 63.41
CA ALA F 159 58.82 16.13 64.12
C ALA F 159 57.69 15.77 65.09
N MET F 160 56.77 14.93 64.63
CA MET F 160 55.65 14.50 65.48
C MET F 160 56.13 13.79 66.75
N LYS F 161 57.03 12.84 66.52
CA LYS F 161 57.69 12.05 67.56
C LYS F 161 58.49 12.92 68.52
N ALA F 162 59.26 13.87 68.00
CA ALA F 162 60.08 14.76 68.85
C ALA F 162 59.23 15.62 69.79
N ARG F 163 58.06 16.04 69.31
CA ARG F 163 57.17 16.91 70.09
C ARG F 163 56.12 16.15 70.89
N GLY F 164 56.14 14.82 70.81
CA GLY F 164 55.20 13.99 71.56
C GLY F 164 53.75 14.17 71.16
N TYR F 165 53.52 14.39 69.87
CA TYR F 165 52.17 14.61 69.34
C TYR F 165 51.41 13.28 69.29
N ASP F 166 50.08 13.34 69.40
CA ASP F 166 49.25 12.11 69.35
C ASP F 166 49.00 11.63 67.93
N LEU F 167 48.90 12.57 66.99
CA LEU F 167 48.40 12.26 65.65
C LEU F 167 49.00 13.11 64.55
N LEU F 168 49.35 12.45 63.44
CA LEU F 168 49.85 13.11 62.23
C LEU F 168 49.07 12.61 61.04
N PHE F 169 48.42 13.54 60.36
CA PHE F 169 47.73 13.26 59.12
C PHE F 169 48.64 13.67 57.97
N VAL F 170 48.90 12.72 57.08
CA VAL F 170 49.76 12.98 55.93
C VAL F 170 48.91 13.10 54.66
N ASP F 171 48.78 14.34 54.19
CA ASP F 171 48.12 14.63 52.92
C ASP F 171 48.99 14.08 51.80
N THR F 172 48.39 13.74 50.66
CA THR F 172 49.16 13.32 49.51
C THR F 172 48.56 14.02 48.31
N ALA F 173 49.36 14.27 47.28
CA ALA F 173 48.83 14.86 46.06
C ALA F 173 47.83 13.90 45.43
N GLY F 174 46.79 14.45 44.80
CA GLY F 174 45.88 13.62 44.04
C GLY F 174 46.65 12.94 42.92
N ARG F 175 46.33 11.69 42.67
CA ARG F 175 46.97 10.95 41.60
C ARG F 175 45.97 9.96 41.03
N LEU F 176 46.06 9.74 39.73
CA LEU F 176 45.23 8.73 39.12
C LEU F 176 45.95 7.40 39.27
N HIS F 177 45.18 6.38 39.66
CA HIS F 177 45.70 5.01 39.89
C HIS F 177 46.26 4.39 38.60
N THR F 178 46.02 5.06 37.47
CA THR F 178 46.52 4.65 36.16
C THR F 178 47.97 5.08 35.89
N LYS F 179 48.57 5.79 36.83
CA LYS F 179 49.94 6.31 36.70
C LYS F 179 50.88 5.56 37.63
N HIS F 180 51.48 4.46 37.11
CA HIS F 180 52.28 3.56 37.93
C HIS F 180 53.39 4.25 38.70
N ASN F 181 54.05 5.21 38.07
CA ASN F 181 55.07 6.00 38.75
C ASN F 181 54.53 6.80 39.95
N LEU F 182 53.29 7.29 39.86
CA LEU F 182 52.69 8.04 40.99
C LEU F 182 52.25 7.12 42.09
N MET F 183 51.76 5.94 41.72
CA MET F 183 51.46 4.90 42.69
C MET F 183 52.71 4.40 43.43
N GLU F 184 53.85 4.32 42.71
CA GLU F 184 55.14 3.96 43.30
C GLU F 184 55.65 5.04 44.27
N GLU F 185 55.44 6.29 43.88
CA GLU F 185 55.71 7.45 44.72
C GLU F 185 54.95 7.38 46.05
N LEU F 186 53.68 6.99 46.00
CA LEU F 186 52.88 6.77 47.22
C LEU F 186 53.49 5.68 48.10
N LYS F 187 53.83 4.54 47.49
CA LYS F 187 54.56 3.43 48.16
C LYS F 187 55.82 3.91 48.87
N LYS F 188 56.58 4.76 48.16
CA LYS F 188 57.79 5.38 48.70
C LYS F 188 57.52 6.30 49.89
N VAL F 189 56.37 7.00 49.87
CA VAL F 189 55.99 7.89 50.98
C VAL F 189 55.69 7.09 52.24
N LYS F 190 54.93 6.01 52.08
CA LYS F 190 54.59 5.11 53.17
C LYS F 190 55.84 4.51 53.83
N ARG F 191 56.79 4.06 53.00
CA ARG F 191 58.07 3.55 53.48
C ARG F 191 58.84 4.62 54.25
N ALA F 192 58.82 5.85 53.75
CA ALA F 192 59.47 6.97 54.43
C ALA F 192 58.95 7.10 55.87
N ILE F 193 57.63 6.95 56.03
CA ILE F 193 56.97 6.98 57.34
C ILE F 193 57.51 5.87 58.24
N ALA F 194 57.58 4.64 57.69
CA ALA F 194 58.07 3.45 58.40
C ALA F 194 59.58 3.49 58.65
N LYS F 195 60.28 4.34 57.92
CA LYS F 195 61.68 4.56 58.18
C LYS F 195 61.85 5.40 59.44
N ALA F 196 60.91 6.30 59.70
CA ALA F 196 60.95 7.14 60.90
C ALA F 196 60.25 6.48 62.07
N ASP F 197 59.28 5.63 61.78
CA ASP F 197 58.59 4.83 62.79
C ASP F 197 58.10 3.50 62.19
N PRO F 198 58.81 2.40 62.50
CA PRO F 198 58.52 1.05 61.99
C PRO F 198 57.07 0.60 62.21
N GLU F 199 56.45 1.10 63.28
CA GLU F 199 55.04 0.80 63.59
C GLU F 199 54.06 1.46 62.61
N GLU F 200 54.53 2.45 61.86
CA GLU F 200 53.64 3.35 61.11
C GLU F 200 53.80 3.25 59.58
N PRO F 201 52.77 3.70 58.81
CA PRO F 201 51.48 4.21 59.29
C PRO F 201 50.49 3.10 59.60
N LYS F 202 49.78 3.24 60.72
CA LYS F 202 48.80 2.25 61.09
C LYS F 202 47.56 2.38 60.21
N GLU F 203 47.06 3.60 60.07
CA GLU F 203 45.94 3.90 59.17
C GLU F 203 46.42 4.34 57.81
N VAL F 204 45.81 3.78 56.78
CA VAL F 204 45.90 4.27 55.41
C VAL F 204 44.47 4.47 54.98
N TRP F 205 44.04 5.73 54.84
CA TRP F 205 42.63 6.00 54.55
C TRP F 205 42.43 6.53 53.13
N LEU F 206 41.62 5.83 52.35
CA LEU F 206 41.26 6.26 51.00
C LEU F 206 40.20 7.34 51.06
N VAL F 207 40.38 8.40 50.27
CA VAL F 207 39.29 9.37 50.13
C VAL F 207 38.52 9.20 48.83
N LEU F 208 37.21 9.02 48.99
CA LEU F 208 36.33 8.71 47.88
C LEU F 208 35.21 9.75 47.75
N ASP F 209 35.08 10.30 46.56
CA ASP F 209 34.11 11.33 46.23
C ASP F 209 32.72 10.67 46.05
N ALA F 210 31.69 11.16 46.73
CA ALA F 210 30.35 10.52 46.63
C ALA F 210 29.77 10.47 45.21
N VAL F 211 30.03 11.51 44.42
CA VAL F 211 29.53 11.59 43.04
C VAL F 211 30.17 10.55 42.09
N THR F 212 31.31 9.99 42.51
CA THR F 212 32.00 8.94 41.76
C THR F 212 31.02 7.80 41.42
N GLY F 213 31.14 7.27 40.21
CA GLY F 213 30.43 6.08 39.79
C GLY F 213 31.34 4.88 39.93
N GLN F 214 31.26 3.99 38.94
CA GLN F 214 31.91 2.67 39.01
C GLN F 214 33.43 2.68 39.09
N ASN F 215 34.07 3.75 38.60
CA ASN F 215 35.54 3.94 38.76
C ASN F 215 36.00 3.97 40.24
N GLY F 216 35.09 4.28 41.16
CA GLY F 216 35.38 4.26 42.59
C GLY F 216 35.93 2.94 43.09
N LEU F 217 35.36 1.83 42.63
CA LEU F 217 35.86 0.50 42.97
C LEU F 217 37.27 0.27 42.41
N GLU F 218 37.47 0.66 41.16
CA GLU F 218 38.80 0.56 40.56
C GLU F 218 39.83 1.31 41.40
N GLN F 219 39.50 2.56 41.74
CA GLN F 219 40.26 3.39 42.68
C GLN F 219 40.60 2.61 43.96
N ALA F 220 39.57 2.04 44.60
CA ALA F 220 39.75 1.31 45.85
C ALA F 220 40.67 0.11 45.69
N LYS F 221 40.46 -0.65 44.62
CA LYS F 221 41.25 -1.85 44.33
C LYS F 221 42.71 -1.49 44.14
N LYS F 222 42.96 -0.46 43.33
CA LYS F 222 44.32 -0.07 42.97
C LYS F 222 45.09 0.59 44.11
N PHE F 223 44.42 1.43 44.90
CA PHE F 223 45.07 2.07 46.05
C PHE F 223 45.35 1.05 47.14
N HIS F 224 44.42 0.11 47.32
CA HIS F 224 44.59 -1.02 48.25
C HIS F 224 45.75 -1.93 47.88
N GLU F 225 45.88 -2.24 46.60
CA GLU F 225 46.99 -3.04 46.07
C GLU F 225 48.34 -2.36 46.32
N ALA F 226 48.35 -1.02 46.25
CA ALA F 226 49.60 -0.27 46.35
C ALA F 226 50.05 -0.02 47.79
N VAL F 227 49.12 0.33 48.67
CA VAL F 227 49.50 0.81 50.02
C VAL F 227 48.74 0.19 51.19
N GLY F 228 47.76 -0.68 50.89
CA GLY F 228 47.01 -1.38 51.92
C GLY F 228 46.11 -0.49 52.75
N LEU F 229 44.86 -0.36 52.31
CA LEU F 229 43.87 0.49 52.96
C LEU F 229 43.36 -0.12 54.25
N THR F 230 43.13 0.76 55.24
CA THR F 230 42.52 0.36 56.50
C THR F 230 41.21 1.13 56.71
N GLY F 231 40.77 1.85 55.70
CA GLY F 231 39.62 2.73 55.86
C GLY F 231 39.28 3.50 54.61
N VAL F 232 38.03 3.93 54.54
CA VAL F 232 37.53 4.74 53.46
C VAL F 232 36.77 5.93 54.04
N ILE F 233 37.02 7.10 53.49
CA ILE F 233 36.21 8.28 53.77
C ILE F 233 35.47 8.70 52.52
N VAL F 234 34.17 8.87 52.65
CA VAL F 234 33.35 9.30 51.53
C VAL F 234 32.95 10.76 51.75
N THR F 235 33.31 11.59 50.78
CA THR F 235 33.10 13.02 50.87
C THR F 235 31.98 13.44 49.94
N LYS F 236 31.45 14.64 50.16
CA LYS F 236 30.44 15.24 49.27
C LYS F 236 29.09 14.54 49.34
N LEU F 237 28.85 13.80 50.42
CA LEU F 237 27.58 13.10 50.63
C LEU F 237 26.42 14.09 50.92
N ASP F 238 26.75 15.37 51.03
CA ASP F 238 25.78 16.46 51.17
C ASP F 238 25.06 16.77 49.87
N GLY F 239 25.55 16.23 48.77
CA GLY F 239 24.93 16.47 47.45
C GLY F 239 23.80 15.49 47.21
N THR F 240 23.36 15.39 45.97
CA THR F 240 22.33 14.40 45.64
C THR F 240 22.84 12.96 45.54
N ALA F 241 24.14 12.80 45.29
CA ALA F 241 24.81 11.49 45.21
C ALA F 241 24.61 10.63 46.45
N LYS F 242 24.55 9.31 46.26
CA LYS F 242 24.35 8.37 47.38
C LYS F 242 25.60 7.65 47.88
N GLY F 243 26.68 7.67 47.09
CA GLY F 243 27.89 6.92 47.43
C GLY F 243 27.68 5.42 47.37
N GLY F 244 26.81 4.98 46.45
CA GLY F 244 26.45 3.58 46.33
C GLY F 244 27.59 2.69 45.87
N VAL F 245 28.65 3.30 45.36
CA VAL F 245 29.82 2.56 44.94
C VAL F 245 30.54 1.96 46.16
N LEU F 246 30.24 2.48 47.35
CA LEU F 246 30.77 1.93 48.60
C LEU F 246 30.34 0.48 48.86
N ILE F 247 29.11 0.13 48.48
CA ILE F 247 28.63 -1.26 48.55
C ILE F 247 29.65 -2.22 47.95
N PRO F 248 29.89 -2.18 46.61
CA PRO F 248 30.90 -3.11 46.06
C PRO F 248 32.33 -2.97 46.60
N ILE F 249 32.68 -1.78 47.09
CA ILE F 249 33.98 -1.56 47.70
C ILE F 249 34.14 -2.41 48.97
N VAL F 250 33.23 -2.24 49.94
CA VAL F 250 33.27 -3.07 51.14
C VAL F 250 33.12 -4.55 50.77
N ARG F 251 32.13 -4.86 49.94
CA ARG F 251 31.91 -6.22 49.45
C ARG F 251 33.21 -6.87 48.96
N THR F 252 33.99 -6.11 48.19
CA THR F 252 35.18 -6.63 47.52
C THR F 252 36.42 -6.52 48.40
N LEU F 253 36.52 -5.41 49.15
CA LEU F 253 37.73 -5.13 49.95
C LEU F 253 37.60 -5.42 51.45
N LYS F 254 36.38 -5.39 51.96
CA LYS F 254 36.13 -5.62 53.39
C LYS F 254 36.98 -4.64 54.18
N VAL F 255 36.77 -3.36 53.89
CA VAL F 255 37.46 -2.27 54.54
C VAL F 255 36.38 -1.35 55.09
N PRO F 256 36.49 -0.96 56.37
CA PRO F 256 35.45 -0.18 57.00
C PRO F 256 35.35 1.26 56.49
N ILE F 257 34.11 1.73 56.33
CA ILE F 257 33.84 3.13 56.05
C ILE F 257 33.98 3.91 57.35
N LYS F 258 34.98 4.76 57.43
CA LYS F 258 35.34 5.43 58.68
C LYS F 258 34.51 6.67 58.95
N PHE F 259 34.45 7.57 57.98
CA PHE F 259 33.79 8.87 58.14
C PHE F 259 33.04 9.26 56.88
N VAL F 260 32.15 10.22 57.04
CA VAL F 260 31.45 10.85 55.92
C VAL F 260 31.67 12.35 55.96
N GLY F 261 31.93 12.95 54.79
CA GLY F 261 32.01 14.39 54.66
C GLY F 261 30.71 14.98 54.15
N VAL F 262 30.25 16.04 54.80
CA VAL F 262 28.94 16.64 54.46
C VAL F 262 28.98 18.13 54.29
N GLY F 263 30.11 18.66 53.85
CA GLY F 263 30.21 20.08 53.52
C GLY F 263 31.65 20.52 53.35
N GLU F 264 31.85 21.84 53.29
CA GLU F 264 33.17 22.40 53.06
C GLU F 264 33.80 23.09 54.28
N GLY F 265 33.14 23.01 55.43
CA GLY F 265 33.64 23.57 56.67
C GLY F 265 34.29 22.52 57.57
N PRO F 266 35.06 22.97 58.58
CA PRO F 266 35.83 22.08 59.46
C PRO F 266 34.98 21.14 60.32
N ASP F 267 33.73 21.51 60.59
CA ASP F 267 32.81 20.66 61.37
C ASP F 267 32.02 19.66 60.51
N ASP F 268 32.14 19.75 59.19
CA ASP F 268 31.26 19.01 58.26
C ASP F 268 31.64 17.53 58.08
N LEU F 269 31.88 16.86 59.19
CA LEU F 269 32.34 15.49 59.24
C LEU F 269 31.50 14.71 60.24
N GLN F 270 31.13 13.49 59.87
CA GLN F 270 30.36 12.60 60.74
C GLN F 270 30.91 11.19 60.65
N PRO F 271 30.92 10.45 61.78
CA PRO F 271 31.20 9.00 61.75
C PRO F 271 30.22 8.28 60.82
N PHE F 272 30.65 7.18 60.22
CA PHE F 272 29.79 6.46 59.27
C PHE F 272 28.70 5.65 59.99
N ASP F 273 27.45 5.96 59.69
CA ASP F 273 26.30 5.22 60.24
C ASP F 273 25.64 4.37 59.15
N PRO F 274 25.90 3.04 59.19
CA PRO F 274 25.44 2.08 58.17
C PRO F 274 23.92 2.09 57.98
N GLU F 275 23.17 2.35 59.05
CA GLU F 275 21.72 2.36 59.05
C GLU F 275 21.17 3.61 58.36
N ALA F 276 21.59 4.78 58.83
CA ALA F 276 21.19 6.06 58.23
C ALA F 276 21.60 6.17 56.75
N PHE F 277 22.71 5.52 56.40
CA PHE F 277 23.20 5.50 55.03
C PHE F 277 22.36 4.61 54.12
N VAL F 278 21.99 3.43 54.63
CA VAL F 278 21.14 2.50 53.87
C VAL F 278 19.73 3.05 53.69
N GLU F 279 19.26 3.81 54.67
CA GLU F 279 18.00 4.53 54.54
C GLU F 279 18.14 5.51 53.39
N ALA F 280 19.03 6.48 53.55
CA ALA F 280 19.21 7.58 52.59
C ALA F 280 19.38 7.09 51.16
N LEU F 281 19.97 5.91 51.02
CA LEU F 281 20.14 5.24 49.73
C LEU F 281 18.80 5.07 49.00
N LEU F 282 17.76 4.75 49.75
CA LEU F 282 16.45 4.44 49.18
C LEU F 282 15.41 5.58 49.36
N GLU F 283 15.85 6.82 49.15
CA GLU F 283 15.00 8.00 49.28
C GLU F 283 13.81 8.02 48.30
PB GDP G . -21.05 -4.38 22.18
O1B GDP G . -20.10 -3.29 21.85
O2B GDP G . -22.33 -4.31 21.37
O3B GDP G . -21.40 -4.43 23.64
O3A GDP G . -20.33 -5.77 21.80
PA GDP G . -20.05 -7.03 22.77
O1A GDP G . -19.25 -6.60 23.96
O2A GDP G . -21.31 -7.83 22.95
O5' GDP G . -18.98 -7.82 21.85
C5' GDP G . -19.21 -8.22 20.51
C4' GDP G . -18.44 -9.52 20.31
O4' GDP G . -17.06 -9.21 20.23
C3' GDP G . -18.56 -10.49 21.51
O3' GDP G . -18.65 -11.78 20.95
C2' GDP G . -17.25 -10.33 22.29
O2' GDP G . -16.79 -11.51 22.93
C1' GDP G . -16.30 -9.97 21.19
N9 GDP G . -15.13 -9.20 21.64
C8 GDP G . -15.13 -8.03 22.30
N7 GDP G . -13.85 -7.63 22.50
C5 GDP G . -13.03 -8.54 21.94
C6 GDP G . -11.56 -8.73 21.79
O6 GDP G . -10.78 -7.86 22.28
N1 GDP G . -11.12 -9.85 21.15
C2 GDP G . -11.99 -10.76 20.64
N2 GDP G . -11.52 -11.85 20.02
N3 GDP G . -13.34 -10.61 20.75
C4 GDP G . -13.89 -9.57 21.36
MG MG H . -23.28 -4.60 24.50
AL ALF I . -24.00 -3.48 21.42
F1 ALF I . -23.70 -2.57 19.94
F2 ALF I . -24.69 -4.79 20.42
F3 ALF I . -24.41 -4.36 22.91
F4 ALF I . -23.33 -2.15 22.38
PB GDP J . -6.04 -6.45 -50.32
O1B GDP J . -6.60 -7.48 -49.39
O2B GDP J . -6.16 -6.86 -51.77
O3B GDP J . -4.63 -6.06 -49.93
O3A GDP J . -6.94 -5.14 -50.17
PA GDP J . -6.47 -3.64 -49.82
O1A GDP J . -5.68 -3.61 -48.55
O2A GDP J . -5.88 -3.00 -51.04
O5' GDP J . -7.90 -3.01 -49.49
C5' GDP J . -8.89 -2.93 -50.50
C4' GDP J . -9.72 -1.67 -50.26
O4' GDP J . -10.41 -1.77 -49.02
C3' GDP J . -8.87 -0.39 -50.17
O3' GDP J . -9.62 0.66 -50.83
C2' GDP J . -8.77 -0.12 -48.68
O2' GDP J . -8.55 1.27 -48.41
C1' GDP J . -10.12 -0.62 -48.21
N9 GDP J . -10.26 -1.04 -46.82
C8 GDP J . -9.55 -1.97 -46.14
N7 GDP J . -10.01 -2.09 -44.86
C5 GDP J . -11.04 -1.24 -44.73
C6 GDP J . -11.97 -0.84 -43.65
O6 GDP J . -11.88 -1.38 -42.53
N1 GDP J . -12.89 0.09 -43.92
C2 GDP J . -12.98 0.67 -45.14
N2 GDP J . -13.94 1.60 -45.35
N3 GDP J . -12.17 0.36 -46.16
C4 GDP J . -11.20 -0.56 -46.02
MG MG K . -2.94 -6.09 -51.14
AL ALF L . -5.13 -8.05 -52.80
F1 ALF L . -6.36 -9.31 -52.90
F2 ALF L . -5.75 -7.28 -54.25
F3 ALF L . -3.82 -6.85 -52.72
F4 ALF L . -4.42 -8.84 -51.37
PB GDP M . 38.22 22.96 40.99
O1B GDP M . 37.14 22.59 40.03
O2B GDP M . 37.77 22.92 42.41
O3B GDP M . 38.83 24.27 40.67
O3A GDP M . 39.40 21.87 40.85
PA GDP M . 40.98 22.11 40.58
O1A GDP M . 41.10 22.93 39.32
O2A GDP M . 41.60 22.60 41.85
O5' GDP M . 41.38 20.59 40.28
C5' GDP M . 41.08 19.51 41.14
C4' GDP M . 42.23 18.51 41.07
O4' GDP M . 42.12 17.83 39.82
C3' GDP M . 43.63 19.13 41.04
O3' GDP M . 44.55 18.17 41.61
C2' GDP M . 43.93 19.28 39.54
O2' GDP M . 45.33 19.29 39.27
C1' GDP M . 43.29 18.02 39.01
N9 GDP M . 42.87 18.04 37.59
C8 GDP M . 42.09 18.92 36.95
N7 GDP M . 41.91 18.57 35.64
C5 GDP M . 42.57 17.41 35.48
C6 GDP M . 42.84 16.44 34.39
O6 GDP M . 42.35 16.65 33.26
N1 GDP M . 43.60 15.36 34.64
C2 GDP M . 44.13 15.13 35.84
N2 GDP M . 44.92 14.03 36.06
N3 GDP M . 43.92 15.97 36.87
C4 GDP M . 43.20 17.07 36.76
MG MG N . 39.16 25.90 41.92
AL ALF O . 36.79 24.13 43.44
F1 ALF O . 35.37 23.07 43.44
F2 ALF O . 37.44 23.23 44.84
F3 ALF O . 38.17 25.25 43.49
F4 ALF O . 36.13 24.97 42.02
PB GDP P . -23.02 -11.71 16.53
O1B GDP P . -22.44 -11.89 15.14
O2B GDP P . -21.95 -11.62 17.57
O3B GDP P . -24.04 -12.75 16.89
O3A GDP P . -23.71 -10.26 16.52
PA GDP P . -25.12 -9.70 17.05
O1A GDP P . -26.23 -10.29 16.27
O2A GDP P . -25.02 -9.84 18.52
O5' GDP P . -24.97 -8.16 16.61
C5' GDP P . -24.16 -7.23 17.38
C4' GDP P . -24.77 -5.84 17.29
O4' GDP P . -24.90 -5.45 15.90
C3' GDP P . -26.19 -5.74 17.90
O3' GDP P . -26.34 -4.44 18.50
C2' GDP P . -27.06 -5.77 16.64
O2' GDP P . -28.36 -5.22 16.82
C1' GDP P . -26.22 -5.00 15.66
N9 GDP P . -26.62 -5.24 14.26
C8 GDP P . -26.72 -6.40 13.61
N7 GDP P . -27.13 -6.19 12.33
C5 GDP P . -27.30 -4.89 12.17
C6 GDP P . -27.73 -3.97 11.09
O6 GDP P . -28.03 -4.44 9.96
N1 GDP P . -27.78 -2.65 11.33
C2 GDP P . -27.44 -2.14 12.54
N2 GDP P . -27.49 -0.80 12.76
N3 GDP P . -27.05 -2.92 13.55
C4 GDP P . -26.96 -4.25 13.44
MG MG Q . -24.54 -13.92 18.37
AL ALF R . -21.22 -13.08 18.62
F1 ALF R . -19.59 -12.59 18.15
F2 ALF R . -21.07 -11.99 20.01
F3 ALF R . -22.87 -13.54 19.12
F4 ALF R . -21.34 -14.28 17.30
P 5GP S . -10.53 -23.16 26.31
O1P 5GP S . -10.60 -22.47 27.65
O2P 5GP S . -9.78 -22.52 25.18
O3P 5GP S . -10.04 -24.56 26.56
O5' 5GP S . -12.02 -23.52 25.78
C5' 5GP S . -12.19 -24.31 24.61
C4' 5GP S . -13.58 -24.19 24.01
O4' 5GP S . -14.27 -23.02 24.50
C3' 5GP S . -13.44 -24.02 22.51
O3' 5GP S . -13.57 -25.27 21.82
C2' 5GP S . -14.51 -23.01 22.14
O2' 5GP S . -15.74 -23.68 21.82
C1' 5GP S . -14.73 -22.21 23.41
N9 5GP S . -13.93 -20.95 23.28
C8 5GP S . -12.83 -20.63 23.99
N7 5GP S . -12.35 -19.41 23.62
C5 5GP S . -13.16 -18.93 22.67
C6 5GP S . -13.24 -17.67 21.85
O6 5GP S . -12.41 -16.76 21.96
N1 5GP S . -14.26 -17.58 20.95
C2 5GP S . -15.18 -18.56 20.81
N2 5GP S . -16.16 -18.41 19.90
N3 5GP S . -15.16 -19.71 21.53
C4 5GP S . -14.20 -19.94 22.44
PB GDP T . -10.91 -1.32 -56.58
O1B GDP T . -12.41 -1.39 -56.69
O2B GDP T . -10.49 -0.77 -55.26
O3B GDP T . -10.33 -0.51 -57.70
O3A GDP T . -10.34 -2.82 -56.69
PA GDP T . -9.10 -3.39 -57.55
O1A GDP T . -9.36 -3.17 -59.01
O2A GDP T . -7.86 -2.84 -56.92
O5' GDP T . -9.22 -4.96 -57.28
C5' GDP T . -9.03 -5.52 -55.97
C4' GDP T . -8.51 -6.96 -56.10
O4' GDP T . -9.52 -7.82 -56.70
C3' GDP T . -7.29 -7.03 -57.03
O3' GDP T . -6.41 -8.01 -56.47
C2' GDP T . -7.82 -7.59 -58.34
O2' GDP T . -6.85 -8.35 -59.09
C1' GDP T . -9.03 -8.42 -57.88
N9 GDP T . -10.03 -8.62 -58.96
C8 GDP T . -10.69 -7.73 -59.73
N7 GDP T . -11.49 -8.37 -60.63
C5 GDP T . -11.35 -9.69 -60.44
C6 GDP T . -11.88 -10.97 -61.01
O6 GDP T . -12.71 -10.98 -61.95
N1 GDP T . -11.44 -12.11 -60.48
C2 GDP T . -10.55 -12.16 -59.47
N2 GDP T . -10.14 -13.34 -58.94
N3 GDP T . -10.05 -11.05 -58.93
C4 GDP T . -10.39 -9.84 -59.35
MG MG U . -8.93 1.04 -57.64
AL ALF V . -10.24 0.85 -54.40
F1 ALF V . -11.43 0.53 -53.11
F2 ALF V . -8.99 0.09 -53.38
F3 ALF V . -9.06 1.18 -55.69
F4 ALF V . -11.49 1.57 -55.44
P 5GP W . -10.98 14.09 -44.41
O1P 5GP W . -11.85 13.30 -43.49
O2P 5GP W . -10.65 15.54 -44.12
O3P 5GP W . -9.67 13.37 -44.57
O5' 5GP W . -11.56 14.00 -45.91
C5' 5GP W . -11.07 14.86 -46.94
C4' 5GP W . -11.15 14.16 -48.30
O4' 5GP W . -10.32 12.99 -48.28
C3' 5GP W . -12.56 13.62 -48.60
O3' 5GP W . -13.43 14.55 -49.26
C2' 5GP W . -12.28 12.41 -49.47
O2' 5GP W . -12.03 12.77 -50.83
C1' 5GP W . -10.96 11.88 -48.92
N9 5GP W . -11.29 10.78 -47.98
C8 5GP W . -11.23 10.84 -46.63
N7 5GP W . -11.60 9.65 -46.09
C5 5GP W . -11.92 8.81 -47.09
C6 5GP W . -12.38 7.39 -47.22
O6 5GP W . -12.58 6.66 -46.23
N1 5GP W . -12.59 6.92 -48.45
C2 5GP W . -12.38 7.67 -49.56
N2 5GP W . -12.62 7.14 -50.76
N3 5GP W . -11.96 8.95 -49.52
C4 5GP W . -11.72 9.56 -48.34
PB GDP X . 42.08 17.09 47.22
O1B GDP X . 41.62 15.67 47.43
O2B GDP X . 42.69 17.37 45.87
O3B GDP X . 43.00 17.54 48.31
O3A GDP X . 40.72 17.95 47.25
PA GDP X . 40.31 19.24 48.12
O1A GDP X . 40.48 18.89 49.56
O2A GDP X . 41.03 20.40 47.53
O5' GDP X . 38.74 19.31 47.79
C5' GDP X . 38.26 19.72 46.51
C4' GDP X . 36.94 20.43 46.73
O4' GDP X . 35.96 19.54 47.31
C3' GDP X . 37.11 21.60 47.68
O3' GDP X . 36.33 22.66 47.11
C2' GDP X . 36.46 21.13 49.00
O2' GDP X . 35.84 22.21 49.71
C1' GDP X . 35.41 20.16 48.48
N9 GDP X . 34.95 19.17 49.47
C8 GDP X . 35.67 18.30 50.17
N7 GDP X . 34.88 17.55 50.96
C5 GDP X . 33.62 17.94 50.77
C6 GDP X . 32.29 17.57 51.31
O6 GDP X . 32.17 16.66 52.16
N1 GDP X . 31.22 18.25 50.85
C2 GDP X . 31.34 19.22 49.93
N2 GDP X . 30.23 19.85 49.48
N3 GDP X . 32.52 19.59 49.41
C4 GDP X . 33.66 19.01 49.79
MG MG Y . 44.80 18.57 48.39
AL ALF Z . 44.39 17.48 45.13
F1 ALF Z . 43.94 16.38 43.84
F2 ALF Z . 44.03 18.87 44.10
F3 ALF Z . 44.87 18.59 46.44
F4 ALF Z . 44.82 16.09 46.16
P 5GP AA . 57.52 14.70 35.77
O1P 5GP AA . 57.11 15.94 35.03
O2P 5GP AA . 56.71 13.45 35.61
O3P 5GP AA . 58.98 14.46 35.48
O5' 5GP AA . 57.64 15.05 37.33
C5' 5GP AA . 58.37 14.25 38.25
C4' 5GP AA . 57.72 14.45 39.61
O4' 5GP AA . 56.65 15.40 39.47
C3' 5GP AA . 57.08 13.14 40.06
O3' 5GP AA . 57.96 12.40 40.92
C2' 5GP AA . 55.78 13.55 40.73
O2' 5GP AA . 56.01 13.84 42.13
C1' 5GP AA . 55.45 14.90 40.08
N9 5GP AA . 54.30 14.80 39.14
C8 5GP AA . 54.36 14.96 37.81
N7 5GP AA . 53.14 14.83 37.24
C5 5GP AA . 52.25 14.60 38.23
C6 5GP AA . 50.78 14.38 38.33
O6 5GP AA . 50.01 14.38 37.34
N1 5GP AA . 50.27 14.19 39.56
C2 5GP AA . 51.03 14.18 40.68
N2 5GP AA . 50.42 13.95 41.86
N3 5GP AA . 52.38 14.37 40.65
C4 5GP AA . 53.02 14.59 39.48
#